data_4X0P
#
_entry.id   4X0P
#
_cell.length_a   126.921
_cell.length_b   136.971
_cell.length_c   247.991
_cell.angle_alpha   90.00
_cell.angle_beta   90.00
_cell.angle_gamma   90.00
#
_symmetry.space_group_name_H-M   'P 21 21 21'
#
loop_
_entity.id
_entity.type
_entity.pdbx_description
1 polymer 'DNA polymerase theta'
2 polymer "DNA (5'-D(P*CP*GP*GP*CP*TP*GP*TP*CP*AP*TP*TP*C)-3')"
3 polymer "DNA (5'-D(*CP*GP*TP*TP*GP*AP*AP*TP*GP*AP*CP*AP*GP*CP*CP*GP*CP*G)-3')"
4 non-polymer GLYCEROL
5 non-polymer 'CALCIUM ION'
6 non-polymer "2',3'-dideoxyadenosine triphosphate"
#
loop_
_entity_poly.entity_id
_entity_poly.type
_entity_poly.pdbx_seq_one_letter_code
_entity_poly.pdbx_strand_id
1 'polypeptide(L)'
;GFKDNSPISDTSFSLQLSQDGLQLTPASSSSESLSIIDVASDQNLFQTFIKEWRCKKRFSISLACEKIRSLTSSKTATIG
SRFKQASSPQEIPIRDDGFPIKGCDDTLVVGLAVCWGGRDAYYFSLQKEQKHSEISASLVPPSLDPSLTLKDRMWYLQSC
LRKESDKECSVVIYDFIQSYKILLLSCGISLEQSYEDPKVACWLLDPDSQEPTLHSIVTSFLPHELPLLEGMETSQGIQS
LGLNAGSEHSGRYRASVESILIFNSMNQLNSLLQKENLQDVFRKVEMPSQYCLALLELNGIGFSTAECESQKHIMQAKLD
AIETQAYQLAGHSFSFTSSDDIAEVLFLELKLPPNREMKNQGSKKTLGSTRRGIDNGRKLRLGRQFSTSKDVLNKLKALH
PLPGLILEWRRITNAITKVVFPLQREKCLNPFLGMERIYPVSQSHTATGRITFTEPNIQNVPRDFEIKMPTLVGESPPSQ
AVGKGLLPMGRGKYKKGFSVNPRCQAQMEERAADRGMPFSISMRHAFVPFPGGSILAADYSQLELRILAHLSHDRRLIQV
LNTGADVFRSIAAEWKMIEPESVGDDLRQQAKQICYGIIYGMGAKSLGEQMGIKENDAACYIDSFKSRYTGINQFMTETV
KNCKRDGFVQTILGRRRYLPGIKDNNPYRKAHAERQAINTIVQGSAADIVKIATVNIQKQLETFHSTFKSHGHREGMLQS
DQTGLSRKRKLQGMFCPIRGGFFILQLHDELLYEVAEEDVVQVAQIVKNEMESAVKLSVKLKVKVKIGASWGELKDFDV
;
A,B,C,D
2 'polydeoxyribonucleotide' (DG)(DC)(DG)(DG)(DC)(DT)(DG)(DT)(DC)(DA)(DT)(DT)(DC) F,H,J,L
3 'polydeoxyribonucleotide' (DC)(DG)(DT)(DT)(DG)(DA)(DA)(DT)(DG)(DA)(DC)(DA)(DG)(DC)(DC)(DG)(DC)(DG) E,G,I,K
#
# COMPACT_ATOMS: atom_id res chain seq x y z
N SER A 33 -67.62 -20.99 33.10
CA SER A 33 -67.40 -19.61 33.48
C SER A 33 -66.09 -19.40 34.25
N LEU A 34 -65.93 -20.16 35.34
CA LEU A 34 -64.74 -20.07 36.20
C LEU A 34 -64.32 -21.40 36.83
N SER A 35 -63.02 -21.69 36.85
CA SER A 35 -62.41 -22.51 37.92
C SER A 35 -60.98 -22.03 38.30
N ILE A 36 -60.80 -21.51 39.52
CA ILE A 36 -59.47 -21.24 40.10
C ILE A 36 -59.41 -21.47 41.61
N ILE A 37 -58.20 -21.54 42.17
CA ILE A 37 -58.03 -21.68 43.61
C ILE A 37 -56.97 -20.79 44.27
N ASP A 38 -57.40 -19.92 45.18
CA ASP A 38 -56.46 -19.33 46.13
C ASP A 38 -55.99 -20.43 47.03
N VAL A 39 -54.68 -20.63 47.20
CA VAL A 39 -54.38 -21.60 48.21
C VAL A 39 -54.03 -20.82 49.46
N ALA A 40 -55.09 -20.45 50.16
CA ALA A 40 -55.09 -20.10 51.56
C ALA A 40 -56.48 -20.44 52.08
N SER A 41 -56.58 -21.43 52.94
CA SER A 41 -57.67 -21.45 53.88
C SER A 41 -57.07 -21.93 55.17
N ASP A 42 -56.87 -21.03 56.13
CA ASP A 42 -56.31 -21.43 57.41
C ASP A 42 -55.09 -22.31 57.08
N GLN A 43 -55.22 -23.61 57.35
CA GLN A 43 -54.21 -24.58 56.95
C GLN A 43 -54.68 -25.66 55.96
N ASN A 44 -55.61 -26.51 56.38
CA ASN A 44 -55.83 -27.83 55.76
C ASN A 44 -55.86 -27.84 54.24
N LEU A 45 -56.43 -26.79 53.66
CA LEU A 45 -56.51 -26.62 52.22
C LEU A 45 -55.11 -26.59 51.60
N PHE A 46 -54.30 -25.66 52.10
CA PHE A 46 -52.90 -25.54 51.68
C PHE A 46 -52.13 -26.83 51.91
N GLN A 47 -52.50 -27.56 52.96
CA GLN A 47 -51.78 -28.76 53.33
C GLN A 47 -52.01 -29.92 52.40
N THR A 48 -53.27 -30.22 52.09
CA THR A 48 -53.54 -31.29 51.15
C THR A 48 -53.00 -30.82 49.79
N PHE A 49 -52.95 -29.50 49.60
CA PHE A 49 -52.32 -28.92 48.41
C PHE A 49 -50.87 -29.37 48.25
N ILE A 50 -50.00 -29.05 49.21
CA ILE A 50 -48.60 -29.48 49.10
C ILE A 50 -48.48 -30.99 49.15
N LYS A 51 -49.44 -31.63 49.81
CA LYS A 51 -49.41 -33.08 49.96
C LYS A 51 -49.55 -33.77 48.60
N GLU A 52 -50.48 -33.26 47.79
CA GLU A 52 -50.62 -33.69 46.41
C GLU A 52 -49.39 -33.31 45.63
N TRP A 53 -49.06 -32.02 45.74
CA TRP A 53 -48.05 -31.35 44.94
C TRP A 53 -46.74 -32.10 44.95
N ARG A 54 -46.28 -32.44 46.16
CA ARG A 54 -44.98 -33.08 46.37
C ARG A 54 -44.87 -34.39 45.60
N CYS A 55 -45.99 -35.06 45.43
CA CYS A 55 -46.01 -36.36 44.78
C CYS A 55 -45.83 -36.27 43.26
N LYS A 56 -46.29 -35.18 42.65
CA LYS A 56 -46.41 -35.08 41.18
C LYS A 56 -45.08 -34.95 40.43
N LYS A 57 -45.03 -35.57 39.25
CA LYS A 57 -43.86 -35.53 38.37
C LYS A 57 -43.84 -34.29 37.47
N ARG A 58 -44.71 -34.30 36.47
CA ARG A 58 -44.83 -33.19 35.55
C ARG A 58 -45.70 -32.08 36.15
N PHE A 59 -45.24 -30.82 36.10
CA PHE A 59 -46.07 -29.72 36.57
C PHE A 59 -45.68 -28.37 35.95
N SER A 60 -46.60 -27.40 36.00
CA SER A 60 -46.40 -26.11 35.33
C SER A 60 -46.46 -24.91 36.30
N ILE A 61 -45.72 -23.84 35.96
CA ILE A 61 -45.52 -22.69 36.84
C ILE A 61 -45.55 -21.35 36.08
N SER A 62 -46.21 -20.34 36.66
CA SER A 62 -46.08 -18.98 36.13
C SER A 62 -46.33 -17.91 37.19
N LEU A 63 -45.68 -16.76 37.02
CA LEU A 63 -45.87 -15.66 37.96
C LEU A 63 -46.45 -14.47 37.21
N ALA A 64 -46.72 -13.39 37.94
CA ALA A 64 -47.28 -12.17 37.38
C ALA A 64 -46.69 -10.97 38.10
N CYS A 65 -46.88 -9.77 37.57
CA CYS A 65 -46.42 -8.60 38.29
C CYS A 65 -47.44 -7.46 38.26
N GLU A 66 -47.04 -6.30 38.79
CA GLU A 66 -47.90 -5.12 38.80
C GLU A 66 -47.22 -3.85 38.26
N LYS A 67 -46.16 -3.40 38.93
CA LYS A 67 -45.53 -2.12 38.60
C LYS A 67 -44.05 -2.12 38.94
N ILE A 68 -43.48 -0.91 39.03
CA ILE A 68 -42.14 -0.65 39.59
C ILE A 68 -40.92 -1.31 38.92
N ARG A 69 -40.39 -0.67 37.89
CA ARG A 69 -39.17 -1.16 37.27
C ARG A 69 -38.25 -0.02 36.85
N ASP A 105 -34.49 -3.97 37.75
CA ASP A 105 -35.08 -5.09 38.50
C ASP A 105 -36.34 -4.70 39.26
N ASP A 106 -37.04 -5.71 39.78
CA ASP A 106 -38.17 -5.50 40.67
C ASP A 106 -38.37 -6.65 41.63
N THR A 107 -38.72 -6.33 42.88
CA THR A 107 -39.12 -7.34 43.84
C THR A 107 -40.62 -7.42 43.99
N LEU A 108 -41.34 -6.55 43.29
CA LEU A 108 -42.79 -6.53 43.45
C LEU A 108 -43.42 -7.45 42.42
N VAL A 109 -43.90 -8.58 42.93
CA VAL A 109 -44.44 -9.69 42.18
C VAL A 109 -45.64 -10.16 42.98
N VAL A 110 -46.81 -10.25 42.36
CA VAL A 110 -48.01 -10.65 43.09
C VAL A 110 -47.86 -12.01 43.74
N GLY A 111 -47.69 -13.05 42.95
CA GLY A 111 -47.59 -14.37 43.49
C GLY A 111 -47.41 -15.40 42.40
N LEU A 112 -46.91 -16.57 42.79
CA LEU A 112 -46.70 -17.65 41.85
C LEU A 112 -48.02 -18.36 41.61
N ALA A 113 -48.10 -19.10 40.51
CA ALA A 113 -49.25 -19.96 40.22
C ALA A 113 -48.77 -21.27 39.58
N VAL A 114 -49.49 -22.35 39.83
CA VAL A 114 -49.11 -23.69 39.42
C VAL A 114 -50.29 -24.50 38.88
N CYS A 115 -50.06 -25.26 37.81
CA CYS A 115 -51.08 -26.23 37.37
C CYS A 115 -50.44 -27.49 36.79
N TRP A 116 -50.88 -28.67 37.25
CA TRP A 116 -50.44 -29.92 36.63
C TRP A 116 -51.47 -30.55 35.68
N GLY A 117 -52.61 -29.90 35.48
CA GLY A 117 -53.54 -30.33 34.44
C GLY A 117 -54.99 -29.95 34.64
N GLY A 118 -55.80 -30.14 33.59
CA GLY A 118 -57.22 -29.88 33.66
C GLY A 118 -57.61 -28.41 33.65
N ARG A 119 -58.89 -28.13 33.44
CA ARG A 119 -59.41 -26.77 33.46
C ARG A 119 -59.12 -26.07 34.82
N ASP A 120 -58.86 -26.87 35.86
CA ASP A 120 -58.52 -26.37 37.21
C ASP A 120 -57.11 -25.77 37.29
N ALA A 121 -56.88 -24.83 38.21
CA ALA A 121 -55.53 -24.27 38.44
C ALA A 121 -55.31 -23.76 39.87
N TYR A 122 -54.06 -23.83 40.36
CA TYR A 122 -53.74 -23.43 41.75
C TYR A 122 -52.95 -22.13 41.83
N TYR A 123 -53.31 -21.25 42.75
CA TYR A 123 -52.55 -20.00 42.91
C TYR A 123 -51.87 -19.92 44.27
N PHE A 124 -50.68 -19.34 44.28
CA PHE A 124 -49.83 -19.23 45.45
C PHE A 124 -49.56 -17.75 45.70
N SER A 125 -50.27 -17.20 46.69
CA SER A 125 -50.26 -15.77 46.94
C SER A 125 -49.07 -15.36 47.77
N LEU A 126 -48.69 -14.09 47.68
CA LEU A 126 -47.64 -13.53 48.51
C LEU A 126 -48.03 -12.17 49.07
N LEU A 144 -61.03 -16.08 50.30
CA LEU A 144 -60.50 -14.89 49.64
C LEU A 144 -59.04 -14.64 49.96
N ASP A 145 -58.81 -13.84 51.00
CA ASP A 145 -57.48 -13.45 51.44
C ASP A 145 -57.32 -13.75 52.93
N PRO A 146 -57.29 -15.04 53.29
CA PRO A 146 -57.21 -15.46 54.68
C PRO A 146 -55.77 -15.57 55.15
N SER A 147 -55.59 -15.93 56.43
CA SER A 147 -54.24 -16.05 56.96
C SER A 147 -54.00 -17.10 58.04
N LEU A 148 -52.87 -17.76 57.93
CA LEU A 148 -52.19 -18.30 59.11
C LEU A 148 -50.69 -18.02 59.03
N THR A 149 -50.07 -18.70 58.06
CA THR A 149 -48.64 -18.72 57.79
C THR A 149 -48.08 -17.49 57.03
N LEU A 150 -46.77 -17.23 57.17
CA LEU A 150 -46.15 -16.13 56.42
C LEU A 150 -44.85 -16.46 55.65
N LYS A 151 -43.73 -16.64 56.36
CA LYS A 151 -42.45 -16.99 55.71
C LYS A 151 -42.54 -18.47 55.35
N ASP A 152 -43.43 -19.14 56.09
CA ASP A 152 -43.65 -20.57 56.02
C ASP A 152 -43.92 -21.00 54.57
N ARG A 153 -44.89 -20.34 53.94
CA ARG A 153 -45.32 -20.72 52.59
C ARG A 153 -44.14 -20.69 51.63
N MET A 154 -43.29 -19.69 51.78
CA MET A 154 -42.16 -19.48 50.90
C MET A 154 -41.18 -20.62 51.10
N TRP A 155 -41.05 -21.03 52.36
CA TRP A 155 -40.23 -22.19 52.62
C TRP A 155 -40.80 -23.43 51.92
N TYR A 156 -42.11 -23.64 52.04
CA TYR A 156 -42.75 -24.78 51.39
C TYR A 156 -42.49 -24.79 49.89
N LEU A 157 -42.64 -23.62 49.26
CA LEU A 157 -42.39 -23.48 47.84
C LEU A 157 -40.96 -23.90 47.54
N GLN A 158 -39.99 -23.40 48.31
CA GLN A 158 -38.61 -23.83 48.13
C GLN A 158 -38.47 -25.35 48.17
N SER A 159 -38.96 -25.96 49.25
CA SER A 159 -38.84 -27.41 49.44
C SER A 159 -39.45 -28.17 48.27
N CYS A 160 -40.54 -27.63 47.74
CA CYS A 160 -41.26 -28.25 46.64
C CYS A 160 -40.48 -28.13 45.34
N LEU A 161 -39.79 -27.02 45.16
CA LEU A 161 -39.23 -26.72 43.85
C LEU A 161 -37.84 -27.31 43.58
N ARG A 162 -37.23 -28.00 44.53
CA ARG A 162 -35.96 -28.62 44.18
C ARG A 162 -35.77 -30.06 44.60
N LYS A 163 -35.80 -30.99 43.65
CA LYS A 163 -34.83 -32.08 43.56
C LYS A 163 -34.17 -32.41 44.89
N GLU A 164 -34.90 -32.93 45.87
CA GLU A 164 -34.27 -33.32 47.14
C GLU A 164 -33.03 -34.15 46.86
N SER A 165 -33.27 -35.29 46.21
CA SER A 165 -32.24 -36.19 45.72
C SER A 165 -33.03 -37.25 45.01
N ASP A 166 -32.46 -37.91 44.02
CA ASP A 166 -33.02 -39.15 43.47
C ASP A 166 -34.44 -38.96 42.92
N LYS A 167 -35.03 -37.81 43.22
CA LYS A 167 -36.41 -37.53 42.87
C LYS A 167 -36.37 -36.52 41.76
N GLU A 168 -36.77 -36.98 40.59
CA GLU A 168 -36.50 -36.31 39.35
C GLU A 168 -37.82 -35.96 38.72
N CYS A 169 -38.14 -34.68 38.79
CA CYS A 169 -39.38 -34.17 38.23
C CYS A 169 -39.01 -32.98 37.37
N SER A 170 -39.91 -32.61 36.47
CA SER A 170 -39.60 -31.57 35.51
C SER A 170 -40.62 -30.44 35.62
N VAL A 171 -40.28 -29.28 35.08
CA VAL A 171 -41.09 -28.09 35.28
C VAL A 171 -41.06 -27.15 34.06
N VAL A 172 -42.19 -26.51 33.75
CA VAL A 172 -42.34 -25.75 32.50
C VAL A 172 -42.80 -24.27 32.64
N ILE A 173 -42.22 -23.38 31.82
CA ILE A 173 -42.56 -21.94 31.80
C ILE A 173 -42.45 -21.41 30.34
N TYR A 174 -43.19 -20.36 29.96
CA TYR A 174 -43.22 -19.89 28.55
C TYR A 174 -41.82 -19.62 28.05
N ASP A 175 -41.23 -18.55 28.54
CA ASP A 175 -39.82 -18.43 28.33
C ASP A 175 -39.26 -18.87 29.66
N PHE A 176 -37.95 -18.82 29.80
CA PHE A 176 -37.33 -19.50 30.92
C PHE A 176 -36.44 -18.57 31.69
N ILE A 177 -35.38 -18.15 31.02
CA ILE A 177 -34.25 -17.52 31.68
C ILE A 177 -34.70 -16.36 32.55
N GLN A 178 -35.75 -15.63 32.14
CA GLN A 178 -36.16 -14.48 32.94
C GLN A 178 -37.03 -14.89 34.13
N SER A 179 -37.81 -15.96 34.01
CA SER A 179 -38.61 -16.41 35.16
C SER A 179 -37.66 -16.89 36.27
N TYR A 180 -36.63 -17.63 35.87
CA TYR A 180 -35.58 -18.05 36.79
C TYR A 180 -34.81 -16.81 37.28
N LYS A 181 -34.63 -15.83 36.39
CA LYS A 181 -34.06 -14.54 36.79
C LYS A 181 -34.81 -13.94 37.97
N ILE A 182 -36.14 -14.00 37.92
CA ILE A 182 -36.95 -13.44 38.98
C ILE A 182 -36.93 -14.29 40.25
N LEU A 183 -37.14 -15.59 40.10
CA LEU A 183 -37.16 -16.49 41.25
C LEU A 183 -35.86 -16.40 42.03
N LEU A 184 -34.76 -16.27 41.31
CA LEU A 184 -33.49 -16.09 41.99
C LEU A 184 -33.36 -14.67 42.55
N LEU A 185 -33.57 -13.68 41.68
CA LEU A 185 -33.29 -12.29 42.06
C LEU A 185 -34.38 -11.62 42.89
N SER A 186 -35.65 -11.81 42.53
CA SER A 186 -36.68 -11.11 43.29
C SER A 186 -36.92 -11.75 44.66
N CYS A 187 -37.26 -13.04 44.70
CA CYS A 187 -37.53 -13.66 45.99
C CYS A 187 -36.49 -14.66 46.54
N GLY A 188 -35.41 -14.96 45.81
CA GLY A 188 -34.34 -15.76 46.40
C GLY A 188 -34.56 -17.26 46.52
N ILE A 189 -35.28 -17.83 45.56
CA ILE A 189 -35.36 -19.29 45.45
C ILE A 189 -34.57 -19.79 44.23
N SER A 190 -33.54 -20.59 44.46
CA SER A 190 -32.81 -21.10 43.32
C SER A 190 -33.53 -22.35 42.94
N LEU A 191 -34.25 -22.26 41.83
CA LEU A 191 -34.97 -23.41 41.33
C LEU A 191 -33.95 -24.38 40.79
N GLU A 192 -33.93 -25.60 41.31
CA GLU A 192 -33.15 -26.61 40.63
C GLU A 192 -33.87 -27.93 40.49
N GLN A 193 -34.16 -28.25 39.24
CA GLN A 193 -34.76 -29.52 38.82
C GLN A 193 -34.63 -29.65 37.31
N SER A 194 -35.26 -30.68 36.76
CA SER A 194 -35.33 -30.85 35.33
C SER A 194 -36.25 -29.77 34.76
N TYR A 195 -35.88 -29.26 33.57
CA TYR A 195 -36.60 -28.13 32.99
C TYR A 195 -37.11 -28.41 31.59
N GLU A 196 -38.27 -27.84 31.28
CA GLU A 196 -38.82 -27.89 29.92
C GLU A 196 -39.34 -26.51 29.52
N ASP A 197 -38.76 -25.93 28.48
CA ASP A 197 -39.20 -24.62 28.01
C ASP A 197 -39.79 -24.77 26.61
N PRO A 198 -41.11 -24.58 26.48
CA PRO A 198 -41.90 -24.84 25.27
C PRO A 198 -41.55 -23.99 24.05
N LYS A 199 -41.25 -22.70 24.22
CA LYS A 199 -40.97 -21.86 23.05
C LYS A 199 -39.69 -22.38 22.39
N VAL A 200 -38.83 -23.00 23.21
CA VAL A 200 -37.65 -23.68 22.72
C VAL A 200 -37.98 -24.96 21.95
N ALA A 201 -38.99 -25.71 22.39
CA ALA A 201 -39.42 -26.89 21.64
C ALA A 201 -39.97 -26.47 20.28
N CYS A 202 -40.85 -25.47 20.33
CA CYS A 202 -41.47 -24.86 19.17
C CYS A 202 -40.39 -24.42 18.17
N TRP A 203 -39.34 -23.81 18.69
CA TRP A 203 -38.19 -23.44 17.87
C TRP A 203 -37.46 -24.65 17.32
N LEU A 204 -37.34 -25.69 18.14
CA LEU A 204 -36.55 -26.87 17.80
C LEU A 204 -37.20 -27.53 16.60
N LEU A 205 -38.51 -27.31 16.49
CA LEU A 205 -39.25 -27.73 15.32
C LEU A 205 -38.88 -26.85 14.12
N ASP A 206 -38.95 -25.53 14.29
CA ASP A 206 -38.80 -24.61 13.16
C ASP A 206 -37.82 -23.46 13.43
N PRO A 207 -36.52 -23.72 13.19
CA PRO A 207 -35.49 -22.69 13.39
C PRO A 207 -35.74 -21.40 12.60
N ASP A 208 -36.47 -21.49 11.48
CA ASP A 208 -36.80 -20.32 10.69
C ASP A 208 -38.05 -19.59 11.17
N SER A 209 -38.80 -20.20 12.08
CA SER A 209 -40.01 -19.57 12.63
C SER A 209 -39.75 -18.24 13.30
N GLN A 210 -40.75 -17.36 13.31
CA GLN A 210 -40.58 -16.08 13.97
C GLN A 210 -41.08 -16.16 15.41
N GLU A 211 -40.14 -16.18 16.35
CA GLU A 211 -40.35 -15.78 17.75
C GLU A 211 -41.72 -16.13 18.32
N PRO A 212 -41.95 -17.42 18.65
CA PRO A 212 -43.28 -17.91 19.05
C PRO A 212 -43.88 -17.07 20.16
N THR A 213 -45.20 -16.95 20.14
CA THR A 213 -45.89 -16.22 21.17
C THR A 213 -47.00 -17.09 21.68
N LEU A 214 -47.56 -16.72 22.83
CA LEU A 214 -48.57 -17.51 23.50
C LEU A 214 -49.76 -17.79 22.60
N HIS A 215 -50.35 -16.71 22.09
CA HIS A 215 -51.53 -16.80 21.25
C HIS A 215 -51.23 -17.66 20.03
N SER A 216 -50.03 -17.47 19.48
CA SER A 216 -49.59 -18.27 18.34
C SER A 216 -49.53 -19.76 18.67
N ILE A 217 -49.03 -20.08 19.86
CA ILE A 217 -48.87 -21.48 20.27
C ILE A 217 -50.20 -22.15 20.59
N VAL A 218 -51.00 -21.53 21.44
CA VAL A 218 -52.32 -22.06 21.77
C VAL A 218 -53.16 -22.16 20.48
N THR A 219 -52.87 -21.29 19.51
CA THR A 219 -53.49 -21.37 18.18
C THR A 219 -53.03 -22.61 17.44
N SER A 220 -51.71 -22.81 17.41
CA SER A 220 -51.13 -23.85 16.57
C SER A 220 -51.22 -25.20 17.27
N PHE A 221 -51.55 -25.16 18.57
CA PHE A 221 -51.41 -26.34 19.43
C PHE A 221 -52.64 -26.67 20.29
N LEU A 222 -53.15 -25.73 21.07
CA LEU A 222 -54.29 -26.02 21.95
C LEU A 222 -55.58 -25.27 21.55
N PRO A 223 -56.26 -25.74 20.48
CA PRO A 223 -57.41 -25.04 19.91
C PRO A 223 -58.65 -24.92 20.81
N HIS A 224 -59.15 -26.00 21.40
CA HIS A 224 -60.50 -25.94 21.97
C HIS A 224 -60.51 -25.05 23.21
N GLU A 225 -59.32 -24.85 23.79
CA GLU A 225 -59.16 -23.97 24.93
C GLU A 225 -58.87 -22.51 24.57
N LEU A 226 -58.54 -22.23 23.31
CA LEU A 226 -57.96 -20.94 22.92
C LEU A 226 -58.80 -19.66 23.17
N PRO A 227 -60.13 -19.66 22.90
CA PRO A 227 -60.82 -18.37 22.75
C PRO A 227 -60.69 -17.46 23.96
N LEU A 228 -60.57 -18.07 25.14
CA LEU A 228 -60.44 -17.34 26.39
C LEU A 228 -59.26 -16.37 26.38
N LEU A 229 -58.13 -16.83 25.87
CA LEU A 229 -56.92 -16.02 25.83
C LEU A 229 -57.19 -14.67 25.15
N GLU A 230 -58.17 -14.68 24.25
CA GLU A 230 -58.50 -13.52 23.45
C GLU A 230 -59.22 -12.41 24.22
N GLY A 231 -59.50 -12.63 25.50
CA GLY A 231 -60.02 -11.56 26.34
C GLY A 231 -58.99 -10.51 26.72
N MET A 232 -57.74 -10.76 26.35
CA MET A 232 -56.58 -10.02 26.88
C MET A 232 -55.84 -9.16 25.87
N GLU A 233 -55.36 -9.80 24.80
CA GLU A 233 -54.47 -9.19 23.80
C GLU A 233 -53.09 -8.81 24.34
N THR A 234 -52.32 -9.83 24.72
CA THR A 234 -50.87 -9.71 24.76
C THR A 234 -50.18 -11.02 24.39
N SER A 235 -49.28 -10.97 23.40
CA SER A 235 -48.27 -12.02 23.30
C SER A 235 -46.90 -11.51 22.83
N GLN A 236 -45.93 -11.45 23.74
CA GLN A 236 -44.52 -11.31 23.38
C GLN A 236 -43.66 -12.18 24.30
N GLY A 237 -43.62 -11.79 25.58
CA GLY A 237 -43.01 -12.55 26.66
C GLY A 237 -44.12 -13.18 27.47
N ILE A 238 -43.85 -13.53 28.73
CA ILE A 238 -44.87 -14.20 29.53
C ILE A 238 -46.00 -13.23 29.91
N GLN A 239 -46.92 -13.69 30.74
CA GLN A 239 -48.04 -12.87 31.17
C GLN A 239 -47.68 -11.86 32.27
N SER A 240 -46.53 -12.05 32.90
CA SER A 240 -46.05 -11.03 33.81
C SER A 240 -45.56 -9.84 33.00
N LEU A 241 -44.76 -10.12 31.97
CA LEU A 241 -44.21 -9.11 31.09
C LEU A 241 -45.28 -8.40 30.26
N GLY A 242 -46.41 -9.07 30.06
CA GLY A 242 -47.54 -8.51 29.34
C GLY A 242 -48.46 -7.76 30.27
N LEU A 243 -47.88 -7.27 31.36
CA LEU A 243 -48.64 -6.67 32.46
C LEU A 243 -49.59 -5.52 32.09
N ASN A 244 -49.31 -4.78 31.04
CA ASN A 244 -50.14 -3.63 30.67
C ASN A 244 -51.51 -3.95 30.06
N ALA A 245 -51.51 -4.72 28.99
CA ALA A 245 -52.77 -5.08 28.33
C ALA A 245 -53.52 -6.05 29.23
N GLY A 246 -52.77 -6.74 30.08
CA GLY A 246 -53.35 -7.57 31.12
C GLY A 246 -53.78 -6.77 32.33
N SER A 247 -53.31 -5.53 32.46
CA SER A 247 -53.58 -4.74 33.65
C SER A 247 -55.07 -4.57 33.95
N GLU A 248 -55.90 -4.58 32.91
CA GLU A 248 -57.34 -4.57 33.13
C GLU A 248 -57.79 -5.95 33.62
N HIS A 249 -57.08 -7.00 33.23
CA HIS A 249 -57.31 -8.35 33.78
C HIS A 249 -56.31 -8.80 34.86
N SER A 250 -55.32 -7.97 35.18
CA SER A 250 -54.13 -8.41 35.92
C SER A 250 -54.37 -8.99 37.29
N GLY A 251 -53.58 -10.00 37.64
CA GLY A 251 -53.65 -10.62 38.95
C GLY A 251 -53.27 -12.08 38.83
N ARG A 252 -53.83 -12.88 39.72
CA ARG A 252 -53.78 -14.34 39.62
C ARG A 252 -54.24 -14.84 38.25
N TYR A 253 -55.12 -14.09 37.59
CA TYR A 253 -55.74 -14.48 36.32
C TYR A 253 -54.66 -14.83 35.31
N ARG A 254 -53.72 -13.91 35.10
CA ARG A 254 -52.64 -14.08 34.14
C ARG A 254 -51.72 -15.27 34.46
N ALA A 255 -51.26 -15.35 35.71
CA ALA A 255 -50.33 -16.42 36.10
C ALA A 255 -50.98 -17.79 35.95
N SER A 256 -52.26 -17.88 36.29
CA SER A 256 -53.00 -19.12 36.19
C SER A 256 -53.24 -19.55 34.74
N VAL A 257 -53.77 -18.65 33.93
CA VAL A 257 -54.08 -19.02 32.56
C VAL A 257 -52.78 -19.39 31.84
N GLU A 258 -51.70 -18.66 32.12
CA GLU A 258 -50.43 -18.99 31.51
C GLU A 258 -50.02 -20.38 31.96
N SER A 259 -50.18 -20.67 33.24
CA SER A 259 -49.83 -21.97 33.80
C SER A 259 -50.50 -23.12 33.04
N ILE A 260 -51.83 -23.14 33.08
CA ILE A 260 -52.60 -24.25 32.48
C ILE A 260 -52.43 -24.40 30.95
N LEU A 261 -52.57 -23.28 30.22
CA LEU A 261 -52.37 -23.33 28.77
C LEU A 261 -51.01 -23.95 28.47
N ILE A 262 -49.99 -23.43 29.15
CA ILE A 262 -48.64 -23.95 29.00
C ILE A 262 -48.57 -25.44 29.31
N PHE A 263 -49.33 -25.91 30.29
CA PHE A 263 -49.20 -27.33 30.62
C PHE A 263 -49.80 -28.25 29.55
N ASN A 264 -51.07 -28.04 29.20
CA ASN A 264 -51.66 -28.91 28.17
C ASN A 264 -50.83 -28.84 26.89
N SER A 265 -50.47 -27.61 26.53
CA SER A 265 -49.69 -27.38 25.31
C SER A 265 -48.34 -28.08 25.34
N MET A 266 -47.56 -27.90 26.41
CA MET A 266 -46.22 -28.49 26.47
C MET A 266 -46.31 -30.01 26.48
N ASN A 267 -47.43 -30.52 26.99
CA ASN A 267 -47.67 -31.95 26.88
C ASN A 267 -47.78 -32.32 25.39
N GLN A 268 -48.56 -31.55 24.65
CA GLN A 268 -48.67 -31.76 23.21
C GLN A 268 -47.32 -31.64 22.48
N LEU A 269 -46.56 -30.60 22.77
CA LEU A 269 -45.28 -30.38 22.12
C LEU A 269 -44.36 -31.56 22.38
N ASN A 270 -44.29 -32.00 23.63
CA ASN A 270 -43.42 -33.12 23.97
C ASN A 270 -43.87 -34.37 23.23
N SER A 271 -45.19 -34.51 23.05
CA SER A 271 -45.73 -35.57 22.22
C SER A 271 -45.19 -35.48 20.79
N LEU A 272 -45.10 -34.27 20.27
CA LEU A 272 -44.60 -34.04 18.92
C LEU A 272 -43.11 -34.36 18.78
N LEU A 273 -42.32 -33.95 19.77
CA LEU A 273 -40.89 -34.16 19.74
C LEU A 273 -40.56 -35.65 19.87
N GLN A 274 -41.25 -36.35 20.75
CA GLN A 274 -41.05 -37.80 20.86
C GLN A 274 -41.58 -38.48 19.61
N LYS A 275 -42.49 -37.81 18.92
CA LYS A 275 -43.04 -38.33 17.67
C LYS A 275 -41.95 -38.32 16.61
N GLU A 276 -40.86 -37.62 16.90
CA GLU A 276 -39.62 -37.75 16.14
C GLU A 276 -38.58 -38.31 17.10
N ASN A 277 -37.36 -38.60 16.66
CA ASN A 277 -36.43 -39.01 17.70
C ASN A 277 -35.59 -37.78 18.00
N LEU A 278 -36.26 -36.81 18.64
CA LEU A 278 -35.64 -35.64 19.20
C LEU A 278 -35.65 -35.47 20.71
N GLN A 279 -36.40 -36.32 21.43
CA GLN A 279 -36.70 -36.00 22.82
C GLN A 279 -35.46 -36.06 23.69
N ASP A 280 -34.65 -37.10 23.49
CA ASP A 280 -33.37 -37.18 24.17
C ASP A 280 -32.58 -35.93 23.85
N VAL A 281 -32.66 -35.48 22.60
CA VAL A 281 -31.94 -34.29 22.14
C VAL A 281 -32.49 -33.01 22.74
N PHE A 282 -33.79 -32.98 23.04
CA PHE A 282 -34.40 -31.81 23.68
C PHE A 282 -34.07 -31.76 25.16
N ARG A 283 -34.63 -32.69 25.94
CA ARG A 283 -34.56 -32.61 27.40
C ARG A 283 -33.13 -32.78 27.88
N LYS A 284 -32.41 -33.70 27.28
CA LYS A 284 -31.08 -34.02 27.77
C LYS A 284 -29.97 -33.18 27.10
N VAL A 285 -30.31 -32.25 26.21
CA VAL A 285 -29.28 -31.32 25.68
C VAL A 285 -29.64 -29.82 25.68
N GLU A 286 -30.64 -29.39 24.90
CA GLU A 286 -30.76 -27.95 24.65
C GLU A 286 -31.41 -27.15 25.79
N MET A 287 -32.36 -27.75 26.50
CA MET A 287 -32.85 -27.10 27.70
C MET A 287 -31.69 -26.80 28.67
N PRO A 288 -30.81 -27.80 28.92
CA PRO A 288 -29.56 -27.52 29.65
C PRO A 288 -28.78 -26.34 29.07
N SER A 289 -28.80 -26.17 27.76
CA SER A 289 -28.14 -24.99 27.20
C SER A 289 -28.83 -23.75 27.74
N GLN A 290 -30.16 -23.70 27.65
CA GLN A 290 -30.90 -22.52 28.14
C GLN A 290 -30.52 -22.22 29.59
N TYR A 291 -30.37 -23.30 30.36
CA TYR A 291 -29.97 -23.20 31.75
C TYR A 291 -28.60 -22.52 31.92
N CYS A 292 -27.58 -23.08 31.27
CA CYS A 292 -26.21 -22.60 31.39
C CYS A 292 -26.16 -21.13 30.96
N LEU A 293 -26.83 -20.87 29.84
CA LEU A 293 -26.95 -19.53 29.27
C LEU A 293 -27.58 -18.59 30.29
N ALA A 294 -28.50 -19.13 31.09
CA ALA A 294 -29.23 -18.33 32.08
C ALA A 294 -28.31 -17.92 33.21
N LEU A 295 -27.62 -18.88 33.81
CA LEU A 295 -26.78 -18.52 34.96
C LEU A 295 -25.65 -17.63 34.49
N LEU A 296 -25.26 -17.76 33.22
CA LEU A 296 -24.41 -16.76 32.57
C LEU A 296 -25.07 -15.40 32.61
N GLU A 297 -26.28 -15.32 32.07
CA GLU A 297 -26.95 -14.06 31.85
C GLU A 297 -27.13 -13.34 33.19
N LEU A 298 -27.09 -14.12 34.27
CA LEU A 298 -26.95 -13.59 35.61
C LEU A 298 -25.52 -13.17 35.96
N ASN A 299 -24.54 -13.97 35.54
CA ASN A 299 -23.14 -13.64 35.77
C ASN A 299 -22.83 -12.26 35.20
N GLY A 300 -23.33 -11.98 34.00
CA GLY A 300 -23.04 -10.72 33.37
C GLY A 300 -21.59 -10.79 32.90
N ILE A 301 -20.96 -9.62 32.70
CA ILE A 301 -19.52 -9.61 32.40
C ILE A 301 -18.82 -8.30 32.81
N GLY A 302 -17.56 -8.39 33.25
CA GLY A 302 -16.87 -7.27 33.88
C GLY A 302 -16.39 -6.21 32.91
N PHE A 303 -16.43 -4.96 33.36
CA PHE A 303 -16.14 -3.79 32.54
C PHE A 303 -15.48 -2.71 33.39
N SER A 304 -14.56 -1.93 32.81
CA SER A 304 -13.97 -0.80 33.52
C SER A 304 -14.01 0.50 32.71
N THR A 305 -14.77 1.49 33.17
CA THR A 305 -14.93 2.75 32.44
C THR A 305 -13.61 3.51 32.33
N ALA A 306 -12.68 3.25 33.24
CA ALA A 306 -11.39 3.94 33.18
C ALA A 306 -10.70 3.59 31.85
N GLU A 307 -10.72 2.32 31.49
CA GLU A 307 -10.15 1.86 30.23
C GLU A 307 -10.97 2.38 29.03
N CYS A 308 -12.28 2.25 29.14
CA CYS A 308 -13.21 2.68 28.10
C CYS A 308 -13.02 4.15 27.73
N GLU A 309 -12.89 4.98 28.74
CA GLU A 309 -12.75 6.43 28.60
C GLU A 309 -11.31 6.81 28.24
N SER A 310 -10.37 5.97 28.67
CA SER A 310 -8.97 6.14 28.28
C SER A 310 -8.81 6.04 26.78
N GLN A 311 -9.20 4.88 26.23
CA GLN A 311 -9.11 4.70 24.80
C GLN A 311 -10.12 5.59 24.10
N LYS A 312 -11.14 6.03 24.83
CA LYS A 312 -12.06 7.06 24.33
C LYS A 312 -11.32 8.32 23.92
N HIS A 313 -10.58 8.91 24.85
CA HIS A 313 -9.86 10.14 24.53
C HIS A 313 -8.72 9.88 23.54
N ILE A 314 -8.16 8.67 23.58
CA ILE A 314 -7.23 8.25 22.52
C ILE A 314 -7.86 8.44 21.13
N MET A 315 -9.06 7.90 20.98
CA MET A 315 -9.80 7.92 19.73
C MET A 315 -10.22 9.33 19.31
N GLN A 316 -10.54 10.17 20.29
CA GLN A 316 -10.87 11.56 19.96
C GLN A 316 -9.63 12.23 19.36
N ALA A 317 -8.48 11.92 19.98
CA ALA A 317 -7.21 12.45 19.49
C ALA A 317 -6.97 12.08 18.04
N LYS A 318 -7.09 10.79 17.72
CA LYS A 318 -6.88 10.37 16.33
C LYS A 318 -7.95 10.93 15.40
N LEU A 319 -9.15 11.14 15.94
CA LEU A 319 -10.25 11.76 15.19
C LEU A 319 -9.86 13.12 14.63
N ASP A 320 -9.62 14.07 15.52
CA ASP A 320 -9.31 15.41 15.07
C ASP A 320 -7.95 15.49 14.35
N ALA A 321 -7.00 14.70 14.83
CA ALA A 321 -5.67 14.68 14.20
C ALA A 321 -5.70 14.20 12.76
N ILE A 322 -6.56 13.23 12.47
CA ILE A 322 -6.75 12.76 11.11
C ILE A 322 -7.58 13.77 10.32
N GLU A 323 -8.41 14.56 11.01
CA GLU A 323 -9.10 15.66 10.34
C GLU A 323 -8.08 16.64 9.73
N THR A 324 -7.15 17.10 10.55
CA THR A 324 -6.12 18.00 10.03
C THR A 324 -5.11 17.33 9.11
N GLN A 325 -4.80 16.06 9.35
CA GLN A 325 -3.92 15.32 8.43
C GLN A 325 -4.54 15.26 7.04
N ALA A 326 -5.87 15.18 7.01
CA ALA A 326 -6.61 15.18 5.75
C ALA A 326 -6.62 16.54 5.08
N TYR A 327 -6.91 17.59 5.85
CA TYR A 327 -7.11 18.90 5.25
C TYR A 327 -5.80 19.64 5.02
N GLN A 328 -4.69 18.95 5.30
CA GLN A 328 -3.37 19.42 4.93
C GLN A 328 -3.19 19.41 3.41
N LEU A 329 -3.86 18.48 2.74
CA LEU A 329 -3.79 18.44 1.27
C LEU A 329 -4.64 19.52 0.64
N ALA A 330 -5.91 19.62 1.05
CA ALA A 330 -6.68 20.82 0.72
C ALA A 330 -7.47 21.37 1.90
N GLY A 331 -8.57 20.68 2.18
CA GLY A 331 -9.60 21.10 3.10
C GLY A 331 -10.45 22.10 2.33
N HIS A 332 -11.76 21.96 2.39
CA HIS A 332 -12.67 22.99 1.93
C HIS A 332 -13.96 22.84 2.72
N SER A 333 -14.19 23.67 3.74
CA SER A 333 -15.43 23.57 4.55
C SER A 333 -15.83 22.17 5.03
N PHE A 334 -14.88 21.32 5.37
CA PHE A 334 -15.18 19.89 5.57
C PHE A 334 -15.42 19.37 7.00
N SER A 335 -16.32 18.38 7.07
CA SER A 335 -16.50 17.50 8.23
C SER A 335 -16.80 16.12 7.66
N PHE A 336 -16.18 15.06 8.18
CA PHE A 336 -16.36 13.73 7.60
C PHE A 336 -17.78 13.20 7.66
N THR A 337 -18.55 13.68 8.61
CA THR A 337 -19.85 13.08 8.92
C THR A 337 -20.82 13.01 7.74
N SER A 338 -20.76 14.00 6.83
CA SER A 338 -21.67 14.05 5.67
C SER A 338 -21.09 13.47 4.38
N SER A 339 -21.77 12.49 3.80
CA SER A 339 -21.35 11.90 2.52
C SER A 339 -21.52 12.86 1.34
N ASP A 340 -22.54 13.70 1.41
CA ASP A 340 -22.81 14.70 0.39
C ASP A 340 -21.81 15.87 0.40
N ASP A 341 -21.30 16.19 1.58
CA ASP A 341 -20.23 17.17 1.71
C ASP A 341 -18.95 16.57 1.15
N ILE A 342 -18.81 15.26 1.32
CA ILE A 342 -17.67 14.51 0.77
C ILE A 342 -17.74 14.45 -0.74
N ALA A 343 -18.95 14.47 -1.29
CA ALA A 343 -19.14 14.47 -2.73
C ALA A 343 -18.35 15.59 -3.39
N GLU A 344 -18.26 16.74 -2.71
CA GLU A 344 -17.52 17.89 -3.20
C GLU A 344 -16.08 17.53 -3.58
N VAL A 345 -15.22 17.32 -2.58
CA VAL A 345 -13.80 17.15 -2.86
C VAL A 345 -13.52 15.78 -3.49
N LEU A 346 -14.27 14.77 -3.09
CA LEU A 346 -14.04 13.43 -3.63
C LEU A 346 -14.32 13.39 -5.12
N PHE A 347 -15.53 13.79 -5.50
CA PHE A 347 -15.90 13.75 -6.92
C PHE A 347 -15.09 14.81 -7.70
N LEU A 348 -14.65 15.86 -7.02
CA LEU A 348 -13.87 16.91 -7.69
C LEU A 348 -12.39 16.62 -7.93
N GLU A 349 -11.56 16.63 -6.88
CA GLU A 349 -10.10 16.69 -7.09
C GLU A 349 -9.46 15.34 -7.43
N LEU A 350 -10.24 14.26 -7.36
CA LEU A 350 -9.76 12.92 -7.71
C LEU A 350 -10.44 12.36 -8.96
N LYS A 351 -11.77 12.27 -8.90
CA LYS A 351 -12.61 11.77 -10.00
C LYS A 351 -12.42 10.30 -10.39
N LEU A 352 -12.83 9.40 -9.49
CA LEU A 352 -12.89 7.97 -9.81
C LEU A 352 -14.04 7.23 -9.11
N PRO A 353 -15.28 7.33 -9.63
CA PRO A 353 -16.40 6.54 -9.08
C PRO A 353 -16.81 5.25 -9.84
N PRO A 354 -15.97 4.20 -9.87
CA PRO A 354 -16.46 3.00 -10.55
C PRO A 354 -17.48 2.22 -9.73
N GLN A 385 -26.58 11.05 -3.55
CA GLN A 385 -26.00 9.72 -3.43
C GLN A 385 -25.03 9.37 -4.55
N PHE A 386 -24.03 8.55 -4.24
CA PHE A 386 -23.43 7.74 -5.28
C PHE A 386 -23.13 6.30 -4.84
N SER A 387 -22.17 6.19 -3.94
CA SER A 387 -21.86 5.00 -3.18
C SER A 387 -20.69 5.38 -2.34
N THR A 388 -20.27 4.52 -1.44
CA THR A 388 -19.09 4.83 -0.66
C THR A 388 -17.99 3.77 -0.60
N SER A 389 -18.23 2.75 0.21
CA SER A 389 -17.15 2.05 0.92
C SER A 389 -16.28 1.05 0.15
N LYS A 390 -16.87 0.00 -0.38
CA LYS A 390 -16.12 -1.02 -1.12
C LYS A 390 -15.18 -0.36 -2.13
N ASP A 391 -15.74 0.54 -2.93
CA ASP A 391 -15.00 1.22 -3.99
C ASP A 391 -13.76 1.95 -3.44
N VAL A 392 -13.90 2.60 -2.30
CA VAL A 392 -12.79 3.37 -1.76
C VAL A 392 -11.76 2.46 -1.07
N LEU A 393 -12.17 1.27 -0.64
CA LEU A 393 -11.18 0.24 -0.25
C LEU A 393 -10.35 -0.21 -1.46
N ASN A 394 -11.05 -0.45 -2.56
CA ASN A 394 -10.44 -0.65 -3.87
C ASN A 394 -9.42 0.44 -4.17
N LYS A 395 -9.70 1.65 -3.69
CA LYS A 395 -8.66 2.69 -3.73
C LYS A 395 -7.59 2.54 -2.62
N LEU A 396 -7.95 1.94 -1.48
CA LEU A 396 -7.04 1.87 -0.32
C LEU A 396 -5.84 1.02 -0.61
N LYS A 397 -6.02 -0.05 -1.38
CA LYS A 397 -4.86 -0.77 -1.86
C LYS A 397 -3.87 0.17 -2.53
N ALA A 398 -4.30 0.77 -3.62
CA ALA A 398 -3.40 1.44 -4.55
C ALA A 398 -3.00 2.88 -4.19
N LEU A 399 -3.96 3.79 -4.22
CA LEU A 399 -3.65 5.21 -4.06
C LEU A 399 -3.31 5.54 -2.62
N HIS A 400 -2.13 6.11 -2.39
CA HIS A 400 -1.76 6.60 -1.06
C HIS A 400 -2.45 7.89 -0.54
N PRO A 401 -2.73 8.88 -1.41
CA PRO A 401 -3.28 10.14 -0.90
C PRO A 401 -4.71 10.02 -0.38
N LEU A 402 -4.80 9.60 0.88
CA LEU A 402 -6.00 9.55 1.71
C LEU A 402 -7.22 8.74 1.26
N PRO A 403 -7.03 7.53 0.70
CA PRO A 403 -8.18 6.63 0.78
C PRO A 403 -8.26 6.00 2.17
N GLY A 404 -7.09 5.69 2.72
CA GLY A 404 -6.98 4.94 3.96
C GLY A 404 -7.21 5.84 5.15
N LEU A 405 -7.14 7.14 4.88
CA LEU A 405 -7.51 8.12 5.87
C LEU A 405 -9.00 7.97 6.14
N ILE A 406 -9.73 7.61 5.09
CA ILE A 406 -11.16 7.34 5.20
C ILE A 406 -11.40 5.99 5.88
N LEU A 407 -10.49 5.03 5.67
CA LEU A 407 -10.57 3.77 6.41
C LEU A 407 -10.46 4.02 7.89
N GLU A 408 -9.37 4.68 8.30
CA GLU A 408 -9.11 4.88 9.70
C GLU A 408 -10.20 5.75 10.32
N TRP A 409 -10.62 6.81 9.63
CA TRP A 409 -11.68 7.66 10.19
C TRP A 409 -13.02 6.94 10.34
N ARG A 410 -13.51 6.34 9.26
CA ARG A 410 -14.80 5.65 9.29
C ARG A 410 -14.81 4.52 10.34
N ARG A 411 -13.68 3.82 10.40
CA ARG A 411 -13.51 2.74 11.37
C ARG A 411 -13.57 3.27 12.79
N ILE A 412 -12.93 4.42 13.01
CA ILE A 412 -13.02 5.10 14.30
C ILE A 412 -14.45 5.39 14.69
N THR A 413 -15.17 6.08 13.80
CA THR A 413 -16.55 6.48 14.09
C THR A 413 -17.43 5.29 14.42
N ASN A 414 -17.29 4.21 13.66
CA ASN A 414 -18.06 3.02 13.99
C ASN A 414 -17.62 2.47 15.35
N ALA A 415 -16.33 2.57 15.64
CA ALA A 415 -15.75 2.06 16.88
C ALA A 415 -16.18 2.86 18.10
N ILE A 416 -16.72 4.06 17.90
CA ILE A 416 -17.22 4.85 19.03
C ILE A 416 -18.75 4.84 19.12
N THR A 417 -19.43 5.34 18.09
CA THR A 417 -20.88 5.56 18.20
C THR A 417 -21.73 4.31 18.36
N LYS A 418 -21.34 3.22 17.70
CA LYS A 418 -22.13 2.00 17.82
C LYS A 418 -21.52 1.07 18.86
N VAL A 419 -20.47 1.53 19.53
CA VAL A 419 -19.76 0.70 20.50
C VAL A 419 -19.59 1.33 21.90
N VAL A 420 -18.82 2.41 21.98
CA VAL A 420 -18.52 3.07 23.26
C VAL A 420 -19.81 3.59 23.91
N PHE A 421 -20.65 4.24 23.12
CA PHE A 421 -21.89 4.80 23.66
C PHE A 421 -22.80 3.76 24.32
N PRO A 422 -23.20 2.71 23.59
CA PRO A 422 -24.13 1.79 24.28
C PRO A 422 -23.51 1.10 25.51
N LEU A 423 -22.23 0.73 25.44
CA LEU A 423 -21.58 0.15 26.61
C LEU A 423 -21.54 1.10 27.79
N GLN A 424 -21.16 2.34 27.51
CA GLN A 424 -21.07 3.33 28.57
C GLN A 424 -22.48 3.71 29.02
N ARG A 425 -23.48 3.23 28.30
CA ARG A 425 -24.85 3.47 28.70
C ARG A 425 -25.36 2.36 29.63
N GLU A 426 -25.57 1.18 29.05
CA GLU A 426 -26.34 0.13 29.73
C GLU A 426 -25.54 -0.80 30.64
N LYS A 427 -24.30 -0.42 30.93
CA LYS A 427 -23.52 -0.98 32.03
C LYS A 427 -24.25 -0.83 33.37
N CYS A 428 -24.06 -1.78 34.27
CA CYS A 428 -24.56 -1.69 35.64
C CYS A 428 -23.45 -2.09 36.62
N LEU A 429 -23.73 -2.15 37.92
CA LEU A 429 -22.68 -2.53 38.87
C LEU A 429 -23.12 -3.63 39.81
N ASN A 430 -22.18 -4.46 40.25
CA ASN A 430 -22.47 -5.36 41.34
C ASN A 430 -21.89 -4.84 42.65
N PRO A 431 -22.77 -4.44 43.59
CA PRO A 431 -22.36 -3.95 44.91
C PRO A 431 -21.59 -5.01 45.66
N PHE A 432 -21.86 -6.26 45.30
CA PHE A 432 -21.27 -7.42 45.95
C PHE A 432 -19.82 -7.64 45.52
N LEU A 433 -19.41 -6.95 44.46
CA LEU A 433 -18.05 -7.03 43.96
C LEU A 433 -17.33 -5.71 44.20
N GLY A 434 -17.89 -4.64 43.66
CA GLY A 434 -17.27 -3.34 43.68
C GLY A 434 -16.81 -3.06 42.27
N MET A 435 -17.12 -4.00 41.39
CA MET A 435 -16.87 -3.81 39.97
C MET A 435 -18.19 -3.66 39.22
N GLU A 436 -18.10 -2.97 38.09
CA GLU A 436 -19.24 -2.79 37.21
C GLU A 436 -19.21 -3.82 36.10
N ARG A 437 -20.38 -4.35 35.80
CA ARG A 437 -20.54 -5.40 34.82
C ARG A 437 -21.75 -5.11 33.97
N ILE A 438 -21.86 -5.81 32.84
CA ILE A 438 -22.94 -5.54 31.92
C ILE A 438 -23.62 -6.85 31.54
N TYR A 439 -24.92 -6.75 31.29
CA TYR A 439 -25.78 -7.92 31.13
C TYR A 439 -26.40 -8.05 29.75
N PRO A 440 -25.94 -9.07 29.01
CA PRO A 440 -26.52 -9.50 27.74
C PRO A 440 -27.85 -10.21 27.97
N VAL A 441 -28.41 -10.81 26.92
CA VAL A 441 -29.59 -11.67 27.08
C VAL A 441 -29.42 -12.92 26.23
N SER A 442 -29.80 -14.08 26.76
CA SER A 442 -29.81 -15.28 25.93
C SER A 442 -30.83 -15.12 24.81
N GLN A 443 -30.48 -15.61 23.63
CA GLN A 443 -31.35 -15.45 22.47
C GLN A 443 -31.73 -16.80 21.89
N SER A 444 -30.72 -17.51 21.41
CA SER A 444 -30.93 -18.69 20.59
C SER A 444 -31.85 -18.29 19.45
N HIS A 445 -32.77 -19.18 19.07
CA HIS A 445 -33.65 -18.95 17.92
C HIS A 445 -32.87 -18.61 16.65
N THR A 446 -31.63 -19.06 16.59
CA THR A 446 -30.85 -18.95 15.37
C THR A 446 -31.29 -20.07 14.44
N ALA A 447 -31.15 -19.84 13.14
CA ALA A 447 -31.51 -20.84 12.16
C ALA A 447 -30.61 -22.06 12.32
N THR A 448 -29.33 -21.82 12.56
CA THR A 448 -28.38 -22.91 12.74
C THR A 448 -28.50 -23.58 14.10
N GLY A 449 -28.91 -22.83 15.11
CA GLY A 449 -28.91 -23.34 16.47
C GLY A 449 -27.77 -22.72 17.26
N ARG A 450 -27.07 -21.79 16.64
CA ARG A 450 -25.99 -21.07 17.26
C ARG A 450 -26.62 -20.13 18.28
N ILE A 451 -25.84 -19.39 19.07
CA ILE A 451 -26.46 -18.56 20.09
C ILE A 451 -25.93 -17.13 20.08
N THR A 452 -26.83 -16.18 20.25
CA THR A 452 -26.46 -14.77 20.27
C THR A 452 -27.00 -14.05 21.50
N PHE A 453 -26.66 -12.77 21.63
CA PHE A 453 -27.03 -12.01 22.82
C PHE A 453 -27.49 -10.62 22.46
N THR A 454 -28.65 -10.21 22.96
CA THR A 454 -29.01 -8.82 22.79
C THR A 454 -29.59 -8.09 24.01
N GLU A 455 -28.79 -7.42 24.83
CA GLU A 455 -29.00 -6.00 25.12
C GLU A 455 -28.04 -5.11 24.31
N PRO A 456 -26.71 -5.26 24.51
CA PRO A 456 -25.88 -4.95 23.36
C PRO A 456 -25.70 -6.29 22.69
N ASN A 457 -25.00 -6.38 21.58
CA ASN A 457 -24.38 -7.67 21.33
C ASN A 457 -22.88 -7.48 21.44
N ILE A 458 -22.30 -8.23 22.36
CA ILE A 458 -20.88 -8.13 22.61
C ILE A 458 -20.16 -9.21 21.82
N GLN A 459 -20.90 -9.97 21.01
CA GLN A 459 -20.26 -10.92 20.12
C GLN A 459 -19.45 -10.16 19.07
N ASN A 460 -20.01 -9.08 18.55
CA ASN A 460 -19.41 -8.39 17.42
C ASN A 460 -18.42 -7.30 17.84
N VAL A 461 -18.11 -7.24 19.13
CA VAL A 461 -17.21 -6.21 19.66
C VAL A 461 -15.92 -6.17 18.87
N PRO A 462 -15.40 -4.94 18.63
CA PRO A 462 -14.31 -4.77 17.67
C PRO A 462 -13.05 -5.54 18.06
N ARG A 463 -12.29 -5.93 17.06
CA ARG A 463 -11.05 -6.65 17.25
C ARG A 463 -9.93 -5.62 17.40
N ASP A 464 -8.91 -5.95 18.20
CA ASP A 464 -7.75 -5.08 18.36
C ASP A 464 -7.22 -4.65 17.00
N PHE A 465 -6.80 -3.40 16.90
CA PHE A 465 -6.10 -2.96 15.70
C PHE A 465 -5.06 -1.87 15.96
N GLU A 466 -4.02 -1.90 15.15
CA GLU A 466 -2.87 -1.02 15.26
C GLU A 466 -3.19 0.36 14.71
N ILE A 467 -2.43 1.37 15.14
CA ILE A 467 -2.71 2.76 14.79
C ILE A 467 -1.44 3.64 14.80
N LYS A 468 -1.42 4.65 13.94
CA LYS A 468 -0.27 5.54 13.78
C LYS A 468 -0.49 6.93 14.40
N MET A 469 0.59 7.53 14.90
CA MET A 469 0.51 8.84 15.55
C MET A 469 0.88 9.98 14.60
N GLY A 516 10.60 3.13 16.78
CA GLY A 516 9.85 4.27 16.26
C GLY A 516 8.78 4.73 17.22
N MET A 517 7.72 5.33 16.69
CA MET A 517 6.59 5.75 17.51
C MET A 517 5.23 5.35 16.91
N PRO A 518 4.88 4.05 16.98
CA PRO A 518 3.55 3.50 16.65
C PRO A 518 2.64 3.32 17.89
N PHE A 519 1.44 2.77 17.71
CA PHE A 519 0.61 2.40 18.85
C PHE A 519 -0.44 1.36 18.45
N SER A 520 -1.21 0.86 19.41
CA SER A 520 -2.24 -0.13 19.13
C SER A 520 -3.37 -0.02 20.13
N ILE A 521 -4.59 -0.33 19.69
CA ILE A 521 -5.73 -0.26 20.60
C ILE A 521 -6.58 -1.51 20.55
N SER A 522 -7.23 -1.74 21.68
CA SER A 522 -8.20 -2.80 21.84
C SER A 522 -9.44 -2.18 22.47
N MET A 523 -10.55 -2.14 21.75
CA MET A 523 -11.79 -1.73 22.39
C MET A 523 -12.13 -2.77 23.43
N ARG A 524 -11.74 -4.02 23.16
CA ARG A 524 -12.20 -5.11 24.01
C ARG A 524 -11.42 -5.28 25.33
N HIS A 525 -10.21 -4.73 25.44
CA HIS A 525 -9.37 -4.84 26.66
C HIS A 525 -10.04 -4.34 27.95
N ALA A 526 -11.06 -3.50 27.81
CA ALA A 526 -11.74 -2.91 28.96
C ALA A 526 -12.55 -3.92 29.78
N PHE A 527 -12.78 -5.11 29.24
CA PHE A 527 -13.47 -6.14 30.01
C PHE A 527 -12.48 -6.80 30.96
N VAL A 528 -12.72 -6.68 32.26
CA VAL A 528 -11.78 -7.21 33.25
C VAL A 528 -12.45 -8.29 34.10
N PRO A 529 -11.64 -9.17 34.70
CA PRO A 529 -12.20 -10.04 35.74
C PRO A 529 -12.41 -9.24 37.01
N PHE A 530 -12.94 -9.90 38.05
CA PHE A 530 -13.03 -9.29 39.36
C PHE A 530 -11.61 -9.16 39.94
N PRO A 531 -11.41 -8.36 41.00
CA PRO A 531 -10.05 -8.02 41.42
C PRO A 531 -9.11 -9.20 41.60
N GLY A 532 -9.63 -10.31 42.11
CA GLY A 532 -8.81 -11.49 42.31
C GLY A 532 -8.68 -12.37 41.08
N GLY A 533 -9.61 -12.21 40.15
CA GLY A 533 -9.69 -13.12 39.03
C GLY A 533 -8.79 -12.91 37.83
N SER A 534 -9.00 -13.76 36.84
CA SER A 534 -8.34 -13.72 35.54
C SER A 534 -9.31 -14.38 34.57
N ILE A 535 -9.16 -14.08 33.27
CA ILE A 535 -10.11 -14.56 32.27
C ILE A 535 -9.54 -15.73 31.49
N LEU A 536 -10.35 -16.79 31.39
CA LEU A 536 -10.01 -17.95 30.62
C LEU A 536 -10.86 -18.04 29.36
N ALA A 537 -10.20 -18.20 28.22
CA ALA A 537 -10.87 -18.39 26.95
C ALA A 537 -10.46 -19.73 26.35
N ALA A 538 -11.43 -20.55 25.98
CA ALA A 538 -11.09 -21.78 25.28
C ALA A 538 -11.64 -21.76 23.87
N ASP A 539 -10.71 -21.61 22.94
CA ASP A 539 -10.98 -21.54 21.52
C ASP A 539 -10.76 -22.89 20.87
N TYR A 540 -11.66 -23.24 19.96
CA TYR A 540 -11.51 -24.44 19.16
C TYR A 540 -10.57 -24.12 18.02
N SER A 541 -9.50 -24.89 17.87
CA SER A 541 -8.65 -24.63 16.73
C SER A 541 -9.38 -25.27 15.55
N GLN A 542 -9.88 -24.41 14.66
CA GLN A 542 -10.58 -24.81 13.44
C GLN A 542 -11.55 -25.97 13.56
N LEU A 543 -12.68 -25.78 14.26
CA LEU A 543 -13.58 -26.88 14.52
C LEU A 543 -14.41 -27.33 13.31
N GLU A 544 -15.06 -26.38 12.64
CA GLU A 544 -15.98 -26.72 11.55
C GLU A 544 -15.28 -27.47 10.42
N LEU A 545 -14.03 -27.09 10.16
CA LEU A 545 -13.22 -27.79 9.17
C LEU A 545 -13.14 -29.26 9.50
N ARG A 546 -12.94 -29.55 10.77
CA ARG A 546 -12.85 -30.90 11.28
C ARG A 546 -14.19 -31.58 11.08
N ILE A 547 -15.27 -30.84 11.29
CA ILE A 547 -16.61 -31.38 11.11
C ILE A 547 -16.82 -31.85 9.68
N LEU A 548 -16.55 -30.94 8.74
CA LEU A 548 -16.69 -31.21 7.32
C LEU A 548 -15.77 -32.36 6.95
N ALA A 549 -14.63 -32.41 7.63
CA ALA A 549 -13.69 -33.51 7.49
C ALA A 549 -14.33 -34.83 7.89
N HIS A 550 -15.16 -34.79 8.94
CA HIS A 550 -15.83 -35.99 9.40
C HIS A 550 -16.90 -36.43 8.42
N LEU A 551 -17.66 -35.49 7.89
CA LEU A 551 -18.79 -35.87 7.05
C LEU A 551 -18.39 -36.20 5.60
N SER A 552 -17.45 -35.45 5.03
CA SER A 552 -16.96 -35.76 3.69
C SER A 552 -16.03 -36.96 3.75
N HIS A 553 -15.45 -37.21 4.93
CA HIS A 553 -14.44 -38.23 5.12
C HIS A 553 -13.30 -38.10 4.13
N ASP A 554 -12.92 -36.88 3.79
CA ASP A 554 -11.85 -36.70 2.85
C ASP A 554 -10.58 -36.97 3.64
N ARG A 555 -9.87 -38.04 3.26
CA ARG A 555 -8.71 -38.49 4.03
C ARG A 555 -7.61 -37.47 3.93
N ARG A 556 -7.57 -36.79 2.78
CA ARG A 556 -6.54 -35.81 2.52
C ARG A 556 -6.59 -34.68 3.52
N LEU A 557 -7.80 -34.17 3.78
CA LEU A 557 -7.95 -33.11 4.76
C LEU A 557 -7.64 -33.62 6.15
N ILE A 558 -8.10 -34.83 6.46
CA ILE A 558 -7.82 -35.44 7.76
C ILE A 558 -6.31 -35.43 8.00
N GLN A 559 -5.52 -35.72 6.98
CA GLN A 559 -4.07 -35.66 7.15
C GLN A 559 -3.50 -34.23 7.18
N VAL A 560 -4.04 -33.34 6.34
CA VAL A 560 -3.55 -31.95 6.25
C VAL A 560 -3.83 -31.22 7.57
N LEU A 561 -4.77 -31.79 8.33
CA LEU A 561 -5.25 -31.20 9.56
C LEU A 561 -4.53 -31.84 10.74
N ASN A 562 -4.64 -33.17 10.82
CA ASN A 562 -3.95 -33.93 11.85
C ASN A 562 -2.44 -33.64 11.88
N THR A 563 -1.89 -33.05 10.83
CA THR A 563 -0.56 -32.47 10.96
C THR A 563 -0.62 -30.93 11.17
N GLY A 564 -1.18 -30.21 10.19
CA GLY A 564 -1.00 -28.77 10.05
C GLY A 564 -1.25 -27.87 11.24
N ALA A 565 -0.27 -27.01 11.53
CA ALA A 565 -0.42 -26.01 12.59
C ALA A 565 -0.96 -24.71 12.03
N ASP A 566 -2.20 -24.39 12.39
CA ASP A 566 -2.92 -23.26 11.79
C ASP A 566 -2.70 -23.28 10.29
N VAL A 567 -3.32 -24.26 9.62
CA VAL A 567 -3.09 -24.56 8.21
C VAL A 567 -3.29 -23.29 7.35
N PHE A 568 -3.96 -22.30 7.94
CA PHE A 568 -4.02 -20.96 7.35
C PHE A 568 -2.62 -20.41 7.14
N ARG A 569 -1.70 -20.72 8.05
CA ARG A 569 -0.32 -20.28 7.92
C ARG A 569 0.33 -20.91 6.68
N SER A 570 -0.08 -22.13 6.36
CA SER A 570 0.40 -22.80 5.15
C SER A 570 -0.21 -22.20 3.90
N ILE A 571 -1.50 -21.89 3.96
CA ILE A 571 -2.19 -21.29 2.82
C ILE A 571 -1.62 -19.91 2.52
N ALA A 572 -1.39 -19.13 3.57
CA ALA A 572 -0.72 -17.84 3.44
C ALA A 572 0.69 -18.02 2.91
N ALA A 573 1.36 -19.05 3.40
CA ALA A 573 2.75 -19.31 3.02
C ALA A 573 2.92 -19.47 1.52
N GLU A 574 1.94 -20.08 0.88
CA GLU A 574 2.03 -20.32 -0.57
C GLU A 574 1.29 -19.25 -1.39
N TRP A 575 0.72 -18.23 -0.76
CA TRP A 575 -0.20 -17.37 -1.53
C TRP A 575 0.26 -15.96 -1.97
N LYS A 576 0.18 -14.95 -1.10
CA LYS A 576 0.39 -13.57 -1.59
C LYS A 576 1.86 -13.34 -1.88
N MET A 577 2.70 -13.98 -1.07
CA MET A 577 4.11 -14.17 -1.37
C MET A 577 4.58 -15.36 -0.53
N ILE A 578 5.69 -15.97 -0.92
CA ILE A 578 6.14 -17.13 -0.17
C ILE A 578 6.96 -16.68 1.04
N GLU A 579 6.41 -16.94 2.22
CA GLU A 579 7.11 -16.81 3.48
C GLU A 579 6.70 -18.06 4.26
N PRO A 580 7.65 -18.71 4.94
CA PRO A 580 7.25 -19.90 5.69
C PRO A 580 6.32 -19.54 6.85
N GLU A 581 6.68 -18.48 7.55
CA GLU A 581 5.89 -17.94 8.64
C GLU A 581 6.30 -16.49 8.86
N SER A 582 6.06 -15.97 10.07
CA SER A 582 6.15 -14.56 10.39
C SER A 582 5.00 -13.89 9.65
N VAL A 583 3.91 -14.64 9.60
CA VAL A 583 2.67 -14.18 9.01
C VAL A 583 1.94 -13.30 10.02
N GLY A 584 1.72 -12.04 9.64
CA GLY A 584 0.96 -11.12 10.47
C GLY A 584 -0.46 -11.61 10.60
N ASP A 585 -1.05 -11.41 11.77
CA ASP A 585 -2.41 -11.86 12.06
C ASP A 585 -3.50 -11.11 11.29
N ASP A 586 -3.21 -9.89 10.84
CA ASP A 586 -4.15 -9.20 9.95
C ASP A 586 -4.29 -10.04 8.69
N LEU A 587 -3.16 -10.55 8.22
CA LEU A 587 -3.11 -11.43 7.07
C LEU A 587 -3.74 -12.77 7.38
N ARG A 588 -3.40 -13.35 8.53
CA ARG A 588 -3.94 -14.63 8.94
C ARG A 588 -5.47 -14.60 8.92
N GLN A 589 -6.02 -13.52 9.47
CA GLN A 589 -7.46 -13.35 9.55
C GLN A 589 -8.08 -13.12 8.16
N GLN A 590 -7.40 -12.35 7.31
CA GLN A 590 -7.91 -12.16 5.94
C GLN A 590 -7.98 -13.51 5.23
N ALA A 591 -6.95 -14.33 5.44
CA ALA A 591 -6.85 -15.65 4.83
C ALA A 591 -7.98 -16.56 5.30
N LYS A 592 -8.21 -16.54 6.62
CA LYS A 592 -9.27 -17.33 7.23
C LYS A 592 -10.60 -16.94 6.59
N GLN A 593 -10.82 -15.64 6.50
CA GLN A 593 -12.04 -15.09 5.89
C GLN A 593 -12.28 -15.57 4.46
N ILE A 594 -11.26 -15.40 3.61
CA ILE A 594 -11.37 -15.78 2.21
C ILE A 594 -11.69 -17.27 2.08
N CYS A 595 -10.94 -18.09 2.82
CA CYS A 595 -11.08 -19.54 2.73
C CYS A 595 -12.45 -20.06 3.20
N TYR A 596 -12.85 -19.72 4.43
CA TYR A 596 -14.16 -20.14 4.93
C TYR A 596 -15.25 -19.65 4.01
N GLY A 597 -15.05 -18.46 3.45
CA GLY A 597 -15.97 -17.94 2.46
C GLY A 597 -16.08 -18.91 1.29
N ILE A 598 -14.94 -19.43 0.83
CA ILE A 598 -14.91 -20.35 -0.31
C ILE A 598 -15.67 -21.64 -0.06
N ILE A 599 -15.37 -22.29 1.07
CA ILE A 599 -15.90 -23.64 1.35
C ILE A 599 -17.41 -23.76 1.19
N TYR A 600 -18.12 -22.70 1.56
CA TYR A 600 -19.58 -22.70 1.54
C TYR A 600 -20.05 -22.30 0.15
N GLY A 601 -19.10 -22.22 -0.79
CA GLY A 601 -19.39 -21.71 -2.12
C GLY A 601 -19.31 -20.22 -2.38
N MET A 602 -18.21 -19.59 -1.99
CA MET A 602 -17.90 -18.22 -2.37
C MET A 602 -18.01 -18.02 -3.87
N GLY A 603 -18.54 -16.87 -4.29
CA GLY A 603 -18.62 -16.56 -5.71
C GLY A 603 -17.25 -16.36 -6.34
N ALA A 604 -17.11 -16.79 -7.59
CA ALA A 604 -15.82 -16.78 -8.28
C ALA A 604 -15.24 -15.36 -8.38
N LYS A 605 -16.03 -14.46 -8.95
CA LYS A 605 -15.57 -13.10 -9.21
C LYS A 605 -15.27 -12.36 -7.90
N SER A 606 -16.05 -12.64 -6.87
CA SER A 606 -15.86 -12.02 -5.56
C SER A 606 -14.58 -12.51 -4.92
N LEU A 607 -14.24 -13.76 -5.17
CA LEU A 607 -12.97 -14.30 -4.70
C LEU A 607 -11.86 -13.54 -5.39
N GLY A 608 -12.06 -13.30 -6.68
CA GLY A 608 -11.13 -12.50 -7.44
C GLY A 608 -11.00 -11.12 -6.84
N GLU A 609 -12.07 -10.63 -6.23
CA GLU A 609 -12.07 -9.32 -5.57
C GLU A 609 -11.27 -9.30 -4.28
N GLN A 610 -11.57 -10.23 -3.37
CA GLN A 610 -10.91 -10.23 -2.07
C GLN A 610 -9.42 -10.49 -2.19
N MET A 611 -9.04 -11.34 -3.13
CA MET A 611 -7.61 -11.56 -3.36
C MET A 611 -7.03 -10.45 -4.21
N GLY A 612 -7.90 -9.78 -4.97
CA GLY A 612 -7.47 -8.71 -5.85
C GLY A 612 -7.11 -9.14 -7.26
N ILE A 613 -7.65 -10.27 -7.72
CA ILE A 613 -7.28 -10.77 -9.05
C ILE A 613 -8.44 -10.85 -10.03
N LYS A 614 -8.11 -11.31 -11.24
CA LYS A 614 -9.07 -11.43 -12.33
C LYS A 614 -9.98 -12.63 -12.14
N GLU A 615 -11.11 -12.59 -12.82
CA GLU A 615 -12.13 -13.62 -12.75
C GLU A 615 -11.65 -15.06 -12.99
N ASN A 616 -11.34 -15.37 -14.25
CA ASN A 616 -11.11 -16.76 -14.65
C ASN A 616 -9.89 -17.39 -13.96
N ASP A 617 -8.96 -16.53 -13.57
CA ASP A 617 -7.79 -16.96 -12.79
C ASP A 617 -8.27 -17.52 -11.44
N ALA A 618 -9.12 -16.73 -10.76
CA ALA A 618 -9.71 -17.15 -9.49
C ALA A 618 -10.56 -18.40 -9.64
N ALA A 619 -11.31 -18.48 -10.73
CA ALA A 619 -12.15 -19.66 -10.99
C ALA A 619 -11.33 -20.92 -11.18
N CYS A 620 -10.21 -20.78 -11.88
CA CYS A 620 -9.32 -21.91 -12.07
C CYS A 620 -8.71 -22.28 -10.72
N TYR A 621 -8.60 -21.31 -9.83
CA TYR A 621 -8.14 -21.61 -8.46
C TYR A 621 -9.16 -22.42 -7.65
N ILE A 622 -10.45 -22.08 -7.77
CA ILE A 622 -11.49 -22.85 -7.11
C ILE A 622 -11.54 -24.28 -7.65
N ASP A 623 -11.53 -24.40 -8.98
CA ASP A 623 -11.52 -25.71 -9.62
C ASP A 623 -10.30 -26.50 -9.14
N SER A 624 -9.21 -25.77 -8.95
CA SER A 624 -8.01 -26.36 -8.38
C SER A 624 -8.30 -26.94 -7.02
N PHE A 625 -9.06 -26.25 -6.18
CA PHE A 625 -9.42 -26.82 -4.88
C PHE A 625 -10.43 -27.97 -4.91
N LYS A 626 -11.31 -28.03 -5.91
CA LYS A 626 -12.11 -29.24 -6.06
C LYS A 626 -11.20 -30.41 -6.40
N SER A 627 -10.19 -30.12 -7.23
CA SER A 627 -9.21 -31.14 -7.57
C SER A 627 -8.38 -31.57 -6.36
N ARG A 628 -8.03 -30.61 -5.51
CA ARG A 628 -7.23 -30.93 -4.33
C ARG A 628 -8.01 -31.83 -3.39
N TYR A 629 -9.29 -31.53 -3.17
CA TYR A 629 -10.13 -32.34 -2.30
C TYR A 629 -11.49 -32.62 -2.94
N THR A 630 -11.77 -33.87 -3.33
CA THR A 630 -13.07 -34.20 -3.92
C THR A 630 -14.07 -34.76 -2.91
N GLY A 631 -13.60 -35.07 -1.72
CA GLY A 631 -14.48 -35.64 -0.70
C GLY A 631 -15.48 -34.56 -0.38
N ILE A 632 -15.01 -33.32 -0.48
CA ILE A 632 -15.81 -32.12 -0.30
C ILE A 632 -16.92 -31.97 -1.33
N ASN A 633 -16.59 -31.97 -2.62
CA ASN A 633 -17.59 -31.80 -3.67
C ASN A 633 -18.57 -32.97 -3.64
N GLN A 634 -18.04 -34.14 -3.31
CA GLN A 634 -18.84 -35.35 -3.09
C GLN A 634 -19.92 -35.07 -2.06
N PHE A 635 -19.48 -34.81 -0.83
CA PHE A 635 -20.38 -34.54 0.29
C PHE A 635 -21.35 -33.39 -0.03
N MET A 636 -20.85 -32.45 -0.81
CA MET A 636 -21.51 -31.20 -1.13
C MET A 636 -22.71 -31.40 -2.06
N THR A 637 -22.42 -31.81 -3.30
CA THR A 637 -23.51 -32.06 -4.24
C THR A 637 -24.44 -33.15 -3.73
N GLU A 638 -23.88 -34.19 -3.11
CA GLU A 638 -24.74 -35.25 -2.55
C GLU A 638 -25.75 -34.69 -1.54
N THR A 639 -25.28 -33.86 -0.61
CA THR A 639 -26.18 -33.35 0.42
C THR A 639 -27.18 -32.39 -0.21
N VAL A 640 -26.80 -31.77 -1.33
CA VAL A 640 -27.79 -30.97 -2.08
C VAL A 640 -28.95 -31.86 -2.53
N LYS A 641 -28.59 -32.99 -3.14
CA LYS A 641 -29.59 -33.93 -3.63
C LYS A 641 -30.50 -34.44 -2.51
N ASN A 642 -29.90 -34.72 -1.34
CA ASN A 642 -30.71 -35.09 -0.18
C ASN A 642 -31.69 -33.98 0.21
N CYS A 643 -31.25 -32.73 0.09
CA CYS A 643 -32.12 -31.63 0.46
C CYS A 643 -33.30 -31.54 -0.51
N LYS A 644 -33.10 -31.89 -1.78
CA LYS A 644 -34.25 -31.98 -2.67
C LYS A 644 -35.18 -33.15 -2.35
N ARG A 645 -34.61 -34.32 -2.04
CA ARG A 645 -35.44 -35.50 -1.79
C ARG A 645 -36.24 -35.38 -0.50
N ASP A 646 -35.76 -34.53 0.41
CA ASP A 646 -36.33 -34.41 1.74
C ASP A 646 -36.97 -33.04 1.91
N GLY A 647 -36.19 -31.99 1.68
CA GLY A 647 -36.67 -30.64 1.85
C GLY A 647 -36.13 -30.01 3.11
N PHE A 648 -35.16 -30.70 3.72
CA PHE A 648 -34.54 -30.20 4.93
C PHE A 648 -33.15 -30.82 5.12
N VAL A 649 -32.29 -30.15 5.88
CA VAL A 649 -31.04 -30.76 6.28
C VAL A 649 -31.15 -31.16 7.74
N GLN A 650 -30.15 -31.87 8.25
CA GLN A 650 -30.20 -32.39 9.61
C GLN A 650 -28.81 -32.30 10.26
N THR A 651 -28.73 -31.62 11.40
CA THR A 651 -27.51 -31.59 12.18
C THR A 651 -27.39 -32.89 12.98
N ILE A 652 -26.15 -33.25 13.33
CA ILE A 652 -25.83 -34.57 13.85
C ILE A 652 -26.72 -35.04 15.00
N LEU A 653 -27.15 -34.10 15.84
CA LEU A 653 -28.00 -34.42 16.97
C LEU A 653 -29.32 -35.03 16.50
N GLY A 654 -29.69 -34.72 15.27
CA GLY A 654 -30.97 -35.10 14.74
C GLY A 654 -31.86 -33.88 14.70
N ARG A 655 -31.37 -32.76 15.22
CA ARG A 655 -32.05 -31.50 14.96
C ARG A 655 -31.92 -31.22 13.48
N ARG A 656 -32.96 -30.66 12.90
CA ARG A 656 -33.01 -30.49 11.47
C ARG A 656 -33.60 -29.13 11.09
N ARG A 657 -33.09 -28.54 10.02
CA ARG A 657 -33.58 -27.25 9.54
C ARG A 657 -34.28 -27.42 8.20
N TYR A 658 -35.43 -26.77 8.05
CA TYR A 658 -36.21 -26.87 6.84
C TYR A 658 -35.81 -25.79 5.85
N LEU A 659 -35.25 -26.21 4.72
CA LEU A 659 -34.95 -25.28 3.64
C LEU A 659 -36.03 -25.36 2.58
N PRO A 660 -36.93 -24.37 2.59
CA PRO A 660 -38.03 -24.29 1.62
C PRO A 660 -37.56 -23.92 0.22
N GLY A 661 -36.58 -23.03 0.12
CA GLY A 661 -36.24 -22.40 -1.15
C GLY A 661 -35.40 -23.22 -2.10
N ILE A 662 -34.95 -24.38 -1.64
CA ILE A 662 -34.08 -25.25 -2.42
C ILE A 662 -34.77 -25.79 -3.68
N LYS A 663 -36.09 -25.92 -3.63
CA LYS A 663 -36.86 -26.51 -4.72
C LYS A 663 -37.46 -25.45 -5.65
N ASP A 664 -37.27 -24.18 -5.29
CA ASP A 664 -37.86 -23.04 -5.98
C ASP A 664 -37.31 -22.85 -7.40
N ASN A 665 -38.12 -22.28 -8.28
CA ASN A 665 -37.72 -22.07 -9.68
C ASN A 665 -36.66 -20.99 -9.86
N ASN A 666 -36.79 -19.90 -9.10
CA ASN A 666 -35.83 -18.78 -9.18
C ASN A 666 -34.43 -19.25 -8.86
N PRO A 667 -33.49 -18.99 -9.78
CA PRO A 667 -32.09 -19.39 -9.65
C PRO A 667 -31.45 -18.88 -8.36
N TYR A 668 -31.88 -17.72 -7.88
CA TYR A 668 -31.25 -17.14 -6.70
C TYR A 668 -31.60 -17.83 -5.40
N ARG A 669 -32.90 -18.05 -5.19
CA ARG A 669 -33.34 -18.71 -3.98
C ARG A 669 -32.76 -20.12 -3.97
N LYS A 670 -32.66 -20.71 -5.15
CA LYS A 670 -32.09 -22.05 -5.31
C LYS A 670 -30.58 -22.09 -5.02
N ALA A 671 -29.84 -21.09 -5.49
CA ALA A 671 -28.40 -21.05 -5.25
C ALA A 671 -28.12 -20.83 -3.76
N HIS A 672 -28.79 -19.80 -3.24
CA HIS A 672 -28.67 -19.46 -1.83
C HIS A 672 -29.01 -20.64 -0.96
N ALA A 673 -30.05 -21.38 -1.33
CA ALA A 673 -30.44 -22.56 -0.58
C ALA A 673 -29.42 -23.69 -0.71
N GLU A 674 -28.84 -23.85 -1.88
CA GLU A 674 -27.80 -24.87 -2.05
C GLU A 674 -26.69 -24.67 -1.06
N ARG A 675 -26.14 -23.46 -1.02
CA ARG A 675 -25.08 -23.19 -0.05
C ARG A 675 -25.61 -23.28 1.38
N GLN A 676 -26.86 -22.83 1.54
CA GLN A 676 -27.48 -22.72 2.84
C GLN A 676 -27.59 -24.07 3.52
N ALA A 677 -27.79 -25.12 2.73
CA ALA A 677 -27.80 -26.48 3.26
C ALA A 677 -26.46 -26.75 3.91
N ILE A 678 -25.39 -26.42 3.18
CA ILE A 678 -24.04 -26.67 3.62
C ILE A 678 -23.75 -25.96 4.94
N ASN A 679 -23.87 -24.65 4.92
CA ASN A 679 -23.55 -23.88 6.11
C ASN A 679 -24.43 -24.25 7.29
N THR A 680 -25.69 -24.58 7.03
CA THR A 680 -26.60 -24.90 8.11
C THR A 680 -26.17 -26.17 8.80
N ILE A 681 -25.87 -27.21 8.02
CA ILE A 681 -25.39 -28.44 8.66
C ILE A 681 -24.11 -28.18 9.46
N VAL A 682 -23.09 -27.61 8.82
CA VAL A 682 -21.82 -27.54 9.52
C VAL A 682 -21.82 -26.56 10.71
N GLN A 683 -22.29 -25.33 10.52
CA GLN A 683 -22.35 -24.34 11.60
C GLN A 683 -23.31 -24.77 12.69
N GLY A 684 -24.42 -25.38 12.29
CA GLY A 684 -25.42 -25.84 13.23
C GLY A 684 -24.81 -26.85 14.16
N SER A 685 -24.20 -27.90 13.60
CA SER A 685 -23.58 -28.92 14.44
C SER A 685 -22.41 -28.37 15.25
N ALA A 686 -21.72 -27.37 14.70
CA ALA A 686 -20.64 -26.69 15.42
C ALA A 686 -21.17 -26.11 16.72
N ALA A 687 -22.24 -25.35 16.57
CA ALA A 687 -22.90 -24.74 17.71
C ALA A 687 -23.44 -25.81 18.66
N ASP A 688 -23.81 -26.97 18.11
CA ASP A 688 -24.25 -28.07 18.94
C ASP A 688 -23.14 -28.61 19.85
N ILE A 689 -21.98 -28.89 19.26
CA ILE A 689 -20.82 -29.31 20.04
C ILE A 689 -20.50 -28.31 21.13
N VAL A 690 -20.49 -27.03 20.74
CA VAL A 690 -20.22 -25.97 21.68
C VAL A 690 -21.21 -25.96 22.86
N LYS A 691 -22.50 -26.07 22.56
CA LYS A 691 -23.49 -26.16 23.62
C LYS A 691 -23.16 -27.32 24.55
N ILE A 692 -22.87 -28.49 23.97
CA ILE A 692 -22.57 -29.68 24.74
C ILE A 692 -21.37 -29.49 25.68
N ALA A 693 -20.30 -28.89 25.15
CA ALA A 693 -19.12 -28.59 25.96
C ALA A 693 -19.52 -27.65 27.10
N THR A 694 -20.32 -26.64 26.79
CA THR A 694 -20.76 -25.71 27.84
C THR A 694 -21.48 -26.43 28.98
N VAL A 695 -22.49 -27.23 28.65
CA VAL A 695 -23.28 -27.88 29.69
C VAL A 695 -22.42 -28.91 30.45
N ASN A 696 -21.49 -29.55 29.76
CA ASN A 696 -20.58 -30.47 30.43
C ASN A 696 -19.75 -29.76 31.48
N ILE A 697 -19.06 -28.71 31.04
CA ILE A 697 -18.22 -27.89 31.91
C ILE A 697 -19.04 -27.41 33.09
N GLN A 698 -20.15 -26.75 32.83
CA GLN A 698 -20.94 -26.18 33.91
C GLN A 698 -21.53 -27.21 34.89
N LYS A 699 -22.02 -28.34 34.37
CA LYS A 699 -22.56 -29.38 35.25
C LYS A 699 -21.46 -29.97 36.12
N GLN A 700 -20.24 -30.06 35.60
CA GLN A 700 -19.14 -30.55 36.43
C GLN A 700 -18.80 -29.50 37.48
N LEU A 701 -18.66 -28.27 37.01
CA LEU A 701 -18.35 -27.10 37.84
C LEU A 701 -19.31 -27.00 39.01
N GLU A 702 -20.55 -27.41 38.75
CA GLU A 702 -21.65 -27.27 39.69
C GLU A 702 -21.36 -27.97 41.02
N THR A 703 -21.39 -29.29 41.04
CA THR A 703 -21.19 -30.03 42.30
C THR A 703 -19.71 -30.19 42.66
N PHE A 704 -18.82 -30.16 41.67
CA PHE A 704 -17.42 -30.52 41.96
C PHE A 704 -16.75 -29.57 42.92
N HIS A 705 -16.93 -28.28 42.70
CA HIS A 705 -16.48 -27.31 43.69
C HIS A 705 -17.62 -27.01 44.61
N SER A 706 -17.43 -27.23 45.91
CA SER A 706 -18.54 -26.91 46.78
C SER A 706 -18.26 -25.51 47.27
N THR A 707 -18.83 -24.57 46.54
CA THR A 707 -19.01 -23.20 46.97
C THR A 707 -20.45 -22.83 46.67
N PHE A 708 -20.68 -22.42 45.41
CA PHE A 708 -22.01 -22.21 44.83
C PHE A 708 -21.87 -21.79 43.36
N LYS A 709 -22.98 -21.33 42.80
CA LYS A 709 -23.20 -21.29 41.36
C LYS A 709 -22.78 -20.01 40.60
N SER A 710 -23.49 -18.91 40.81
CA SER A 710 -23.22 -17.68 40.04
C SER A 710 -23.70 -16.40 40.72
N HIS A 711 -23.24 -15.26 40.22
CA HIS A 711 -23.41 -13.94 40.85
C HIS A 711 -24.84 -13.53 41.26
N GLY A 712 -25.86 -14.06 40.58
CA GLY A 712 -27.23 -13.76 40.98
C GLY A 712 -27.52 -14.35 42.36
N HIS A 713 -26.90 -15.50 42.59
CA HIS A 713 -27.15 -16.26 43.81
C HIS A 713 -26.70 -15.57 45.10
N ARG A 714 -25.74 -14.65 45.02
CA ARG A 714 -25.36 -13.79 46.15
C ARG A 714 -26.55 -12.95 46.59
N GLU A 715 -27.14 -12.30 45.60
CA GLU A 715 -28.28 -11.43 45.81
C GLU A 715 -29.39 -12.28 46.41
N GLY A 716 -29.45 -13.53 45.92
CA GLY A 716 -30.34 -14.51 46.51
C GLY A 716 -30.03 -14.76 47.99
N MET A 717 -28.76 -14.69 48.37
CA MET A 717 -28.41 -14.83 49.78
C MET A 717 -28.97 -13.66 50.58
N LEU A 718 -28.89 -12.44 50.05
CA LEU A 718 -29.47 -11.33 50.82
C LEU A 718 -30.98 -11.50 50.99
N GLN A 719 -31.68 -11.98 49.96
CA GLN A 719 -33.13 -12.16 50.13
C GLN A 719 -33.55 -13.40 50.93
N SER A 720 -32.64 -14.37 51.09
CA SER A 720 -33.00 -15.60 51.79
C SER A 720 -33.09 -15.41 53.31
N ASP A 721 -32.42 -14.38 53.84
CA ASP A 721 -32.59 -14.00 55.25
C ASP A 721 -34.00 -13.46 55.49
N CYS A 736 -17.68 -12.87 53.62
CA CYS A 736 -17.57 -13.96 52.66
C CYS A 736 -16.35 -13.80 51.73
N PRO A 737 -15.84 -14.92 51.20
CA PRO A 737 -14.71 -14.99 50.25
C PRO A 737 -15.18 -15.00 48.80
N ILE A 738 -14.26 -15.07 47.83
CA ILE A 738 -14.63 -15.25 46.42
C ILE A 738 -13.86 -16.37 45.73
N ARG A 739 -14.51 -17.48 45.37
CA ARG A 739 -13.80 -18.56 44.69
C ARG A 739 -14.66 -19.37 43.71
N GLY A 740 -14.04 -19.77 42.60
CA GLY A 740 -14.71 -20.52 41.56
C GLY A 740 -14.18 -20.08 40.21
N GLY A 741 -14.94 -20.36 39.17
CA GLY A 741 -14.78 -19.65 37.92
C GLY A 741 -16.14 -19.70 37.29
N PHE A 742 -16.49 -18.68 36.49
CA PHE A 742 -17.88 -18.49 36.10
C PHE A 742 -18.11 -18.32 34.61
N PHE A 743 -19.22 -18.85 34.12
CA PHE A 743 -19.59 -18.76 32.70
C PHE A 743 -19.92 -17.32 32.37
N ILE A 744 -19.33 -16.83 31.29
CA ILE A 744 -19.43 -15.43 30.88
C ILE A 744 -20.02 -15.29 29.50
N LEU A 745 -19.42 -15.96 28.51
CA LEU A 745 -19.84 -15.73 27.14
C LEU A 745 -19.54 -16.91 26.21
N GLN A 746 -20.16 -16.95 25.03
CA GLN A 746 -19.71 -17.86 23.96
C GLN A 746 -19.56 -17.08 22.64
N LEU A 747 -18.37 -17.21 22.06
CA LEU A 747 -18.01 -16.68 20.74
C LEU A 747 -18.22 -17.72 19.65
N HIS A 748 -19.05 -18.69 19.99
CA HIS A 748 -19.62 -19.75 19.15
C HIS A 748 -18.70 -20.93 18.98
N ASP A 749 -17.40 -20.69 18.91
CA ASP A 749 -16.42 -21.75 19.11
C ASP A 749 -15.56 -21.49 20.32
N GLU A 750 -15.69 -20.28 20.85
CA GLU A 750 -14.93 -19.86 22.02
C GLU A 750 -15.80 -19.93 23.25
N LEU A 751 -15.26 -20.45 24.34
CA LEU A 751 -16.00 -20.50 25.59
C LEU A 751 -15.33 -19.60 26.60
N LEU A 752 -16.12 -18.68 27.13
CA LEU A 752 -15.61 -17.56 27.90
C LEU A 752 -15.99 -17.62 29.37
N TYR A 753 -14.95 -17.81 30.19
CA TYR A 753 -15.07 -17.91 31.64
C TYR A 753 -14.22 -16.84 32.32
N GLU A 754 -14.66 -16.36 33.48
CA GLU A 754 -13.74 -15.69 34.39
C GLU A 754 -13.56 -16.62 35.55
N VAL A 755 -12.33 -16.67 36.06
CA VAL A 755 -11.97 -17.62 37.08
C VAL A 755 -11.01 -17.00 38.06
N ALA A 756 -11.24 -17.23 39.35
CA ALA A 756 -10.38 -16.71 40.40
C ALA A 756 -8.96 -17.17 40.15
N GLU A 757 -7.97 -16.36 40.47
CA GLU A 757 -6.64 -16.85 40.17
C GLU A 757 -6.33 -17.68 41.39
N GLU A 758 -6.84 -18.91 41.32
CA GLU A 758 -6.61 -20.01 42.24
C GLU A 758 -6.72 -21.29 41.44
N ASP A 759 -7.95 -21.54 41.02
CA ASP A 759 -8.40 -22.80 40.45
C ASP A 759 -8.13 -22.80 38.95
N VAL A 760 -7.54 -21.72 38.45
CA VAL A 760 -7.38 -21.46 37.02
C VAL A 760 -6.78 -22.63 36.25
N VAL A 761 -5.87 -23.37 36.88
CA VAL A 761 -5.27 -24.52 36.23
C VAL A 761 -6.25 -25.70 36.18
N GLN A 762 -6.87 -25.98 37.33
CA GLN A 762 -7.91 -27.00 37.40
C GLN A 762 -9.00 -26.65 36.39
N VAL A 763 -9.47 -25.41 36.47
CA VAL A 763 -10.47 -24.87 35.56
C VAL A 763 -10.08 -25.12 34.11
N ALA A 764 -8.86 -24.74 33.75
CA ALA A 764 -8.37 -24.89 32.40
C ALA A 764 -8.39 -26.35 31.96
N GLN A 765 -7.82 -27.26 32.76
CA GLN A 765 -7.77 -28.66 32.33
C GLN A 765 -9.18 -29.26 32.23
N ILE A 766 -10.12 -28.80 33.06
CA ILE A 766 -11.52 -29.21 32.92
C ILE A 766 -12.14 -28.72 31.62
N VAL A 767 -11.88 -27.46 31.29
CA VAL A 767 -12.41 -26.87 30.07
C VAL A 767 -11.86 -27.59 28.83
N LYS A 768 -10.53 -27.71 28.77
CA LYS A 768 -9.86 -28.47 27.72
C LYS A 768 -10.50 -29.86 27.63
N ASN A 769 -10.63 -30.51 28.78
CA ASN A 769 -11.17 -31.86 28.84
C ASN A 769 -12.58 -31.99 28.28
N GLU A 770 -13.52 -31.20 28.78
CA GLU A 770 -14.90 -31.33 28.35
C GLU A 770 -15.13 -30.83 26.93
N MET A 771 -14.36 -29.82 26.49
CA MET A 771 -14.46 -29.39 25.11
C MET A 771 -13.94 -30.44 24.13
N GLU A 772 -12.88 -31.15 24.52
CA GLU A 772 -12.36 -32.21 23.67
C GLU A 772 -13.16 -33.51 23.85
N SER A 773 -13.86 -33.63 24.97
CA SER A 773 -14.61 -34.85 25.28
C SER A 773 -16.09 -34.84 24.88
N ALA A 774 -16.54 -33.81 24.18
CA ALA A 774 -17.95 -33.72 23.78
C ALA A 774 -18.42 -35.04 23.16
N VAL A 775 -17.95 -35.31 21.94
CA VAL A 775 -18.06 -36.63 21.32
C VAL A 775 -16.87 -36.88 20.40
N LYS A 776 -16.37 -38.13 20.37
CA LYS A 776 -15.23 -38.46 19.54
C LYS A 776 -15.60 -38.61 18.07
N LEU A 777 -14.66 -38.31 17.18
CA LEU A 777 -14.93 -38.28 15.74
C LEU A 777 -13.66 -38.47 14.92
N SER A 778 -13.77 -38.22 13.61
CA SER A 778 -12.71 -38.50 12.64
C SER A 778 -11.34 -37.92 12.96
N VAL A 779 -11.30 -36.80 13.70
CA VAL A 779 -10.03 -36.20 14.12
C VAL A 779 -10.12 -35.73 15.57
N LYS A 780 -8.96 -35.52 16.20
CA LYS A 780 -8.97 -34.94 17.54
C LYS A 780 -9.18 -33.44 17.40
N LEU A 781 -9.82 -32.83 18.38
CA LEU A 781 -10.08 -31.41 18.32
C LEU A 781 -9.09 -30.70 19.22
N LYS A 782 -8.08 -30.06 18.66
CA LYS A 782 -7.15 -29.36 19.54
C LYS A 782 -7.84 -28.11 20.02
N VAL A 783 -7.59 -27.76 21.27
CA VAL A 783 -8.21 -26.58 21.83
C VAL A 783 -7.11 -25.64 22.29
N LYS A 784 -7.02 -24.50 21.61
CA LYS A 784 -6.12 -23.45 22.04
C LYS A 784 -6.82 -22.79 23.20
N VAL A 785 -6.15 -22.65 24.34
CA VAL A 785 -6.78 -21.97 25.47
C VAL A 785 -5.99 -20.77 25.95
N LYS A 786 -6.50 -19.58 25.65
CA LYS A 786 -5.85 -18.34 26.08
C LYS A 786 -6.27 -18.01 27.51
N ILE A 787 -5.44 -17.26 28.22
CA ILE A 787 -5.71 -16.93 29.64
C ILE A 787 -5.05 -15.59 29.99
N GLY A 788 -5.58 -14.89 30.98
CA GLY A 788 -4.85 -13.72 31.48
C GLY A 788 -5.68 -12.61 32.07
N ALA A 789 -5.01 -11.55 32.50
CA ALA A 789 -5.73 -10.37 32.98
C ALA A 789 -6.46 -9.72 31.80
N SER A 790 -7.65 -9.18 32.08
CA SER A 790 -8.53 -8.52 31.09
C SER A 790 -8.91 -9.32 29.81
N TRP A 791 -9.13 -8.61 28.71
CA TRP A 791 -9.54 -9.16 27.41
C TRP A 791 -8.45 -9.18 26.33
N GLY A 792 -7.19 -8.97 26.68
CA GLY A 792 -6.18 -9.21 25.67
C GLY A 792 -5.02 -9.89 26.36
N GLU A 793 -4.43 -10.83 25.63
CA GLU A 793 -4.05 -12.07 26.31
C GLU A 793 -2.98 -12.96 25.68
N LEU A 794 -2.50 -13.88 26.51
CA LEU A 794 -1.49 -14.85 26.14
C LEU A 794 -1.97 -16.29 26.42
N LYS A 795 -1.38 -17.26 25.71
CA LYS A 795 -1.76 -18.67 25.81
C LYS A 795 -0.58 -19.66 25.83
N ASP A 796 -0.38 -20.37 26.93
CA ASP A 796 0.47 -21.57 26.91
C ASP A 796 0.20 -22.56 28.05
N PHE A 797 0.30 -23.86 27.79
CA PHE A 797 0.21 -24.92 28.82
C PHE A 797 0.98 -26.19 28.42
N ASP A 798 1.50 -26.94 29.39
CA ASP A 798 2.50 -27.99 29.10
C ASP A 798 2.19 -29.41 29.60
N VAL A 799 2.73 -30.42 28.90
CA VAL A 799 2.64 -31.81 29.35
C VAL A 799 4.01 -32.49 29.37
N SER B 33 -77.68 -27.82 -48.33
CA SER B 33 -76.91 -28.94 -48.85
C SER B 33 -75.99 -28.53 -49.99
N LEU B 34 -76.55 -27.89 -51.02
CA LEU B 34 -75.76 -27.45 -52.17
C LEU B 34 -76.26 -26.13 -52.78
N SER B 35 -75.33 -25.21 -53.07
CA SER B 35 -75.54 -24.26 -54.15
C SER B 35 -74.23 -23.98 -54.92
N ILE B 36 -74.17 -24.43 -56.17
CA ILE B 36 -73.13 -24.02 -57.12
C ILE B 36 -73.67 -23.94 -58.53
N ILE B 37 -72.92 -23.28 -59.40
CA ILE B 37 -73.28 -23.20 -60.81
C ILE B 37 -72.09 -23.42 -61.74
N ASP B 38 -72.17 -24.47 -62.55
CA ASP B 38 -71.33 -24.61 -63.73
C ASP B 38 -71.77 -23.54 -64.69
N VAL B 39 -70.89 -22.71 -65.22
CA VAL B 39 -71.43 -21.83 -66.24
C VAL B 39 -71.07 -22.37 -67.61
N ALA B 40 -71.91 -23.28 -68.08
CA ALA B 40 -72.07 -23.62 -69.47
C ALA B 40 -73.51 -24.11 -69.65
N SER B 41 -74.33 -23.38 -70.38
CA SER B 41 -75.46 -24.01 -71.02
C SER B 41 -75.58 -23.37 -72.38
N ASP B 42 -75.21 -24.11 -73.43
CA ASP B 42 -75.29 -23.54 -74.78
C ASP B 42 -74.70 -22.15 -74.70
N GLN B 43 -75.59 -21.17 -74.81
CA GLN B 43 -75.23 -19.77 -74.65
C GLN B 43 -75.92 -19.05 -73.48
N ASN B 44 -77.24 -18.93 -73.53
CA ASN B 44 -77.98 -17.91 -72.78
C ASN B 44 -77.61 -17.75 -71.28
N LEU B 45 -77.32 -18.88 -70.63
CA LEU B 45 -76.91 -18.90 -69.22
C LEU B 45 -75.61 -18.13 -69.02
N PHE B 46 -74.58 -18.53 -69.75
CA PHE B 46 -73.26 -17.87 -69.73
C PHE B 46 -73.38 -16.40 -70.07
N GLN B 47 -74.33 -16.08 -70.93
CA GLN B 47 -74.48 -14.72 -71.39
C GLN B 47 -75.07 -13.82 -70.32
N THR B 48 -76.14 -14.25 -69.66
CA THR B 48 -76.67 -13.43 -68.58
C THR B 48 -75.62 -13.39 -67.47
N PHE B 49 -74.81 -14.45 -67.38
CA PHE B 49 -73.67 -14.48 -66.45
C PHE B 49 -72.69 -13.33 -66.65
N ILE B 50 -72.05 -13.25 -67.82
CA ILE B 50 -71.09 -12.16 -68.06
C ILE B 50 -71.82 -10.82 -68.04
N LYS B 51 -73.12 -10.84 -68.33
CA LYS B 51 -73.90 -9.63 -68.36
C LYS B 51 -74.01 -9.00 -66.96
N GLU B 52 -74.27 -9.84 -65.96
CA GLU B 52 -74.20 -9.42 -64.56
C GLU B 52 -72.78 -9.09 -64.19
N TRP B 53 -71.88 -10.02 -64.53
CA TRP B 53 -70.49 -10.00 -64.11
C TRP B 53 -69.85 -8.64 -64.42
N ARG B 54 -70.01 -8.19 -65.66
CA ARG B 54 -69.42 -6.94 -66.14
C ARG B 54 -69.90 -5.76 -65.30
N CYS B 55 -71.10 -5.91 -64.75
CA CYS B 55 -71.72 -4.88 -63.94
C CYS B 55 -71.09 -4.69 -62.55
N LYS B 56 -70.61 -5.78 -61.96
CA LYS B 56 -70.19 -5.78 -60.57
C LYS B 56 -68.82 -5.13 -60.30
N LYS B 57 -68.73 -4.43 -59.18
CA LYS B 57 -67.49 -3.79 -58.74
C LYS B 57 -66.61 -4.78 -57.97
N ARG B 58 -67.02 -5.12 -56.76
CA ARG B 58 -66.28 -6.07 -55.93
C ARG B 58 -66.62 -7.52 -56.30
N PHE B 59 -65.59 -8.35 -56.46
CA PHE B 59 -65.81 -9.77 -56.71
C PHE B 59 -64.58 -10.61 -56.32
N SER B 60 -64.82 -11.92 -56.15
CA SER B 60 -63.81 -12.86 -55.65
C SER B 60 -63.48 -13.95 -56.66
N ILE B 61 -62.26 -14.45 -56.56
CA ILE B 61 -61.72 -15.39 -57.53
C ILE B 61 -60.88 -16.46 -56.85
N SER B 62 -61.02 -17.70 -57.29
CA SER B 62 -60.08 -18.75 -56.91
C SER B 62 -60.02 -19.83 -57.98
N LEU B 63 -58.87 -20.45 -58.16
CA LEU B 63 -58.75 -21.51 -59.16
C LEU B 63 -58.30 -22.82 -58.48
N ALA B 64 -58.17 -23.88 -59.27
CA ALA B 64 -57.77 -25.17 -58.73
C ALA B 64 -56.91 -25.96 -59.71
N CYS B 65 -56.26 -27.02 -59.25
CA CYS B 65 -55.52 -27.88 -60.17
C CYS B 65 -55.71 -29.39 -59.93
N GLU B 66 -54.95 -30.20 -60.67
CA GLU B 66 -55.01 -31.65 -60.53
C GLU B 66 -53.64 -32.32 -60.37
N LYS B 67 -52.80 -32.22 -61.37
CA LYS B 67 -51.54 -32.95 -61.39
C LYS B 67 -50.46 -32.22 -62.16
N ILE B 68 -49.41 -32.96 -62.52
CA ILE B 68 -48.36 -32.53 -63.45
C ILE B 68 -47.61 -31.25 -63.01
N ARG B 69 -46.60 -31.46 -62.19
CA ARG B 69 -45.73 -30.37 -61.78
C ARG B 69 -44.27 -30.83 -61.75
N ASP B 105 -43.27 -25.53 -63.52
CA ASP B 105 -44.52 -24.94 -63.96
C ASP B 105 -45.55 -25.99 -64.39
N ASP B 106 -46.79 -25.57 -64.60
CA ASP B 106 -47.84 -26.46 -65.12
C ASP B 106 -48.91 -25.73 -65.93
N THR B 107 -49.35 -26.35 -67.02
CA THR B 107 -50.47 -25.82 -67.80
C THR B 107 -51.76 -26.54 -67.52
N LEU B 108 -51.72 -27.57 -66.68
CA LEU B 108 -52.96 -28.30 -66.43
C LEU B 108 -53.63 -27.73 -65.19
N VAL B 109 -54.73 -27.02 -65.45
CA VAL B 109 -55.50 -26.29 -64.46
C VAL B 109 -56.95 -26.56 -64.79
N VAL B 110 -57.73 -27.03 -63.82
CA VAL B 110 -59.12 -27.36 -64.10
C VAL B 110 -59.85 -26.15 -64.63
N GLY B 111 -60.01 -25.13 -63.78
CA GLY B 111 -60.77 -23.97 -64.18
C GLY B 111 -60.89 -22.97 -63.05
N LEU B 112 -61.20 -21.73 -63.42
CA LEU B 112 -61.39 -20.66 -62.44
C LEU B 112 -62.79 -20.72 -61.82
N ALA B 113 -62.94 -20.08 -60.67
CA ALA B 113 -64.24 -19.90 -60.03
C ALA B 113 -64.36 -18.48 -59.49
N VAL B 114 -65.58 -17.96 -59.51
CA VAL B 114 -65.83 -16.57 -59.13
C VAL B 114 -67.05 -16.46 -58.24
N CYS B 115 -66.97 -15.62 -57.21
CA CYS B 115 -68.17 -15.26 -56.45
C CYS B 115 -68.15 -13.81 -55.96
N TRP B 116 -69.22 -13.07 -56.20
CA TRP B 116 -69.33 -11.74 -55.62
C TRP B 116 -70.25 -11.68 -54.38
N GLY B 117 -70.80 -12.83 -53.97
CA GLY B 117 -71.54 -12.89 -52.71
C GLY B 117 -72.59 -14.00 -52.61
N GLY B 118 -73.13 -14.20 -51.42
CA GLY B 118 -74.18 -15.18 -51.18
C GLY B 118 -73.70 -16.62 -51.15
N ARG B 119 -74.58 -17.50 -50.68
CA ARG B 119 -74.28 -18.94 -50.62
C ARG B 119 -73.96 -19.53 -51.99
N ASP B 120 -74.43 -18.85 -53.04
CA ASP B 120 -74.21 -19.24 -54.43
C ASP B 120 -72.78 -18.96 -54.88
N ALA B 121 -72.29 -19.73 -55.85
CA ALA B 121 -70.96 -19.50 -56.44
C ALA B 121 -70.89 -19.92 -57.92
N TYR B 122 -70.09 -19.23 -58.72
CA TYR B 122 -70.03 -19.48 -60.17
C TYR B 122 -68.76 -20.18 -60.61
N TYR B 123 -68.90 -21.20 -61.44
CA TYR B 123 -67.72 -21.91 -61.90
C TYR B 123 -67.44 -21.76 -63.39
N PHE B 124 -66.16 -21.62 -63.73
CA PHE B 124 -65.71 -21.36 -65.08
C PHE B 124 -64.71 -22.46 -65.47
N SER B 125 -65.19 -23.40 -66.29
CA SER B 125 -64.47 -24.62 -66.71
C SER B 125 -63.52 -24.39 -67.88
N LEU B 126 -62.54 -25.26 -68.04
CA LEU B 126 -61.66 -25.23 -69.22
C LEU B 126 -61.44 -26.60 -69.83
N LEU B 144 -74.21 -29.70 -66.72
CA LEU B 144 -73.07 -30.58 -66.52
C LEU B 144 -71.81 -30.12 -67.25
N ASP B 145 -71.60 -30.68 -68.44
CA ASP B 145 -70.45 -30.37 -69.27
C ASP B 145 -70.86 -30.12 -70.74
N PRO B 146 -71.58 -29.02 -71.01
CA PRO B 146 -72.07 -28.78 -72.37
C PRO B 146 -71.14 -27.97 -73.27
N SER B 147 -71.58 -27.76 -74.52
CA SER B 147 -70.77 -27.03 -75.49
C SER B 147 -71.50 -26.15 -76.49
N LEU B 148 -70.92 -24.98 -76.73
CA LEU B 148 -71.04 -24.29 -77.99
C LEU B 148 -69.65 -23.77 -78.32
N THR B 149 -69.24 -22.83 -77.47
CA THR B 149 -68.02 -22.04 -77.53
C THR B 149 -66.74 -22.75 -77.03
N LEU B 150 -65.57 -22.28 -77.46
CA LEU B 150 -64.30 -22.81 -76.93
C LEU B 150 -63.24 -21.77 -76.48
N LYS B 151 -62.62 -21.10 -77.44
CA LYS B 151 -61.60 -20.07 -77.18
C LYS B 151 -62.36 -18.84 -76.69
N ASP B 152 -63.63 -18.82 -77.11
CA ASP B 152 -64.54 -17.71 -76.90
C ASP B 152 -64.60 -17.31 -75.43
N ARG B 153 -64.85 -18.31 -74.58
CA ARG B 153 -65.01 -18.09 -73.16
C ARG B 153 -63.77 -17.40 -72.59
N MET B 154 -62.59 -17.81 -73.08
CA MET B 154 -61.33 -17.30 -72.58
C MET B 154 -61.20 -15.83 -72.94
N TRP B 155 -61.62 -15.49 -74.15
CA TRP B 155 -61.62 -14.08 -74.52
C TRP B 155 -62.52 -13.32 -73.57
N TYR B 156 -63.71 -13.88 -73.29
CA TYR B 156 -64.64 -13.24 -72.37
C TYR B 156 -64.02 -12.97 -71.01
N LEU B 157 -63.34 -13.97 -70.46
CA LEU B 157 -62.67 -13.84 -69.18
C LEU B 157 -61.67 -12.69 -69.23
N GLN B 158 -60.82 -12.67 -70.25
CA GLN B 158 -59.87 -11.57 -70.41
C GLN B 158 -60.58 -10.23 -70.34
N SER B 159 -61.60 -10.07 -71.18
CA SER B 159 -62.35 -8.81 -71.26
C SER B 159 -62.88 -8.38 -69.91
N CYS B 160 -63.33 -9.36 -69.14
CA CYS B 160 -63.92 -9.12 -67.84
C CYS B 160 -62.86 -8.72 -66.80
N LEU B 161 -61.66 -9.29 -66.91
CA LEU B 161 -60.66 -9.15 -65.86
C LEU B 161 -59.78 -7.91 -65.96
N ARG B 162 -59.96 -7.08 -66.98
CA ARG B 162 -59.16 -5.86 -67.00
C ARG B 162 -59.92 -4.57 -67.33
N LYS B 163 -60.13 -3.71 -66.33
CA LYS B 163 -59.89 -2.27 -66.43
C LYS B 163 -59.93 -1.74 -67.86
N GLU B 164 -61.08 -1.73 -68.53
CA GLU B 164 -61.12 -1.15 -69.88
C GLU B 164 -60.52 0.25 -69.85
N SER B 165 -61.14 1.12 -69.06
CA SER B 165 -60.66 2.47 -68.78
C SER B 165 -61.65 3.05 -67.81
N ASP B 166 -61.20 4.00 -66.98
CA ASP B 166 -62.09 4.85 -66.20
C ASP B 166 -62.95 4.03 -65.23
N LYS B 167 -62.95 2.72 -65.45
CA LYS B 167 -63.82 1.81 -64.74
C LYS B 167 -62.99 1.00 -63.78
N GLU B 168 -63.24 1.22 -62.50
CA GLU B 168 -62.32 0.83 -61.46
C GLU B 168 -63.01 -0.14 -60.51
N CYS B 169 -62.60 -1.40 -60.59
CA CYS B 169 -63.16 -2.44 -59.76
C CYS B 169 -62.02 -3.19 -59.10
N SER B 170 -62.31 -3.93 -58.03
CA SER B 170 -61.27 -4.60 -57.28
C SER B 170 -61.53 -6.09 -57.15
N VAL B 171 -60.50 -6.85 -56.83
CA VAL B 171 -60.58 -8.31 -56.86
C VAL B 171 -59.74 -8.99 -55.78
N VAL B 172 -60.25 -10.10 -55.25
CA VAL B 172 -59.65 -10.78 -54.10
C VAL B 172 -59.33 -12.26 -54.34
N ILE B 173 -58.18 -12.70 -53.83
CA ILE B 173 -57.69 -14.08 -53.91
C ILE B 173 -56.96 -14.34 -52.59
N TYR B 174 -56.89 -15.59 -52.11
CA TYR B 174 -56.28 -15.87 -50.80
C TYR B 174 -54.89 -15.31 -50.77
N ASP B 175 -54.00 -15.96 -51.51
CA ASP B 175 -52.75 -15.29 -51.73
C ASP B 175 -52.84 -14.72 -53.12
N PHE B 176 -51.76 -14.12 -53.56
CA PHE B 176 -51.85 -13.28 -54.73
C PHE B 176 -50.82 -13.68 -55.77
N ILE B 177 -49.56 -13.46 -55.41
CA ILE B 177 -48.45 -13.46 -56.34
C ILE B 177 -48.42 -14.75 -57.16
N GLN B 178 -48.76 -15.89 -56.54
CA GLN B 178 -48.70 -17.16 -57.24
C GLN B 178 -49.93 -17.37 -58.12
N SER B 179 -51.07 -16.82 -57.71
CA SER B 179 -52.28 -16.91 -58.52
C SER B 179 -52.09 -16.11 -59.82
N TYR B 180 -51.53 -14.91 -59.69
CA TYR B 180 -51.20 -14.08 -60.84
C TYR B 180 -50.12 -14.76 -61.66
N LYS B 181 -49.20 -15.43 -60.97
CA LYS B 181 -48.20 -16.26 -61.64
C LYS B 181 -48.87 -17.24 -62.57
N ILE B 182 -49.96 -17.85 -62.12
CA ILE B 182 -50.66 -18.81 -62.95
C ILE B 182 -51.42 -18.17 -64.10
N LEU B 183 -52.21 -17.14 -63.79
CA LEU B 183 -53.00 -16.49 -64.85
C LEU B 183 -52.12 -15.99 -65.98
N LEU B 184 -50.96 -15.46 -65.63
CA LEU B 184 -50.01 -15.03 -66.65
C LEU B 184 -49.28 -16.20 -67.33
N LEU B 185 -48.67 -17.06 -66.55
CA LEU B 185 -47.81 -18.10 -67.13
C LEU B 185 -48.56 -19.31 -67.66
N SER B 186 -49.53 -19.81 -66.91
CA SER B 186 -50.21 -21.01 -67.34
C SER B 186 -51.14 -20.71 -68.51
N CYS B 187 -52.09 -19.81 -68.32
CA CYS B 187 -53.05 -19.48 -69.39
C CYS B 187 -52.87 -18.13 -70.10
N GLY B 188 -51.91 -17.32 -69.66
CA GLY B 188 -51.56 -16.13 -70.44
C GLY B 188 -52.52 -14.96 -70.33
N ILE B 189 -53.15 -14.82 -69.17
CA ILE B 189 -53.95 -13.63 -68.91
C ILE B 189 -53.24 -12.74 -67.92
N SER B 190 -52.87 -11.55 -68.38
CA SER B 190 -52.23 -10.64 -67.46
C SER B 190 -53.37 -9.89 -66.86
N LEU B 191 -53.64 -10.22 -65.61
CA LEU B 191 -54.69 -9.58 -64.86
C LEU B 191 -54.27 -8.17 -64.53
N GLU B 192 -55.03 -7.17 -64.95
CA GLU B 192 -54.76 -5.85 -64.42
C GLU B 192 -56.03 -5.13 -63.98
N GLN B 193 -56.12 -4.94 -62.67
CA GLN B 193 -57.17 -4.15 -62.01
C GLN B 193 -56.70 -3.88 -60.59
N SER B 194 -57.54 -3.25 -59.78
CA SER B 194 -57.22 -3.04 -58.38
C SER B 194 -57.25 -4.36 -57.62
N TYR B 195 -56.35 -4.52 -56.65
CA TYR B 195 -56.20 -5.80 -55.98
C TYR B 195 -56.37 -5.74 -54.45
N GLU B 196 -56.96 -6.80 -53.91
CA GLU B 196 -57.07 -6.99 -52.47
C GLU B 196 -56.72 -8.42 -52.07
N ASP B 197 -55.67 -8.58 -51.27
CA ASP B 197 -55.25 -9.89 -50.83
C ASP B 197 -55.42 -9.98 -49.31
N PRO B 198 -56.39 -10.79 -48.86
CA PRO B 198 -56.84 -10.84 -47.46
C PRO B 198 -55.76 -11.31 -46.49
N LYS B 199 -54.90 -12.26 -46.84
CA LYS B 199 -53.91 -12.71 -45.88
C LYS B 199 -52.99 -11.55 -45.53
N VAL B 200 -52.84 -10.62 -46.48
CA VAL B 200 -52.08 -9.40 -46.25
C VAL B 200 -52.80 -8.42 -45.33
N ALA B 201 -54.13 -8.32 -45.44
CA ALA B 201 -54.89 -7.47 -44.53
C ALA B 201 -54.74 -8.03 -43.12
N CYS B 202 -54.95 -9.35 -43.04
CA CYS B 202 -54.84 -10.14 -41.84
C CYS B 202 -53.49 -9.86 -41.20
N TRP B 203 -52.44 -9.80 -42.02
CA TRP B 203 -51.09 -9.44 -41.55
C TRP B 203 -51.00 -7.99 -41.08
N LEU B 204 -51.64 -7.08 -41.80
CA LEU B 204 -51.53 -5.64 -41.56
C LEU B 204 -52.04 -5.37 -40.16
N LEU B 205 -52.96 -6.22 -39.73
CA LEU B 205 -53.46 -6.18 -38.37
C LEU B 205 -52.39 -6.62 -37.37
N ASP B 206 -51.81 -7.79 -37.58
CA ASP B 206 -50.89 -8.37 -36.61
C ASP B 206 -49.57 -8.80 -37.26
N PRO B 207 -48.62 -7.87 -37.38
CA PRO B 207 -47.31 -8.19 -37.96
C PRO B 207 -46.64 -9.37 -37.25
N ASP B 208 -46.98 -9.58 -35.99
CA ASP B 208 -46.44 -10.71 -35.23
C ASP B 208 -47.21 -12.00 -35.48
N SER B 209 -48.37 -11.92 -36.13
CA SER B 209 -49.15 -13.12 -36.41
C SER B 209 -48.37 -14.13 -37.25
N GLN B 210 -48.66 -15.42 -37.05
CA GLN B 210 -48.00 -16.44 -37.82
C GLN B 210 -48.86 -16.79 -39.03
N GLU B 211 -48.42 -16.38 -40.21
CA GLU B 211 -48.81 -16.97 -41.49
C GLU B 211 -50.27 -17.43 -41.58
N PRO B 212 -51.21 -16.48 -41.71
CA PRO B 212 -52.64 -16.79 -41.69
C PRO B 212 -52.97 -17.88 -42.69
N THR B 213 -53.96 -18.69 -42.37
CA THR B 213 -54.38 -19.75 -43.26
C THR B 213 -55.88 -19.64 -43.40
N LEU B 214 -56.45 -20.33 -44.38
CA LEU B 214 -57.88 -20.22 -44.65
C LEU B 214 -58.67 -20.53 -43.40
N HIS B 215 -58.43 -21.71 -42.84
CA HIS B 215 -59.18 -22.15 -41.67
C HIS B 215 -59.01 -21.14 -40.55
N SER B 216 -57.79 -20.62 -40.40
CA SER B 216 -57.52 -19.63 -39.37
C SER B 216 -58.37 -18.37 -39.59
N ILE B 217 -58.50 -17.96 -40.84
CA ILE B 217 -59.22 -16.73 -41.18
C ILE B 217 -60.74 -16.90 -41.04
N VAL B 218 -61.29 -17.94 -41.65
CA VAL B 218 -62.73 -18.21 -41.55
C VAL B 218 -63.09 -18.46 -40.09
N THR B 219 -62.15 -18.98 -39.32
CA THR B 219 -62.33 -19.15 -37.88
C THR B 219 -62.41 -17.81 -37.18
N SER B 220 -61.46 -16.94 -37.51
CA SER B 220 -61.29 -15.67 -36.80
C SER B 220 -62.25 -14.63 -37.35
N PHE B 221 -62.82 -14.90 -38.51
CA PHE B 221 -63.53 -13.88 -39.30
C PHE B 221 -64.92 -14.32 -39.75
N LEU B 222 -65.03 -15.49 -40.40
CA LEU B 222 -66.33 -15.95 -40.90
C LEU B 222 -66.84 -17.21 -40.19
N PRO B 223 -67.34 -17.06 -38.94
CA PRO B 223 -67.70 -18.19 -38.09
C PRO B 223 -68.85 -19.09 -38.57
N HIS B 224 -70.00 -18.53 -38.93
CA HIS B 224 -71.18 -19.36 -39.10
C HIS B 224 -71.04 -20.20 -40.37
N GLU B 225 -70.15 -19.75 -41.26
CA GLU B 225 -69.88 -20.47 -42.51
C GLU B 225 -68.82 -21.56 -42.38
N LEU B 226 -68.10 -21.59 -41.26
CA LEU B 226 -66.89 -22.43 -41.15
C LEU B 226 -67.03 -23.97 -41.32
N PRO B 227 -68.07 -24.61 -40.72
CA PRO B 227 -67.99 -26.06 -40.51
C PRO B 227 -67.74 -26.85 -41.79
N LEU B 228 -68.26 -26.33 -42.89
CA LEU B 228 -68.16 -27.01 -44.17
C LEU B 228 -66.71 -27.25 -44.60
N LEU B 229 -65.86 -26.23 -44.41
CA LEU B 229 -64.45 -26.33 -44.78
C LEU B 229 -63.82 -27.55 -44.12
N GLU B 230 -64.37 -27.95 -42.97
CA GLU B 230 -63.80 -29.02 -42.18
C GLU B 230 -63.96 -30.39 -42.83
N GLY B 231 -64.64 -30.46 -43.98
CA GLY B 231 -64.67 -31.70 -44.74
C GLY B 231 -63.37 -32.03 -45.44
N MET B 232 -62.42 -31.10 -45.40
CA MET B 232 -61.23 -31.15 -46.27
C MET B 232 -59.94 -31.39 -45.51
N GLU B 233 -59.63 -30.51 -44.56
CA GLU B 233 -58.35 -30.49 -43.85
C GLU B 233 -57.16 -30.15 -44.76
N THR B 234 -57.13 -28.92 -45.28
CA THR B 234 -55.89 -28.31 -45.73
C THR B 234 -55.86 -26.80 -45.47
N SER B 235 -54.83 -26.30 -44.80
CA SER B 235 -54.52 -24.88 -44.88
C SER B 235 -53.01 -24.55 -44.87
N GLN B 236 -52.48 -24.15 -46.02
CA GLN B 236 -51.18 -23.49 -46.12
C GLN B 236 -51.24 -22.40 -47.20
N GLY B 237 -51.40 -22.84 -48.45
CA GLY B 237 -51.63 -21.97 -49.60
C GLY B 237 -53.09 -22.07 -50.01
N ILE B 238 -53.41 -21.71 -51.26
CA ILE B 238 -54.81 -21.71 -51.68
C ILE B 238 -55.38 -23.11 -51.83
N GLN B 239 -56.59 -23.23 -52.34
CA GLN B 239 -57.21 -24.54 -52.52
C GLN B 239 -56.70 -25.31 -53.73
N SER B 240 -56.03 -24.62 -54.66
CA SER B 240 -55.35 -25.31 -55.76
C SER B 240 -54.10 -26.00 -55.21
N LEU B 241 -53.32 -25.25 -54.44
CA LEU B 241 -52.07 -25.74 -53.86
C LEU B 241 -52.32 -26.87 -52.88
N GLY B 242 -53.53 -26.90 -52.33
CA GLY B 242 -53.96 -27.93 -51.39
C GLY B 242 -54.57 -29.12 -52.12
N LEU B 243 -54.14 -29.28 -53.36
CA LEU B 243 -54.71 -30.28 -54.27
C LEU B 243 -54.72 -31.74 -53.78
N ASN B 244 -53.80 -32.12 -52.90
CA ASN B 244 -53.74 -33.49 -52.42
C ASN B 244 -54.85 -33.86 -51.42
N ALA B 245 -54.95 -33.07 -50.36
CA ALA B 245 -55.98 -33.30 -49.36
C ALA B 245 -57.33 -32.93 -49.94
N GLY B 246 -57.30 -32.06 -50.94
CA GLY B 246 -58.48 -31.72 -51.69
C GLY B 246 -58.79 -32.75 -52.75
N SER B 247 -57.82 -33.59 -53.10
CA SER B 247 -57.96 -34.50 -54.23
C SER B 247 -59.20 -35.38 -54.14
N GLU B 248 -59.62 -35.65 -52.92
CA GLU B 248 -60.85 -36.38 -52.67
C GLU B 248 -62.05 -35.46 -52.91
N HIS B 249 -61.87 -34.18 -52.58
CA HIS B 249 -62.87 -33.15 -52.83
C HIS B 249 -62.58 -32.30 -54.08
N SER B 250 -61.47 -32.57 -54.74
CA SER B 250 -60.90 -31.65 -55.74
C SER B 250 -61.79 -31.41 -56.93
N GLY B 251 -61.76 -30.18 -57.42
CA GLY B 251 -62.49 -29.84 -58.62
C GLY B 251 -62.94 -28.41 -58.49
N ARG B 252 -64.07 -28.15 -59.15
CA ARG B 252 -64.83 -26.92 -58.99
C ARG B 252 -65.09 -26.61 -57.51
N TYR B 253 -65.16 -27.66 -56.69
CA TYR B 253 -65.48 -27.56 -55.27
C TYR B 253 -64.53 -26.64 -54.51
N ARG B 254 -63.24 -26.93 -54.59
CA ARG B 254 -62.22 -26.17 -53.89
C ARG B 254 -62.17 -24.71 -54.32
N ALA B 255 -62.14 -24.47 -55.63
CA ALA B 255 -62.06 -23.12 -56.16
C ALA B 255 -63.31 -22.32 -55.78
N SER B 256 -64.46 -22.98 -55.79
CA SER B 256 -65.73 -22.32 -55.46
C SER B 256 -65.74 -21.90 -54.00
N VAL B 257 -65.47 -22.86 -53.12
CA VAL B 257 -65.53 -22.60 -51.68
C VAL B 257 -64.52 -21.54 -51.29
N GLU B 258 -63.32 -21.62 -51.89
CA GLU B 258 -62.30 -20.64 -51.59
C GLU B 258 -62.77 -19.26 -52.05
N SER B 259 -63.35 -19.21 -53.24
CA SER B 259 -63.85 -17.97 -53.82
C SER B 259 -64.79 -17.28 -52.85
N ILE B 260 -65.90 -17.96 -52.54
CA ILE B 260 -66.96 -17.39 -51.71
C ILE B 260 -66.49 -17.04 -50.27
N LEU B 261 -65.80 -17.98 -49.61
CA LEU B 261 -65.26 -17.71 -48.28
C LEU B 261 -64.41 -16.46 -48.28
N ILE B 262 -63.46 -16.42 -49.22
CA ILE B 262 -62.57 -15.28 -49.40
C ILE B 262 -63.37 -14.01 -49.58
N PHE B 263 -64.47 -14.10 -50.31
CA PHE B 263 -65.21 -12.87 -50.58
C PHE B 263 -65.83 -12.30 -49.32
N ASN B 264 -66.65 -13.10 -48.66
CA ASN B 264 -67.33 -12.60 -47.46
C ASN B 264 -66.33 -12.16 -46.41
N SER B 265 -65.34 -13.01 -46.20
CA SER B 265 -64.32 -12.76 -45.19
C SER B 265 -63.61 -11.45 -45.49
N MET B 266 -63.18 -11.26 -46.74
CA MET B 266 -62.45 -10.05 -47.10
C MET B 266 -63.35 -8.83 -46.95
N ASN B 267 -64.65 -9.01 -47.08
CA ASN B 267 -65.57 -7.92 -46.77
C ASN B 267 -65.44 -7.58 -45.29
N GLN B 268 -65.41 -8.60 -44.44
CA GLN B 268 -65.18 -8.37 -43.02
C GLN B 268 -63.81 -7.71 -42.73
N LEU B 269 -62.74 -8.22 -43.35
CA LEU B 269 -61.41 -7.65 -43.11
C LEU B 269 -61.33 -6.20 -43.52
N ASN B 270 -61.81 -5.89 -44.71
CA ASN B 270 -61.77 -4.53 -45.19
C ASN B 270 -62.62 -3.63 -44.28
N SER B 271 -63.71 -4.19 -43.77
CA SER B 271 -64.50 -3.48 -42.76
C SER B 271 -63.64 -3.13 -41.56
N LEU B 272 -62.80 -4.07 -41.15
CA LEU B 272 -61.92 -3.88 -40.00
C LEU B 272 -60.83 -2.83 -40.27
N LEU B 273 -60.25 -2.87 -41.46
CA LEU B 273 -59.19 -1.95 -41.83
C LEU B 273 -59.71 -0.52 -41.91
N GLN B 274 -60.91 -0.35 -42.47
CA GLN B 274 -61.55 0.96 -42.50
C GLN B 274 -62.02 1.37 -41.10
N LYS B 275 -62.23 0.40 -40.22
CA LYS B 275 -62.66 0.71 -38.86
C LYS B 275 -61.50 1.41 -38.14
N GLU B 276 -60.32 1.30 -38.75
CA GLU B 276 -59.15 2.07 -38.40
C GLU B 276 -58.84 2.94 -39.61
N ASN B 277 -57.79 3.75 -39.56
CA ASN B 277 -57.46 4.57 -40.71
C ASN B 277 -56.45 3.82 -41.57
N LEU B 278 -56.31 2.53 -41.28
CA LEU B 278 -55.49 1.64 -42.11
C LEU B 278 -55.94 1.27 -43.53
N GLN B 279 -57.18 1.55 -43.93
CA GLN B 279 -57.63 1.02 -45.22
C GLN B 279 -56.86 1.66 -46.37
N ASP B 280 -56.71 2.98 -46.30
CA ASP B 280 -55.92 3.71 -47.27
C ASP B 280 -54.53 3.11 -47.36
N VAL B 281 -54.00 2.74 -46.20
CA VAL B 281 -52.67 2.16 -46.10
C VAL B 281 -52.64 0.77 -46.71
N PHE B 282 -53.77 0.09 -46.65
CA PHE B 282 -53.87 -1.25 -47.21
C PHE B 282 -53.98 -1.24 -48.72
N ARG B 283 -55.12 -0.78 -49.22
CA ARG B 283 -55.44 -0.87 -50.63
C ARG B 283 -54.52 0.03 -51.46
N LYS B 284 -54.21 1.19 -50.92
CA LYS B 284 -53.44 2.17 -51.68
C LYS B 284 -51.92 2.11 -51.43
N VAL B 285 -51.43 1.17 -50.62
CA VAL B 285 -49.96 0.98 -50.49
C VAL B 285 -49.47 -0.48 -50.62
N GLU B 286 -49.83 -1.35 -49.69
CA GLU B 286 -49.16 -2.64 -49.60
C GLU B 286 -49.63 -3.71 -50.59
N MET B 287 -50.91 -3.72 -50.91
CA MET B 287 -51.37 -4.59 -51.98
C MET B 287 -50.54 -4.32 -53.25
N PRO B 288 -50.35 -3.03 -53.63
CA PRO B 288 -49.41 -2.67 -54.69
C PRO B 288 -48.01 -3.28 -54.49
N SER B 289 -47.57 -3.38 -53.23
CA SER B 289 -46.29 -4.01 -52.92
C SER B 289 -46.35 -5.47 -53.35
N GLN B 290 -47.39 -6.19 -52.94
CA GLN B 290 -47.55 -7.59 -53.33
C GLN B 290 -47.52 -7.75 -54.84
N TYR B 291 -48.16 -6.81 -55.55
CA TYR B 291 -48.17 -6.81 -57.01
C TYR B 291 -46.77 -6.73 -57.59
N CYS B 292 -46.05 -5.67 -57.23
CA CYS B 292 -44.72 -5.41 -57.74
C CYS B 292 -43.81 -6.59 -57.42
N LEU B 293 -43.90 -7.06 -56.18
CA LEU B 293 -43.16 -8.23 -55.71
C LEU B 293 -43.45 -9.46 -56.55
N ALA B 294 -44.68 -9.56 -57.00
CA ALA B 294 -45.12 -10.69 -57.80
C ALA B 294 -44.45 -10.64 -59.16
N LEU B 295 -44.52 -9.48 -59.81
CA LEU B 295 -43.95 -9.39 -61.15
C LEU B 295 -42.42 -9.51 -61.07
N LEU B 296 -41.81 -9.13 -59.93
CA LEU B 296 -40.41 -9.50 -59.66
C LEU B 296 -40.26 -10.99 -59.69
N GLU B 297 -41.04 -11.63 -58.83
CA GLU B 297 -40.88 -13.04 -58.53
C GLU B 297 -41.03 -13.82 -59.83
N LEU B 298 -41.70 -13.20 -60.80
CA LEU B 298 -41.70 -13.66 -62.18
C LEU B 298 -40.43 -13.32 -62.95
N ASN B 299 -39.91 -12.10 -62.74
CA ASN B 299 -38.66 -11.68 -63.38
C ASN B 299 -37.52 -12.64 -63.12
N GLY B 300 -37.40 -13.11 -61.88
CA GLY B 300 -36.30 -13.99 -61.51
C GLY B 300 -35.06 -13.12 -61.42
N ILE B 301 -33.89 -13.76 -61.49
CA ILE B 301 -32.63 -13.01 -61.53
C ILE B 301 -31.49 -13.79 -62.22
N GLY B 302 -30.61 -13.08 -62.94
CA GLY B 302 -29.63 -13.70 -63.84
C GLY B 302 -28.46 -14.32 -63.12
N PHE B 303 -27.94 -15.41 -63.68
CA PHE B 303 -26.90 -16.18 -63.00
C PHE B 303 -25.89 -16.80 -63.97
N SER B 304 -24.64 -16.96 -63.54
CA SER B 304 -23.63 -17.63 -64.36
C SER B 304 -22.91 -18.78 -63.64
N THR B 305 -23.17 -19.99 -64.10
CA THR B 305 -22.63 -21.21 -63.49
C THR B 305 -21.11 -21.32 -63.65
N ALA B 306 -20.56 -20.70 -64.69
CA ALA B 306 -19.13 -20.76 -64.92
C ALA B 306 -18.38 -20.14 -63.73
N GLU B 307 -18.88 -19.00 -63.27
CA GLU B 307 -18.32 -18.30 -62.11
C GLU B 307 -18.54 -19.10 -60.83
N CYS B 308 -19.76 -19.60 -60.69
CA CYS B 308 -20.16 -20.39 -59.53
C CYS B 308 -19.26 -21.61 -59.34
N GLU B 309 -18.98 -22.30 -60.44
CA GLU B 309 -18.18 -23.52 -60.42
C GLU B 309 -16.68 -23.23 -60.39
N SER B 310 -16.28 -22.09 -60.95
CA SER B 310 -14.90 -21.64 -60.86
C SER B 310 -14.52 -21.41 -59.40
N GLN B 311 -15.27 -20.53 -58.75
CA GLN B 311 -15.04 -20.24 -57.35
C GLN B 311 -15.40 -21.44 -56.48
N LYS B 312 -16.24 -22.33 -57.02
CA LYS B 312 -16.53 -23.61 -56.39
C LYS B 312 -15.24 -24.38 -56.21
N HIS B 313 -14.52 -24.58 -57.30
CA HIS B 313 -13.27 -25.34 -57.25
C HIS B 313 -12.18 -24.59 -56.45
N ILE B 314 -12.19 -23.26 -56.52
CA ILE B 314 -11.33 -22.46 -55.62
C ILE B 314 -11.58 -22.83 -54.15
N MET B 315 -12.85 -22.81 -53.77
CA MET B 315 -13.25 -23.11 -52.39
C MET B 315 -12.97 -24.54 -51.99
N GLN B 316 -13.08 -25.49 -52.92
CA GLN B 316 -12.73 -26.88 -52.60
C GLN B 316 -11.23 -26.95 -52.29
N ALA B 317 -10.46 -26.21 -53.09
CA ALA B 317 -9.02 -26.13 -52.88
C ALA B 317 -8.70 -25.63 -51.46
N LYS B 318 -9.30 -24.51 -51.09
CA LYS B 318 -9.03 -23.95 -49.75
C LYS B 318 -9.54 -24.88 -48.64
N LEU B 319 -10.62 -25.60 -48.94
CA LEU B 319 -11.19 -26.58 -48.02
C LEU B 319 -10.18 -27.64 -47.60
N ASP B 320 -9.73 -28.46 -48.55
CA ASP B 320 -8.80 -29.53 -48.19
C ASP B 320 -7.43 -28.99 -47.77
N ALA B 321 -7.01 -27.88 -48.38
CA ALA B 321 -5.73 -27.29 -48.01
C ALA B 321 -5.70 -26.84 -46.55
N ILE B 322 -6.82 -26.32 -46.07
CA ILE B 322 -6.93 -25.93 -44.67
C ILE B 322 -7.11 -27.15 -43.77
N GLU B 323 -7.67 -28.23 -44.32
CA GLU B 323 -7.70 -29.48 -43.58
C GLU B 323 -6.26 -29.93 -43.26
N THR B 324 -5.40 -29.94 -44.28
CA THR B 324 -4.02 -30.30 -44.02
C THR B 324 -3.23 -29.26 -43.21
N GLN B 325 -3.54 -27.98 -43.39
CA GLN B 325 -2.91 -26.93 -42.58
C GLN B 325 -3.24 -27.10 -41.11
N ALA B 326 -4.44 -27.59 -40.83
CA ALA B 326 -4.86 -27.86 -39.47
C ALA B 326 -4.10 -29.03 -38.91
N TYR B 327 -4.02 -30.09 -39.71
CA TYR B 327 -3.45 -31.33 -39.19
C TYR B 327 -1.93 -31.38 -39.30
N GLN B 328 -1.32 -30.29 -39.76
CA GLN B 328 0.12 -30.15 -39.65
C GLN B 328 0.53 -30.01 -38.18
N LEU B 329 -0.35 -29.44 -37.37
CA LEU B 329 -0.05 -29.33 -35.94
C LEU B 329 -0.23 -30.68 -35.24
N ALA B 330 -1.40 -31.29 -35.41
CA ALA B 330 -1.51 -32.69 -35.02
C ALA B 330 -2.27 -33.54 -36.03
N GLY B 331 -3.59 -33.37 -35.96
CA GLY B 331 -4.60 -34.15 -36.64
C GLY B 331 -4.77 -35.42 -35.83
N HIS B 332 -6.01 -35.77 -35.51
CA HIS B 332 -6.34 -37.10 -35.03
C HIS B 332 -7.80 -37.44 -35.40
N SER B 333 -8.01 -38.20 -36.47
CA SER B 333 -9.35 -38.71 -36.84
C SER B 333 -10.56 -37.72 -37.00
N PHE B 334 -10.38 -36.41 -36.83
CA PHE B 334 -11.49 -35.43 -36.64
C PHE B 334 -12.40 -34.96 -37.81
N SER B 335 -13.58 -34.42 -37.45
CA SER B 335 -14.45 -33.66 -38.36
C SER B 335 -15.08 -32.40 -37.71
N PHE B 336 -15.00 -31.28 -38.45
CA PHE B 336 -15.44 -29.96 -38.00
C PHE B 336 -16.94 -29.80 -37.75
N THR B 337 -17.73 -30.58 -38.46
CA THR B 337 -19.18 -30.39 -38.49
C THR B 337 -19.84 -30.49 -37.13
N SER B 338 -19.33 -31.38 -36.28
CA SER B 338 -19.91 -31.60 -34.97
C SER B 338 -19.21 -30.73 -33.93
N SER B 339 -19.99 -29.89 -33.27
CA SER B 339 -19.44 -29.01 -32.23
C SER B 339 -19.01 -29.81 -31.00
N ASP B 340 -19.72 -30.90 -30.71
CA ASP B 340 -19.36 -31.79 -29.59
C ASP B 340 -18.11 -32.61 -29.88
N ASP B 341 -17.90 -32.93 -31.15
CA ASP B 341 -16.69 -33.59 -31.59
C ASP B 341 -15.52 -32.63 -31.38
N ILE B 342 -15.80 -31.34 -31.57
CA ILE B 342 -14.82 -30.27 -31.34
C ILE B 342 -14.54 -30.08 -29.86
N ALA B 343 -15.55 -30.34 -29.02
CA ALA B 343 -15.39 -30.23 -27.57
C ALA B 343 -14.19 -31.02 -27.06
N GLU B 344 -13.95 -32.18 -27.65
CA GLU B 344 -12.81 -33.02 -27.29
C GLU B 344 -11.49 -32.23 -27.35
N VAL B 345 -11.03 -31.92 -28.55
CA VAL B 345 -9.71 -31.31 -28.69
C VAL B 345 -9.67 -29.85 -28.21
N LEU B 346 -10.76 -29.12 -28.40
CA LEU B 346 -10.79 -27.73 -27.94
C LEU B 346 -10.73 -27.62 -26.44
N PHE B 347 -11.65 -28.30 -25.75
CA PHE B 347 -11.64 -28.21 -24.30
C PHE B 347 -10.40 -28.90 -23.73
N LEU B 348 -9.84 -29.87 -24.46
CA LEU B 348 -8.68 -30.58 -23.96
C LEU B 348 -7.35 -29.83 -24.13
N GLU B 349 -6.85 -29.73 -25.35
CA GLU B 349 -5.43 -29.34 -25.55
C GLU B 349 -5.14 -27.84 -25.44
N LEU B 350 -6.20 -27.04 -25.31
CA LEU B 350 -6.04 -25.60 -25.14
C LEU B 350 -6.53 -25.16 -23.75
N LYS B 351 -7.79 -25.48 -23.46
CA LYS B 351 -8.44 -25.17 -22.18
C LYS B 351 -8.59 -23.66 -21.94
N LEU B 352 -9.45 -23.02 -22.74
CA LEU B 352 -9.84 -21.63 -22.49
C LEU B 352 -11.29 -21.28 -22.91
N PRO B 353 -12.29 -21.64 -22.08
CA PRO B 353 -13.68 -21.25 -22.33
C PRO B 353 -14.28 -20.06 -21.52
N PRO B 354 -13.78 -18.82 -21.69
CA PRO B 354 -14.41 -17.74 -20.93
C PRO B 354 -15.78 -17.32 -21.49
N GLN B 385 -22.82 -28.92 -24.19
CA GLN B 385 -22.80 -27.56 -24.70
C GLN B 385 -21.81 -26.70 -23.91
N PHE B 386 -21.18 -25.72 -24.58
CA PHE B 386 -20.61 -24.58 -23.87
C PHE B 386 -20.83 -23.22 -24.55
N SER B 387 -20.18 -23.02 -25.70
CA SER B 387 -20.45 -21.91 -26.64
C SER B 387 -19.46 -22.00 -27.79
N THR B 388 -19.59 -21.15 -28.81
CA THR B 388 -18.61 -21.12 -29.90
C THR B 388 -17.96 -19.78 -30.27
N SER B 389 -18.71 -18.94 -30.99
CA SER B 389 -18.13 -18.04 -31.99
C SER B 389 -17.37 -16.80 -31.52
N LYS B 390 -18.08 -15.90 -30.86
CA LYS B 390 -17.50 -14.65 -30.36
C LYS B 390 -16.21 -14.92 -29.58
N ASP B 391 -16.29 -15.83 -28.63
CA ASP B 391 -15.16 -16.15 -27.76
C ASP B 391 -13.91 -16.58 -28.53
N VAL B 392 -14.11 -17.42 -29.55
CA VAL B 392 -12.96 -17.95 -30.28
C VAL B 392 -12.43 -16.88 -31.25
N LEU B 393 -13.28 -15.91 -31.61
CA LEU B 393 -12.77 -14.69 -32.27
C LEU B 393 -11.85 -13.86 -31.35
N ASN B 394 -12.30 -13.69 -30.11
CA ASN B 394 -11.46 -13.14 -29.05
C ASN B 394 -10.13 -13.88 -28.96
N LYS B 395 -10.14 -15.17 -29.25
CA LYS B 395 -8.88 -15.90 -29.40
C LYS B 395 -8.18 -15.57 -30.73
N LEU B 396 -8.96 -15.21 -31.74
CA LEU B 396 -8.44 -15.01 -33.10
C LEU B 396 -7.49 -13.82 -33.14
N LYS B 397 -7.79 -12.79 -32.36
CA LYS B 397 -6.81 -11.72 -32.19
C LYS B 397 -5.44 -12.25 -31.74
N ALA B 398 -5.41 -12.82 -30.54
CA ALA B 398 -4.16 -13.11 -29.85
C ALA B 398 -3.50 -14.42 -30.25
N LEU B 399 -4.14 -15.54 -29.94
CA LEU B 399 -3.50 -16.84 -30.15
C LEU B 399 -3.47 -17.24 -31.62
N HIS B 400 -2.26 -17.46 -32.14
CA HIS B 400 -2.08 -17.92 -33.52
C HIS B 400 -2.51 -19.36 -33.85
N PRO B 401 -2.31 -20.33 -32.91
CA PRO B 401 -2.56 -21.72 -33.31
C PRO B 401 -4.02 -22.10 -33.55
N LEU B 402 -4.46 -21.80 -34.78
CA LEU B 402 -5.72 -22.26 -35.33
C LEU B 402 -7.01 -21.98 -34.55
N PRO B 403 -7.16 -20.78 -33.97
CA PRO B 403 -8.57 -20.49 -33.72
C PRO B 403 -9.27 -20.08 -35.01
N GLY B 404 -8.55 -19.35 -35.86
CA GLY B 404 -9.12 -18.77 -37.07
C GLY B 404 -9.24 -19.72 -38.23
N LEU B 405 -8.54 -20.85 -38.12
CA LEU B 405 -8.65 -21.92 -39.11
C LEU B 405 -10.08 -22.46 -39.12
N ILE B 406 -10.68 -22.46 -37.93
CA ILE B 406 -12.08 -22.85 -37.79
C ILE B 406 -13.02 -21.76 -38.31
N LEU B 407 -12.63 -20.50 -38.16
CA LEU B 407 -13.41 -19.40 -38.73
C LEU B 407 -13.50 -19.60 -40.24
N GLU B 408 -12.33 -19.73 -40.88
CA GLU B 408 -12.31 -19.86 -42.34
C GLU B 408 -13.00 -21.16 -42.79
N TRP B 409 -12.76 -22.27 -42.09
CA TRP B 409 -13.39 -23.52 -42.50
C TRP B 409 -14.93 -23.47 -42.40
N ARG B 410 -15.43 -23.10 -41.23
CA ARG B 410 -16.87 -23.02 -41.01
C ARG B 410 -17.53 -22.02 -41.98
N ARG B 411 -16.85 -20.90 -42.21
CA ARG B 411 -17.35 -19.89 -43.14
C ARG B 411 -17.44 -20.43 -44.55
N ILE B 412 -16.43 -21.19 -44.96
CA ILE B 412 -16.44 -21.87 -46.25
C ILE B 412 -17.65 -22.79 -46.38
N THR B 413 -17.79 -23.68 -45.39
CA THR B 413 -18.87 -24.65 -45.40
C THR B 413 -20.22 -23.95 -45.50
N ASN B 414 -20.39 -22.86 -44.76
CA ASN B 414 -21.61 -22.07 -44.88
C ASN B 414 -21.79 -21.45 -46.26
N ALA B 415 -20.69 -20.98 -46.83
CA ALA B 415 -20.69 -20.32 -48.13
C ALA B 415 -20.94 -21.27 -49.28
N ILE B 416 -20.83 -22.57 -49.02
CA ILE B 416 -21.15 -23.54 -50.06
C ILE B 416 -22.50 -24.21 -49.83
N THR B 417 -22.65 -24.88 -48.71
CA THR B 417 -23.80 -25.75 -48.53
C THR B 417 -25.15 -25.05 -48.52
N LYS B 418 -25.16 -23.83 -48.02
CA LYS B 418 -26.35 -23.02 -47.94
C LYS B 418 -26.42 -22.02 -49.05
N VAL B 419 -25.41 -22.05 -49.90
CA VAL B 419 -25.30 -21.03 -50.91
C VAL B 419 -25.12 -21.59 -52.31
N VAL B 420 -23.98 -22.23 -52.57
CA VAL B 420 -23.67 -22.75 -53.91
C VAL B 420 -24.69 -23.81 -54.31
N PHE B 421 -25.00 -24.74 -53.41
CA PHE B 421 -25.95 -25.82 -53.69
C PHE B 421 -27.34 -25.35 -54.09
N PRO B 422 -28.02 -24.56 -53.23
CA PRO B 422 -29.39 -24.23 -53.66
C PRO B 422 -29.40 -23.40 -54.96
N LEU B 423 -28.44 -22.49 -55.10
CA LEU B 423 -28.34 -21.68 -56.32
C LEU B 423 -28.11 -22.58 -57.53
N GLN B 424 -27.22 -23.56 -57.39
CA GLN B 424 -26.93 -24.47 -58.48
C GLN B 424 -28.06 -25.48 -58.68
N ARG B 425 -29.01 -25.51 -57.76
CA ARG B 425 -30.17 -26.38 -57.88
C ARG B 425 -31.29 -25.69 -58.62
N GLU B 426 -31.88 -24.70 -57.97
CA GLU B 426 -33.16 -24.19 -58.43
C GLU B 426 -32.95 -23.13 -59.48
N LYS B 427 -31.71 -23.04 -59.95
CA LYS B 427 -31.49 -22.35 -61.20
C LYS B 427 -32.35 -23.02 -62.26
N CYS B 428 -32.90 -22.21 -63.13
CA CYS B 428 -33.60 -22.71 -64.29
C CYS B 428 -33.08 -21.81 -65.37
N LEU B 429 -33.62 -21.93 -66.57
CA LEU B 429 -33.18 -21.09 -67.64
C LEU B 429 -34.38 -20.41 -68.24
N ASN B 430 -34.18 -19.21 -68.74
CA ASN B 430 -35.16 -18.59 -69.58
C ASN B 430 -34.68 -18.81 -70.99
N PRO B 431 -35.41 -19.67 -71.73
CA PRO B 431 -35.12 -19.95 -73.13
C PRO B 431 -35.24 -18.68 -73.97
N PHE B 432 -36.05 -17.75 -73.48
CA PHE B 432 -36.32 -16.49 -74.17
C PHE B 432 -35.14 -15.56 -74.13
N LEU B 433 -34.19 -15.89 -73.24
CA LEU B 433 -32.98 -15.12 -73.04
C LEU B 433 -31.86 -15.99 -73.59
N GLY B 434 -31.74 -17.19 -73.03
CA GLY B 434 -30.66 -18.11 -73.35
C GLY B 434 -29.73 -18.10 -72.16
N MET B 435 -30.17 -17.40 -71.13
CA MET B 435 -29.47 -17.33 -69.88
C MET B 435 -30.25 -18.06 -68.79
N GLU B 436 -29.53 -18.55 -67.79
CA GLU B 436 -30.21 -19.19 -66.68
C GLU B 436 -30.39 -18.21 -65.53
N ARG B 437 -31.57 -18.27 -64.94
CA ARG B 437 -31.98 -17.35 -63.91
C ARG B 437 -32.63 -18.13 -62.79
N ILE B 438 -32.79 -17.49 -61.64
CA ILE B 438 -33.28 -18.16 -60.48
C ILE B 438 -34.40 -17.36 -59.84
N TYR B 439 -35.36 -18.09 -59.26
CA TYR B 439 -36.58 -17.46 -58.81
C TYR B 439 -36.74 -17.60 -57.31
N PRO B 440 -36.58 -16.50 -56.58
CA PRO B 440 -36.92 -16.41 -55.17
C PRO B 440 -38.42 -16.38 -55.03
N VAL B 441 -38.93 -16.13 -53.83
CA VAL B 441 -40.36 -15.89 -53.66
C VAL B 441 -40.59 -14.69 -52.75
N SER B 442 -41.57 -13.84 -53.10
CA SER B 442 -41.97 -12.75 -52.23
C SER B 442 -42.50 -13.25 -50.90
N GLN B 443 -42.22 -12.52 -49.83
CA GLN B 443 -42.65 -12.97 -48.52
C GLN B 443 -43.50 -11.95 -47.75
N SER B 444 -42.91 -10.81 -47.45
CA SER B 444 -43.46 -9.86 -46.48
C SER B 444 -43.74 -10.62 -45.19
N HIS B 445 -44.84 -10.29 -44.52
CA HIS B 445 -45.17 -10.88 -43.23
C HIS B 445 -44.06 -10.77 -42.20
N THR B 446 -43.20 -9.78 -42.38
CA THR B 446 -42.19 -9.42 -41.41
C THR B 446 -42.82 -8.57 -40.31
N ALA B 447 -42.21 -8.58 -39.12
CA ALA B 447 -42.74 -7.77 -38.03
C ALA B 447 -42.64 -6.28 -38.34
N THR B 448 -41.53 -5.85 -38.91
CA THR B 448 -41.32 -4.45 -39.24
C THR B 448 -42.08 -3.98 -40.48
N GLY B 449 -42.29 -4.89 -41.43
CA GLY B 449 -42.85 -4.52 -42.73
C GLY B 449 -41.79 -4.55 -43.82
N ARG B 450 -40.60 -5.02 -43.47
CA ARG B 450 -39.53 -5.18 -44.43
C ARG B 450 -39.87 -6.39 -45.31
N ILE B 451 -39.07 -6.70 -46.32
CA ILE B 451 -39.43 -7.79 -47.23
C ILE B 451 -38.26 -8.76 -47.50
N THR B 452 -38.59 -10.05 -47.54
CA THR B 452 -37.58 -11.09 -47.77
C THR B 452 -37.99 -12.06 -48.86
N PHE B 453 -37.12 -13.02 -49.15
CA PHE B 453 -37.36 -13.96 -50.25
C PHE B 453 -37.03 -15.39 -49.89
N THR B 454 -37.97 -16.29 -50.11
CA THR B 454 -37.64 -17.68 -49.93
C THR B 454 -38.11 -18.70 -50.97
N GLU B 455 -37.36 -18.98 -52.03
CA GLU B 455 -36.89 -20.33 -52.29
C GLU B 455 -35.42 -20.48 -51.87
N PRO B 456 -34.52 -19.66 -52.45
CA PRO B 456 -33.36 -19.42 -51.61
C PRO B 456 -33.71 -18.15 -50.87
N ASN B 457 -32.86 -17.67 -49.98
CA ASN B 457 -32.89 -16.24 -49.72
C ASN B 457 -31.56 -15.70 -50.21
N ILE B 458 -31.63 -14.82 -51.19
CA ILE B 458 -30.43 -14.28 -51.77
C ILE B 458 -30.06 -12.95 -51.15
N GLN B 459 -30.79 -12.55 -50.13
CA GLN B 459 -30.43 -11.36 -49.36
C GLN B 459 -29.15 -11.58 -48.57
N ASN B 460 -28.98 -12.77 -48.01
CA ASN B 460 -27.85 -13.00 -47.13
C ASN B 460 -26.63 -13.52 -47.90
N VAL B 461 -26.71 -13.50 -49.23
CA VAL B 461 -25.62 -13.99 -50.08
C VAL B 461 -24.31 -13.38 -49.64
N PRO B 462 -23.24 -14.19 -49.67
CA PRO B 462 -22.00 -13.78 -49.01
C PRO B 462 -21.44 -12.52 -49.62
N ARG B 463 -20.77 -11.73 -48.81
CA ARG B 463 -20.14 -10.52 -49.27
C ARG B 463 -18.75 -10.89 -49.75
N ASP B 464 -18.26 -10.18 -50.75
CA ASP B 464 -16.90 -10.39 -51.29
C ASP B 464 -15.84 -10.46 -50.17
N PHE B 465 -14.87 -11.36 -50.29
CA PHE B 465 -13.76 -11.33 -49.35
C PHE B 465 -12.42 -11.82 -49.93
N GLU B 466 -11.33 -11.23 -49.42
CA GLU B 466 -9.98 -11.48 -49.89
C GLU B 466 -9.47 -12.82 -49.35
N ILE B 467 -8.47 -13.39 -50.01
CA ILE B 467 -7.94 -14.73 -49.66
C ILE B 467 -6.46 -14.87 -50.05
N LYS B 468 -5.71 -15.66 -49.29
CA LYS B 468 -4.28 -15.84 -49.55
C LYS B 468 -3.97 -17.23 -50.13
N MET B 469 -2.92 -17.30 -50.93
CA MET B 469 -2.52 -18.54 -51.60
C MET B 469 -1.44 -19.28 -50.83
N GLY B 516 3.10 -8.82 -54.63
CA GLY B 516 3.07 -10.13 -54.00
C GLY B 516 2.09 -11.06 -54.68
N MET B 517 1.58 -12.02 -53.92
CA MET B 517 0.59 -12.97 -54.46
C MET B 517 -0.61 -13.15 -53.53
N PRO B 518 -1.50 -12.16 -53.47
CA PRO B 518 -2.80 -12.31 -52.81
C PRO B 518 -3.89 -12.71 -53.80
N PHE B 519 -5.13 -12.79 -53.33
CA PHE B 519 -6.29 -13.02 -54.18
C PHE B 519 -7.57 -12.53 -53.50
N SER B 520 -8.70 -12.60 -54.21
CA SER B 520 -9.99 -12.20 -53.66
C SER B 520 -11.14 -12.93 -54.37
N ILE B 521 -12.23 -13.19 -53.65
CA ILE B 521 -13.39 -13.87 -54.25
C ILE B 521 -14.72 -13.21 -53.93
N SER B 522 -15.69 -13.40 -54.81
CA SER B 522 -17.05 -12.96 -54.55
C SER B 522 -18.02 -14.09 -54.90
N MET B 523 -18.76 -14.62 -53.93
CA MET B 523 -19.83 -15.57 -54.26
C MET B 523 -20.85 -14.84 -55.11
N ARG B 524 -21.03 -13.56 -54.80
CA ARG B 524 -22.12 -12.82 -55.40
C ARG B 524 -21.82 -12.34 -56.82
N HIS B 525 -20.55 -12.24 -57.19
CA HIS B 525 -20.17 -11.77 -58.54
C HIS B 525 -20.80 -12.61 -59.66
N ALA B 526 -21.20 -13.83 -59.33
CA ALA B 526 -21.74 -14.76 -60.32
C ALA B 526 -23.12 -14.39 -60.87
N PHE B 527 -23.78 -13.41 -60.26
CA PHE B 527 -25.08 -12.93 -60.77
C PHE B 527 -24.89 -11.96 -61.93
N VAL B 528 -25.43 -12.28 -63.11
CA VAL B 528 -25.23 -11.47 -64.30
C VAL B 528 -26.53 -10.90 -64.88
N PRO B 529 -26.42 -9.81 -65.67
CA PRO B 529 -27.57 -9.39 -66.48
C PRO B 529 -27.71 -10.26 -67.73
N PHE B 530 -28.70 -9.98 -68.56
CA PHE B 530 -28.79 -10.61 -69.86
C PHE B 530 -27.69 -10.03 -70.76
N PRO B 531 -27.38 -10.68 -71.92
CA PRO B 531 -26.19 -10.29 -72.66
C PRO B 531 -26.06 -8.81 -73.04
N GLY B 532 -27.17 -8.16 -73.39
CA GLY B 532 -27.10 -6.76 -73.77
C GLY B 532 -27.16 -5.81 -72.60
N GLY B 533 -27.63 -6.32 -71.46
CA GLY B 533 -27.90 -5.52 -70.28
C GLY B 533 -26.79 -5.16 -69.30
N SER B 534 -27.21 -4.50 -68.22
CA SER B 534 -26.34 -4.12 -67.12
C SER B 534 -27.18 -3.99 -65.85
N ILE B 535 -26.54 -4.07 -64.69
CA ILE B 535 -27.27 -4.05 -63.42
C ILE B 535 -27.20 -2.69 -62.74
N LEU B 536 -28.37 -2.18 -62.37
CA LEU B 536 -28.48 -0.94 -61.63
C LEU B 536 -28.90 -1.21 -60.19
N ALA B 537 -28.13 -0.65 -59.25
CA ALA B 537 -28.42 -0.74 -57.83
C ALA B 537 -28.61 0.66 -57.25
N ALA B 538 -29.71 0.84 -56.55
CA ALA B 538 -29.94 2.11 -55.89
C ALA B 538 -29.93 1.94 -54.37
N ASP B 539 -28.85 2.43 -53.77
CA ASP B 539 -28.68 2.36 -52.33
C ASP B 539 -29.08 3.68 -51.70
N TYR B 540 -29.81 3.59 -50.60
CA TYR B 540 -30.10 4.79 -49.82
C TYR B 540 -28.88 5.02 -49.00
N SER B 541 -28.31 6.20 -49.07
CA SER B 541 -27.16 6.36 -48.23
C SER B 541 -27.78 6.54 -46.86
N GLN B 542 -27.57 5.54 -46.02
CA GLN B 542 -28.01 5.55 -44.61
C GLN B 542 -29.44 6.06 -44.35
N LEU B 543 -30.48 5.31 -44.74
CA LEU B 543 -31.86 5.81 -44.68
C LEU B 543 -32.51 5.92 -43.28
N GLU B 544 -32.45 4.83 -42.51
CA GLU B 544 -33.18 4.74 -41.24
C GLU B 544 -32.75 5.88 -40.32
N LEU B 545 -31.47 6.19 -40.35
CA LEU B 545 -30.89 7.28 -39.60
C LEU B 545 -31.63 8.55 -39.92
N ARG B 546 -31.88 8.76 -41.22
CA ARG B 546 -32.57 9.95 -41.67
C ARG B 546 -33.99 9.96 -41.11
N ILE B 547 -34.61 8.77 -41.02
CA ILE B 547 -35.95 8.71 -40.43
C ILE B 547 -35.95 9.17 -38.97
N LEU B 548 -35.06 8.59 -38.17
CA LEU B 548 -34.97 8.93 -36.76
C LEU B 548 -34.65 10.41 -36.60
N ALA B 549 -33.84 10.92 -37.52
CA ALA B 549 -33.50 12.33 -37.59
C ALA B 549 -34.77 13.12 -37.77
N HIS B 550 -35.69 12.59 -38.58
CA HIS B 550 -36.95 13.27 -38.82
C HIS B 550 -37.83 13.28 -37.57
N LEU B 551 -37.90 12.17 -36.85
CA LEU B 551 -38.83 12.10 -35.72
C LEU B 551 -38.33 12.75 -34.43
N SER B 552 -37.06 12.53 -34.10
CA SER B 552 -36.50 13.14 -32.89
C SER B 552 -36.34 14.63 -33.09
N HIS B 553 -36.25 15.03 -34.36
CA HIS B 553 -35.96 16.41 -34.74
C HIS B 553 -34.69 16.90 -34.07
N ASP B 554 -33.70 16.01 -33.95
CA ASP B 554 -32.43 16.41 -33.37
C ASP B 554 -31.67 17.16 -34.44
N ARG B 555 -31.47 18.46 -34.22
CA ARG B 555 -30.92 19.34 -35.24
C ARG B 555 -29.48 19.01 -35.54
N ARG B 556 -28.79 18.60 -34.48
CA ARG B 556 -27.37 18.35 -34.56
C ARG B 556 -27.09 17.24 -35.56
N LEU B 557 -27.89 16.19 -35.50
CA LEU B 557 -27.76 15.09 -36.45
C LEU B 557 -28.12 15.52 -37.86
N ILE B 558 -29.18 16.30 -38.01
CA ILE B 558 -29.56 16.82 -39.32
C ILE B 558 -28.37 17.49 -39.98
N GLN B 559 -27.63 18.25 -39.19
CA GLN B 559 -26.44 18.90 -39.70
C GLN B 559 -25.26 17.94 -39.90
N VAL B 560 -25.14 16.93 -39.05
CA VAL B 560 -24.08 15.91 -39.19
C VAL B 560 -24.31 15.08 -40.46
N LEU B 561 -25.54 15.09 -40.95
CA LEU B 561 -25.96 14.25 -42.06
C LEU B 561 -25.98 14.97 -43.40
N ASN B 562 -26.75 16.05 -43.48
CA ASN B 562 -26.83 16.86 -44.70
C ASN B 562 -25.45 17.27 -45.25
N THR B 563 -24.42 17.17 -44.42
CA THR B 563 -23.05 17.23 -44.93
C THR B 563 -22.38 15.86 -45.07
N GLY B 564 -22.27 15.12 -43.96
CA GLY B 564 -21.35 14.01 -43.84
C GLY B 564 -21.36 12.96 -44.95
N ALA B 565 -20.18 12.69 -45.48
CA ALA B 565 -20.03 11.65 -46.48
C ALA B 565 -19.69 10.35 -45.79
N ASP B 566 -20.65 9.42 -45.80
CA ASP B 566 -20.54 8.16 -45.07
C ASP B 566 -19.96 8.38 -43.68
N VAL B 567 -20.77 8.97 -42.80
CA VAL B 567 -20.35 9.43 -41.47
C VAL B 567 -19.65 8.33 -40.65
N PHE B 568 -19.86 7.08 -41.05
CA PHE B 568 -19.10 5.95 -40.51
C PHE B 568 -17.60 6.15 -40.70
N ARG B 569 -17.24 6.72 -41.83
CA ARG B 569 -15.84 6.99 -42.14
C ARG B 569 -15.29 7.97 -41.10
N SER B 570 -16.16 8.89 -40.66
CA SER B 570 -15.80 9.85 -39.62
C SER B 570 -15.69 9.26 -38.24
N ILE B 571 -16.62 8.38 -37.87
CA ILE B 571 -16.56 7.73 -36.57
C ILE B 571 -15.34 6.83 -36.48
N ALA B 572 -15.07 6.10 -37.56
CA ALA B 572 -13.85 5.30 -37.65
C ALA B 572 -12.64 6.21 -37.53
N ALA B 573 -12.72 7.37 -38.15
CA ALA B 573 -11.62 8.34 -38.15
C ALA B 573 -11.22 8.79 -36.76
N GLU B 574 -12.18 8.92 -35.85
CA GLU B 574 -11.87 9.36 -34.49
C GLU B 574 -11.70 8.16 -33.56
N TRP B 575 -11.79 6.94 -34.08
CA TRP B 575 -11.90 5.83 -33.13
C TRP B 575 -10.72 4.88 -32.87
N LYS B 576 -10.52 3.86 -33.70
CA LYS B 576 -9.57 2.81 -33.32
C LYS B 576 -8.18 3.41 -33.49
N MET B 577 -8.03 4.26 -34.50
CA MET B 577 -6.89 5.15 -34.58
C MET B 577 -7.34 6.28 -35.51
N ILE B 578 -6.67 7.43 -35.50
CA ILE B 578 -7.12 8.51 -36.37
C ILE B 578 -6.50 8.41 -37.77
N GLU B 579 -7.37 8.24 -38.76
CA GLU B 579 -6.97 8.40 -40.15
C GLU B 579 -8.05 9.25 -40.77
N PRO B 580 -7.67 10.21 -41.62
CA PRO B 580 -8.73 11.04 -42.22
C PRO B 580 -9.64 10.17 -43.08
N GLU B 581 -9.02 9.31 -43.88
CA GLU B 581 -9.71 8.31 -44.67
C GLU B 581 -8.73 7.20 -45.04
N SER B 582 -9.02 6.49 -46.13
CA SER B 582 -8.35 5.24 -46.51
C SER B 582 -8.77 4.17 -45.53
N VAL B 583 -10.04 4.25 -45.15
CA VAL B 583 -10.68 3.28 -44.29
C VAL B 583 -11.06 2.06 -45.12
N GLY B 584 -10.51 0.91 -44.76
CA GLY B 584 -10.86 -0.34 -45.42
C GLY B 584 -12.34 -0.59 -45.15
N ASP B 585 -13.05 -1.15 -46.12
CA ASP B 585 -14.48 -1.36 -45.98
C ASP B 585 -14.87 -2.39 -44.92
N ASP B 586 -13.95 -3.29 -44.58
CA ASP B 586 -14.17 -4.23 -43.48
C ASP B 586 -14.34 -3.46 -42.19
N LEU B 587 -13.52 -2.42 -42.04
CA LEU B 587 -13.61 -1.53 -40.89
C LEU B 587 -14.87 -0.69 -40.92
N ARG B 588 -15.16 -0.10 -42.09
CA ARG B 588 -16.37 0.71 -42.25
C ARG B 588 -17.61 -0.06 -41.84
N GLN B 589 -17.68 -1.31 -42.30
CA GLN B 589 -18.82 -2.16 -41.99
C GLN B 589 -18.83 -2.56 -40.51
N GLN B 590 -17.65 -2.81 -39.92
CA GLN B 590 -17.60 -3.09 -38.48
C GLN B 590 -18.12 -1.88 -37.68
N ALA B 591 -17.74 -0.69 -38.12
CA ALA B 591 -18.16 0.57 -37.51
C ALA B 591 -19.67 0.70 -37.61
N LYS B 592 -20.20 0.39 -38.79
CA LYS B 592 -21.63 0.46 -39.05
C LYS B 592 -22.39 -0.47 -38.10
N GLN B 593 -21.91 -1.71 -38.00
CA GLN B 593 -22.51 -2.71 -37.12
C GLN B 593 -22.55 -2.25 -35.67
N ILE B 594 -21.40 -1.81 -35.18
CA ILE B 594 -21.31 -1.35 -33.81
C ILE B 594 -22.28 -0.19 -33.56
N CYS B 595 -22.29 0.77 -34.47
CA CYS B 595 -23.11 1.97 -34.32
C CYS B 595 -24.63 1.70 -34.34
N TYR B 596 -25.13 1.08 -35.40
CA TYR B 596 -26.56 0.75 -35.47
C TYR B 596 -26.94 -0.12 -34.28
N GLY B 597 -26.03 -1.00 -33.88
CA GLY B 597 -26.25 -1.79 -32.68
C GLY B 597 -26.47 -0.90 -31.46
N ILE B 598 -25.63 0.14 -31.34
CA ILE B 598 -25.74 1.07 -30.21
C ILE B 598 -27.07 1.79 -30.16
N ILE B 599 -27.45 2.35 -31.31
CA ILE B 599 -28.63 3.23 -31.43
C ILE B 599 -29.90 2.61 -30.86
N TYR B 600 -30.02 1.31 -31.07
CA TYR B 600 -31.21 0.55 -30.69
C TYR B 600 -31.12 0.10 -29.25
N GLY B 601 -30.11 0.59 -28.54
CA GLY B 601 -29.83 0.15 -27.18
C GLY B 601 -28.96 -1.06 -26.96
N MET B 602 -27.82 -1.10 -27.64
CA MET B 602 -26.78 -2.08 -27.37
C MET B 602 -26.42 -2.09 -25.89
N GLY B 603 -26.21 -3.29 -25.35
CA GLY B 603 -25.77 -3.43 -23.97
C GLY B 603 -24.36 -2.91 -23.80
N ALA B 604 -24.07 -2.31 -22.65
CA ALA B 604 -22.79 -1.64 -22.42
C ALA B 604 -21.59 -2.58 -22.57
N LYS B 605 -21.61 -3.68 -21.82
CA LYS B 605 -20.49 -4.60 -21.78
C LYS B 605 -20.21 -5.26 -23.13
N SER B 606 -21.27 -5.55 -23.87
CA SER B 606 -21.14 -6.16 -25.20
C SER B 606 -20.54 -5.20 -26.21
N LEU B 607 -20.84 -3.92 -26.06
CA LEU B 607 -20.22 -2.89 -26.89
C LEU B 607 -18.74 -2.91 -26.57
N GLY B 608 -18.47 -3.05 -25.27
CA GLY B 608 -17.10 -3.18 -24.80
C GLY B 608 -16.44 -4.39 -25.42
N GLU B 609 -17.23 -5.43 -25.70
CA GLU B 609 -16.73 -6.65 -26.33
C GLU B 609 -16.35 -6.44 -27.79
N GLN B 610 -17.30 -5.90 -28.57
CA GLN B 610 -17.10 -5.73 -30.00
C GLN B 610 -15.98 -4.77 -30.34
N MET B 611 -15.86 -3.69 -29.57
CA MET B 611 -14.76 -2.77 -29.79
C MET B 611 -13.52 -3.38 -29.16
N GLY B 612 -13.74 -4.27 -28.19
CA GLY B 612 -12.64 -4.93 -27.49
C GLY B 612 -12.17 -4.26 -26.21
N ILE B 613 -13.02 -3.48 -25.57
CA ILE B 613 -12.62 -2.72 -24.39
C ILE B 613 -13.38 -3.09 -23.11
N LYS B 614 -13.03 -2.37 -22.05
CA LYS B 614 -13.59 -2.59 -20.72
C LYS B 614 -15.00 -1.99 -20.60
N GLU B 615 -15.73 -2.49 -19.61
CA GLU B 615 -17.11 -2.12 -19.38
C GLU B 615 -17.38 -0.61 -19.20
N ASN B 616 -16.94 -0.08 -18.07
CA ASN B 616 -17.33 1.27 -17.66
C ASN B 616 -16.83 2.37 -18.60
N ASP B 617 -15.73 2.07 -19.28
CA ASP B 617 -15.16 2.94 -20.29
C ASP B 617 -16.17 3.09 -21.43
N ALA B 618 -16.67 1.94 -21.89
CA ALA B 618 -17.67 1.90 -22.94
C ALA B 618 -18.96 2.58 -22.50
N ALA B 619 -19.33 2.39 -21.23
CA ALA B 619 -20.52 3.04 -20.70
C ALA B 619 -20.38 4.55 -20.74
N CYS B 620 -19.18 5.03 -20.43
CA CYS B 620 -18.91 6.46 -20.47
C CYS B 620 -18.99 6.95 -21.92
N TYR B 621 -18.67 6.08 -22.87
CA TYR B 621 -18.82 6.43 -24.29
C TYR B 621 -20.30 6.51 -24.71
N ILE B 622 -21.11 5.59 -24.23
CA ILE B 622 -22.55 5.62 -24.52
C ILE B 622 -23.19 6.88 -23.97
N ASP B 623 -22.90 7.16 -22.71
CA ASP B 623 -23.41 8.37 -22.06
C ASP B 623 -22.92 9.59 -22.84
N SER B 624 -21.69 9.50 -23.33
CA SER B 624 -21.15 10.55 -24.17
C SER B 624 -22.00 10.77 -25.42
N PHE B 625 -22.44 9.70 -26.07
CA PHE B 625 -23.35 9.86 -27.21
C PHE B 625 -24.76 10.33 -26.86
N LYS B 626 -25.24 10.08 -25.63
CA LYS B 626 -26.47 10.75 -25.21
C LYS B 626 -26.24 12.24 -25.09
N SER B 627 -25.05 12.61 -24.60
CA SER B 627 -24.68 14.00 -24.47
C SER B 627 -24.56 14.68 -25.83
N ARG B 628 -24.02 13.96 -26.80
CA ARG B 628 -23.85 14.51 -28.15
C ARG B 628 -25.20 14.79 -28.77
N TYR B 629 -26.15 13.86 -28.63
CA TYR B 629 -27.46 14.06 -29.22
C TYR B 629 -28.56 13.72 -28.22
N THR B 630 -29.29 14.73 -27.76
CA THR B 630 -30.38 14.52 -26.81
C THR B 630 -31.76 14.41 -27.44
N GLY B 631 -31.87 14.78 -28.70
CA GLY B 631 -33.15 14.74 -29.39
C GLY B 631 -33.55 13.29 -29.49
N ILE B 632 -32.52 12.45 -29.64
CA ILE B 632 -32.65 11.01 -29.71
C ILE B 632 -33.24 10.41 -28.44
N ASN B 633 -32.61 10.67 -27.30
CA ASN B 633 -33.07 10.12 -26.04
C ASN B 633 -34.45 10.62 -25.68
N GLN B 634 -34.69 11.88 -26.01
CA GLN B 634 -35.99 12.51 -25.88
C GLN B 634 -37.02 11.65 -26.60
N PHE B 635 -36.85 11.53 -27.91
CA PHE B 635 -37.76 10.72 -28.73
C PHE B 635 -37.89 9.29 -28.22
N MET B 636 -36.80 8.78 -27.66
CA MET B 636 -36.68 7.39 -27.26
C MET B 636 -37.55 7.09 -26.05
N THR B 637 -37.22 7.70 -24.93
CA THR B 637 -38.03 7.47 -23.74
C THR B 637 -39.46 7.94 -23.94
N GLU B 638 -39.64 9.07 -24.64
CA GLU B 638 -41.01 9.53 -24.90
C GLU B 638 -41.83 8.47 -25.63
N THR B 639 -41.28 7.87 -26.68
CA THR B 639 -42.05 6.87 -27.43
C THR B 639 -42.20 5.59 -26.60
N VAL B 640 -41.28 5.36 -25.65
CA VAL B 640 -41.47 4.25 -24.70
C VAL B 640 -42.75 4.52 -23.89
N LYS B 641 -42.86 5.75 -23.39
CA LYS B 641 -44.02 6.17 -22.60
C LYS B 641 -45.30 6.07 -23.43
N ASN B 642 -45.21 6.47 -24.71
CA ASN B 642 -46.34 6.29 -25.63
C ASN B 642 -46.71 4.82 -25.77
N CYS B 643 -45.69 3.96 -25.80
CA CYS B 643 -45.94 2.53 -25.98
C CYS B 643 -46.59 1.92 -24.74
N LYS B 644 -46.25 2.43 -23.55
CA LYS B 644 -46.97 2.00 -22.35
C LYS B 644 -48.39 2.54 -22.36
N ARG B 645 -48.57 3.79 -22.78
CA ARG B 645 -49.87 4.44 -22.73
C ARG B 645 -50.82 3.79 -23.74
N ASP B 646 -50.26 3.11 -24.73
CA ASP B 646 -51.06 2.57 -25.83
C ASP B 646 -51.05 1.04 -25.81
N GLY B 647 -49.86 0.46 -25.89
CA GLY B 647 -49.73 -0.99 -25.95
C GLY B 647 -49.33 -1.40 -27.35
N PHE B 648 -49.00 -0.40 -28.14
CA PHE B 648 -48.50 -0.60 -29.49
C PHE B 648 -47.72 0.59 -29.98
N VAL B 649 -46.83 0.37 -30.96
CA VAL B 649 -46.22 1.51 -31.64
C VAL B 649 -46.80 1.67 -33.06
N GLN B 650 -46.44 2.76 -33.72
CA GLN B 650 -47.02 3.07 -35.02
C GLN B 650 -46.01 3.66 -36.01
N THR B 651 -45.88 3.02 -37.17
CA THR B 651 -45.07 3.52 -38.28
C THR B 651 -45.81 4.63 -39.03
N ILE B 652 -45.04 5.44 -39.76
CA ILE B 652 -45.51 6.68 -40.37
C ILE B 652 -46.81 6.54 -41.15
N LEU B 653 -46.96 5.41 -41.85
CA LEU B 653 -48.17 5.17 -42.64
C LEU B 653 -49.40 5.07 -41.76
N GLY B 654 -49.20 4.67 -40.51
CA GLY B 654 -50.30 4.39 -39.62
C GLY B 654 -50.48 2.92 -39.37
N ARG B 655 -49.72 2.07 -40.05
CA ARG B 655 -49.64 0.65 -39.68
C ARG B 655 -49.06 0.57 -38.28
N ARG B 656 -49.55 -0.37 -37.48
CA ARG B 656 -49.14 -0.40 -36.08
C ARG B 656 -48.84 -1.81 -35.59
N ARG B 657 -47.82 -1.91 -34.74
CA ARG B 657 -47.46 -3.22 -34.20
C ARG B 657 -47.80 -3.25 -32.73
N TYR B 658 -48.40 -4.37 -32.32
CA TYR B 658 -48.80 -4.55 -30.94
C TYR B 658 -47.66 -5.15 -30.18
N LEU B 659 -47.11 -4.38 -29.25
CA LEU B 659 -46.10 -4.88 -28.35
C LEU B 659 -46.74 -5.14 -26.99
N PRO B 660 -47.03 -6.42 -26.69
CA PRO B 660 -47.62 -6.87 -25.43
C PRO B 660 -46.65 -6.80 -24.26
N GLY B 661 -45.39 -7.12 -24.51
CA GLY B 661 -44.44 -7.39 -23.45
C GLY B 661 -43.84 -6.18 -22.75
N ILE B 662 -44.13 -5.00 -23.27
CA ILE B 662 -43.57 -3.77 -22.70
C ILE B 662 -44.04 -3.52 -21.27
N LYS B 663 -45.23 -4.03 -20.95
CA LYS B 663 -45.87 -3.77 -19.66
C LYS B 663 -45.59 -4.91 -18.68
N ASP B 664 -44.90 -5.94 -19.18
CA ASP B 664 -44.69 -7.17 -18.41
C ASP B 664 -43.78 -6.94 -17.21
N ASN B 665 -43.96 -7.76 -16.18
CA ASN B 665 -43.22 -7.64 -14.92
C ASN B 665 -41.75 -8.04 -15.05
N ASN B 666 -41.49 -9.12 -15.79
CA ASN B 666 -40.13 -9.60 -16.01
C ASN B 666 -39.28 -8.54 -16.70
N PRO B 667 -38.13 -8.20 -16.09
CA PRO B 667 -37.17 -7.19 -16.59
C PRO B 667 -36.65 -7.43 -18.00
N TYR B 668 -36.45 -8.69 -18.38
CA TYR B 668 -35.84 -9.01 -19.67
C TYR B 668 -36.70 -8.73 -20.89
N ARG B 669 -37.92 -9.24 -20.86
CA ARG B 669 -38.85 -9.06 -21.95
C ARG B 669 -39.16 -7.57 -22.05
N LYS B 670 -39.15 -6.90 -20.91
CA LYS B 670 -39.40 -5.45 -20.86
C LYS B 670 -38.28 -4.66 -21.55
N ALA B 671 -37.03 -5.03 -21.32
CA ALA B 671 -35.91 -4.35 -21.97
C ALA B 671 -35.90 -4.58 -23.48
N HIS B 672 -36.00 -5.87 -23.84
CA HIS B 672 -36.03 -6.25 -25.24
C HIS B 672 -37.16 -5.50 -25.95
N ALA B 673 -38.29 -5.38 -25.27
CA ALA B 673 -39.43 -4.63 -25.81
C ALA B 673 -39.21 -3.13 -25.90
N GLU B 674 -38.51 -2.56 -24.93
CA GLU B 674 -38.19 -1.13 -24.96
C GLU B 674 -37.45 -0.80 -26.22
N ARG B 675 -36.39 -1.56 -26.49
CA ARG B 675 -35.64 -1.34 -27.71
C ARG B 675 -36.46 -1.69 -28.95
N GLN B 676 -37.28 -2.73 -28.81
CA GLN B 676 -38.03 -3.29 -29.92
C GLN B 676 -39.02 -2.27 -30.47
N ALA B 677 -39.55 -1.44 -29.58
CA ALA B 677 -40.45 -0.36 -30.00
C ALA B 677 -39.73 0.57 -30.97
N ILE B 678 -38.53 0.96 -30.58
CA ILE B 678 -37.72 1.88 -31.35
C ILE B 678 -37.39 1.33 -32.73
N ASN B 679 -36.72 0.20 -32.74
CA ASN B 679 -36.28 -0.35 -34.02
C ASN B 679 -37.51 -0.63 -34.88
N THR B 680 -38.62 -1.00 -34.26
CA THR B 680 -39.81 -1.28 -35.04
C THR B 680 -40.35 -0.04 -35.74
N ILE B 681 -40.48 1.07 -35.01
CA ILE B 681 -40.92 2.29 -35.70
C ILE B 681 -39.95 2.71 -36.79
N VAL B 682 -38.65 2.81 -36.47
CA VAL B 682 -37.75 3.38 -37.48
C VAL B 682 -37.59 2.46 -38.69
N GLN B 683 -37.27 1.19 -38.46
CA GLN B 683 -37.10 0.24 -39.56
C GLN B 683 -38.40 0.01 -40.31
N GLY B 684 -39.50 -0.01 -39.57
CA GLY B 684 -40.79 -0.25 -40.17
C GLY B 684 -41.07 0.84 -41.18
N SER B 685 -40.96 2.08 -40.71
CA SER B 685 -41.19 3.24 -41.57
C SER B 685 -40.17 3.30 -42.71
N ALA B 686 -38.98 2.77 -42.45
CA ALA B 686 -37.92 2.65 -43.45
C ALA B 686 -38.35 1.81 -44.63
N ALA B 687 -38.76 0.59 -44.30
CA ALA B 687 -39.24 -0.36 -45.27
C ALA B 687 -40.46 0.19 -45.97
N ASP B 688 -41.24 0.99 -45.26
CA ASP B 688 -42.42 1.62 -45.84
C ASP B 688 -42.03 2.59 -46.95
N ILE B 689 -41.09 3.47 -46.65
CA ILE B 689 -40.58 4.40 -47.65
C ILE B 689 -40.10 3.60 -48.87
N VAL B 690 -39.34 2.54 -48.60
CA VAL B 690 -38.82 1.69 -49.69
C VAL B 690 -39.92 1.10 -50.57
N LYS B 691 -40.94 0.50 -49.96
CA LYS B 691 -42.06 -0.04 -50.72
C LYS B 691 -42.71 1.01 -51.61
N ILE B 692 -43.00 2.18 -51.03
CA ILE B 692 -43.65 3.22 -51.82
C ILE B 692 -42.77 3.64 -53.01
N ALA B 693 -41.47 3.76 -52.79
CA ALA B 693 -40.58 4.10 -53.89
C ALA B 693 -40.67 3.03 -54.99
N THR B 694 -40.68 1.76 -54.58
CA THR B 694 -40.80 0.65 -55.54
C THR B 694 -42.06 0.73 -56.38
N VAL B 695 -43.21 0.83 -55.71
CA VAL B 695 -44.49 0.81 -56.44
C VAL B 695 -44.61 2.05 -57.32
N ASN B 696 -44.05 3.17 -56.87
CA ASN B 696 -44.02 4.37 -57.70
C ASN B 696 -43.24 4.09 -58.97
N ILE B 697 -42.00 3.63 -58.79
CA ILE B 697 -41.12 3.33 -59.91
C ILE B 697 -41.76 2.37 -60.90
N GLN B 698 -42.23 1.23 -60.42
CA GLN B 698 -42.81 0.21 -61.29
C GLN B 698 -44.05 0.76 -61.99
N LYS B 699 -44.86 1.53 -61.25
CA LYS B 699 -46.08 2.08 -61.82
C LYS B 699 -45.79 3.07 -62.95
N GLN B 700 -44.69 3.82 -62.84
CA GLN B 700 -44.33 4.71 -63.94
C GLN B 700 -43.74 3.92 -65.11
N LEU B 701 -42.80 3.01 -64.79
CA LEU B 701 -42.14 2.13 -65.75
C LEU B 701 -43.11 1.38 -66.62
N GLU B 702 -44.23 1.03 -66.02
CA GLU B 702 -45.23 0.21 -66.65
C GLU B 702 -45.69 0.84 -67.96
N THR B 703 -46.43 1.95 -67.87
CA THR B 703 -46.97 2.58 -69.06
C THR B 703 -46.01 3.53 -69.80
N PHE B 704 -45.02 4.12 -69.13
CA PHE B 704 -44.21 5.16 -69.78
C PHE B 704 -43.42 4.60 -70.95
N HIS B 705 -42.82 3.45 -70.73
CA HIS B 705 -42.19 2.74 -71.82
C HIS B 705 -43.19 1.81 -72.43
N SER B 706 -43.48 1.95 -73.71
CA SER B 706 -44.42 1.03 -74.29
C SER B 706 -43.61 -0.08 -74.92
N THR B 707 -43.44 -1.12 -74.11
CA THR B 707 -43.01 -2.43 -74.57
C THR B 707 -43.95 -3.46 -73.94
N PHE B 708 -43.60 -3.82 -72.70
CA PHE B 708 -44.43 -4.60 -71.78
C PHE B 708 -43.69 -4.76 -70.45
N LYS B 709 -44.20 -5.66 -69.61
CA LYS B 709 -43.98 -5.68 -68.18
C LYS B 709 -42.74 -6.46 -67.67
N SER B 710 -42.76 -7.78 -67.80
CA SER B 710 -41.71 -8.63 -67.24
C SER B 710 -41.57 -10.00 -67.92
N HIS B 711 -40.47 -10.69 -67.66
CA HIS B 711 -40.09 -11.93 -68.35
C HIS B 711 -41.17 -13.01 -68.40
N GLY B 712 -42.06 -13.00 -67.41
CA GLY B 712 -43.16 -13.96 -67.40
C GLY B 712 -44.11 -13.71 -68.56
N HIS B 713 -44.24 -12.45 -68.93
CA HIS B 713 -45.16 -12.03 -69.97
C HIS B 713 -44.74 -12.54 -71.35
N ARG B 714 -43.46 -12.86 -71.50
CA ARG B 714 -42.96 -13.56 -72.68
C ARG B 714 -43.62 -14.93 -72.82
N GLU B 715 -43.53 -15.71 -71.74
CA GLU B 715 -44.08 -17.05 -71.69
C GLU B 715 -45.59 -16.93 -71.89
N GLY B 716 -46.14 -15.85 -71.34
CA GLY B 716 -47.52 -15.50 -71.56
C GLY B 716 -47.85 -15.24 -73.02
N MET B 717 -46.89 -14.68 -73.77
CA MET B 717 -47.07 -14.51 -75.21
C MET B 717 -47.10 -15.84 -75.91
N LEU B 718 -46.23 -16.78 -75.52
CA LEU B 718 -46.29 -18.09 -76.16
C LEU B 718 -47.63 -18.78 -75.88
N GLN B 719 -48.15 -18.62 -74.67
CA GLN B 719 -49.43 -19.24 -74.37
C GLN B 719 -50.62 -18.47 -74.96
N SER B 720 -50.39 -17.22 -75.34
CA SER B 720 -51.46 -16.38 -75.88
C SER B 720 -51.81 -16.69 -77.34
N ASP B 721 -50.87 -17.27 -78.07
CA ASP B 721 -51.13 -17.75 -79.42
C ASP B 721 -52.08 -18.94 -79.40
N CYS B 736 -38.34 -10.70 -82.16
CA CYS B 736 -38.61 -9.70 -81.14
C CYS B 736 -37.29 -9.23 -80.52
N PRO B 737 -37.28 -7.98 -80.03
CA PRO B 737 -36.13 -7.33 -79.39
C PRO B 737 -36.11 -7.45 -77.86
N ILE B 738 -35.09 -6.89 -77.21
CA ILE B 738 -35.11 -6.81 -75.74
C ILE B 738 -34.85 -5.40 -75.25
N ARG B 739 -35.88 -4.78 -74.68
CA ARG B 739 -35.76 -3.43 -74.17
C ARG B 739 -36.71 -3.18 -73.00
N GLY B 740 -36.21 -2.44 -72.01
CA GLY B 740 -36.95 -2.13 -70.81
C GLY B 740 -35.92 -2.17 -69.70
N GLY B 741 -36.37 -2.28 -68.46
CA GLY B 741 -35.51 -2.72 -67.39
C GLY B 741 -36.42 -3.37 -66.39
N PHE B 742 -35.92 -4.34 -65.63
CA PHE B 742 -36.81 -5.21 -64.87
C PHE B 742 -36.45 -5.35 -63.39
N PHE B 743 -37.49 -5.41 -62.57
CA PHE B 743 -37.38 -5.54 -61.12
C PHE B 743 -36.79 -6.89 -60.75
N ILE B 744 -35.80 -6.86 -59.85
CA ILE B 744 -35.04 -8.05 -59.49
C ILE B 744 -35.04 -8.38 -58.00
N LEU B 745 -34.59 -7.45 -57.18
CA LEU B 745 -34.38 -7.77 -55.77
C LEU B 745 -34.45 -6.54 -54.89
N GLN B 746 -34.62 -6.74 -53.58
CA GLN B 746 -34.41 -5.65 -52.61
C GLN B 746 -33.56 -6.05 -51.38
N LEU B 747 -32.51 -5.26 -51.14
CA LEU B 747 -31.63 -5.36 -49.95
C LEU B 747 -32.03 -4.46 -48.78
N HIS B 748 -33.29 -4.05 -48.79
CA HIS B 748 -34.04 -3.35 -47.74
C HIS B 748 -33.82 -1.84 -47.79
N ASP B 749 -32.63 -1.40 -48.14
CA ASP B 749 -32.43 -0.03 -48.56
C ASP B 749 -31.96 0.03 -50.00
N GLU B 750 -31.63 -1.12 -50.54
CA GLU B 750 -31.14 -1.21 -51.91
C GLU B 750 -32.24 -1.72 -52.84
N LEU B 751 -32.34 -1.10 -54.00
CA LEU B 751 -33.30 -1.54 -54.99
C LEU B 751 -32.55 -2.06 -56.20
N LEU B 752 -32.85 -3.30 -56.56
CA LEU B 752 -32.04 -4.05 -57.51
C LEU B 752 -32.78 -4.31 -58.81
N TYR B 753 -32.28 -3.67 -59.88
CA TYR B 753 -32.86 -3.77 -61.23
C TYR B 753 -31.84 -4.25 -62.25
N GLU B 754 -32.30 -4.95 -63.28
CA GLU B 754 -31.50 -5.12 -64.50
C GLU B 754 -32.12 -4.33 -65.65
N VAL B 755 -31.27 -3.75 -66.48
CA VAL B 755 -31.76 -2.87 -67.52
C VAL B 755 -30.93 -2.98 -68.79
N ALA B 756 -31.59 -2.98 -69.93
CA ALA B 756 -30.90 -3.02 -71.22
C ALA B 756 -29.92 -1.86 -71.31
N GLU B 757 -28.76 -2.03 -71.94
CA GLU B 757 -27.87 -0.89 -71.95
C GLU B 757 -28.36 -0.07 -73.12
N GLU B 758 -29.38 0.71 -72.79
CA GLU B 758 -30.00 1.69 -73.67
C GLU B 758 -30.51 2.80 -72.78
N ASP B 759 -31.53 2.42 -72.01
CA ASP B 759 -32.38 3.32 -71.24
C ASP B 759 -31.79 3.58 -69.86
N VAL B 760 -30.62 2.97 -69.62
CA VAL B 760 -29.98 2.93 -68.31
C VAL B 760 -29.93 4.32 -67.69
N VAL B 761 -29.79 5.34 -68.54
CA VAL B 761 -29.74 6.72 -68.08
C VAL B 761 -31.11 7.25 -67.64
N GLN B 762 -32.10 7.08 -68.52
CA GLN B 762 -33.49 7.43 -68.24
C GLN B 762 -33.87 6.71 -66.97
N VAL B 763 -33.61 5.40 -66.99
CA VAL B 763 -33.87 4.51 -65.87
C VAL B 763 -33.31 5.02 -64.54
N ALA B 764 -32.02 5.33 -64.55
CA ALA B 764 -31.31 5.78 -63.35
C ALA B 764 -31.97 7.03 -62.80
N GLN B 765 -32.16 8.04 -63.65
CA GLN B 765 -32.73 9.28 -63.12
C GLN B 765 -34.16 9.10 -62.62
N ILE B 766 -34.92 8.20 -63.25
CA ILE B 766 -36.26 7.88 -62.77
C ILE B 766 -36.21 7.26 -61.38
N VAL B 767 -35.25 6.35 -61.18
CA VAL B 767 -35.06 5.68 -59.89
C VAL B 767 -34.70 6.68 -58.79
N LYS B 768 -33.64 7.45 -59.05
CA LYS B 768 -33.19 8.49 -58.13
C LYS B 768 -34.39 9.38 -57.77
N ASN B 769 -35.11 9.82 -58.79
CA ASN B 769 -36.24 10.71 -58.59
C ASN B 769 -37.30 10.11 -57.66
N GLU B 770 -37.77 8.91 -57.95
CA GLU B 770 -38.86 8.36 -57.12
C GLU B 770 -38.41 7.96 -55.72
N MET B 771 -37.17 7.51 -55.58
CA MET B 771 -36.65 7.17 -54.26
C MET B 771 -36.49 8.40 -53.38
N GLU B 772 -36.08 9.52 -53.96
CA GLU B 772 -35.98 10.74 -53.19
C GLU B 772 -37.33 11.45 -53.05
N SER B 773 -38.26 11.16 -53.96
CA SER B 773 -39.57 11.83 -53.98
C SER B 773 -40.66 11.09 -53.20
N ALA B 774 -40.28 10.01 -52.51
CA ALA B 774 -41.24 9.20 -51.75
C ALA B 774 -42.15 10.07 -50.88
N VAL B 775 -41.58 10.62 -49.81
CA VAL B 775 -42.22 11.69 -49.07
C VAL B 775 -41.15 12.61 -48.54
N LYS B 776 -41.42 13.91 -48.58
CA LYS B 776 -40.46 14.88 -48.10
C LYS B 776 -40.52 14.88 -46.58
N LEU B 777 -39.40 15.21 -45.95
CA LEU B 777 -39.23 15.17 -44.51
C LEU B 777 -38.09 16.09 -44.09
N SER B 778 -37.66 15.94 -42.85
CA SER B 778 -36.68 16.84 -42.23
C SER B 778 -35.38 17.00 -43.02
N VAL B 779 -35.01 15.98 -43.82
CA VAL B 779 -33.83 16.06 -44.69
C VAL B 779 -34.06 15.48 -46.08
N LYS B 780 -33.17 15.82 -47.02
CA LYS B 780 -33.20 15.20 -48.33
C LYS B 780 -32.56 13.82 -48.22
N LEU B 781 -32.99 12.90 -49.07
CA LEU B 781 -32.45 11.55 -49.01
C LEU B 781 -31.44 11.37 -50.12
N LYS B 782 -30.16 11.39 -49.81
CA LYS B 782 -29.22 11.20 -50.89
C LYS B 782 -29.24 9.71 -51.23
N VAL B 783 -29.13 9.43 -52.51
CA VAL B 783 -29.18 8.07 -53.00
C VAL B 783 -27.91 7.79 -53.79
N LYS B 784 -27.08 6.90 -53.28
CA LYS B 784 -25.92 6.46 -54.04
C LYS B 784 -26.42 5.47 -55.07
N VAL B 785 -26.08 5.66 -56.34
CA VAL B 785 -26.56 4.70 -57.33
C VAL B 785 -25.41 4.03 -58.04
N LYS B 786 -25.15 2.79 -57.66
CA LYS B 786 -24.09 2.02 -58.30
C LYS B 786 -24.63 1.39 -59.57
N ILE B 787 -23.75 1.14 -60.54
CA ILE B 787 -24.18 0.62 -61.83
C ILE B 787 -23.05 -0.21 -62.47
N GLY B 788 -23.42 -1.18 -63.28
CA GLY B 788 -22.38 -1.84 -64.05
C GLY B 788 -22.70 -3.28 -64.36
N ALA B 789 -21.77 -3.92 -65.05
CA ALA B 789 -21.88 -5.33 -65.31
C ALA B 789 -21.75 -6.12 -64.01
N SER B 790 -22.47 -7.24 -64.00
CA SER B 790 -22.54 -8.20 -62.89
C SER B 790 -22.94 -7.65 -61.51
N TRP B 791 -22.40 -8.28 -60.48
CA TRP B 791 -22.66 -7.99 -59.06
C TRP B 791 -21.53 -7.28 -58.31
N GLY B 792 -20.53 -6.79 -59.04
CA GLY B 792 -19.55 -5.92 -58.40
C GLY B 792 -19.25 -4.85 -59.41
N GLU B 793 -19.05 -3.63 -58.90
CA GLU B 793 -19.64 -2.49 -59.61
C GLU B 793 -19.02 -1.15 -59.30
N LEU B 794 -19.36 -0.18 -60.15
CA LEU B 794 -18.90 1.19 -60.00
C LEU B 794 -20.08 2.16 -59.96
N LYS B 795 -19.88 3.33 -59.34
CA LYS B 795 -20.96 4.31 -59.20
C LYS B 795 -20.48 5.72 -59.50
N ASP B 796 -20.99 6.33 -60.57
CA ASP B 796 -20.86 7.77 -60.72
C ASP B 796 -21.91 8.38 -61.65
N PHE B 797 -22.39 9.57 -61.32
CA PHE B 797 -23.29 10.32 -62.22
C PHE B 797 -23.19 11.85 -62.01
N ASP B 798 -23.40 12.61 -63.08
CA ASP B 798 -23.06 14.03 -63.08
C ASP B 798 -24.22 14.94 -63.48
N VAL B 799 -24.14 16.21 -63.09
CA VAL B 799 -25.10 17.24 -63.48
C VAL B 799 -24.38 18.44 -64.10
N SER C 33 24.94 51.42 46.81
CA SER C 33 23.61 50.79 46.75
C SER C 33 23.59 49.67 45.73
N LEU C 34 24.00 50.01 44.51
CA LEU C 34 24.02 49.08 43.40
C LEU C 34 25.19 49.37 42.47
N SER C 35 25.88 48.33 42.04
CA SER C 35 26.54 48.41 40.73
C SER C 35 26.41 47.05 40.03
N ILE C 36 25.64 47.03 38.95
CA ILE C 36 25.60 45.89 38.02
C ILE C 36 25.36 46.37 36.59
N ILE C 37 25.63 45.49 35.64
CA ILE C 37 25.37 45.75 34.23
C ILE C 37 24.75 44.55 33.50
N ASP C 38 23.54 44.70 32.97
CA ASP C 38 23.04 43.80 31.94
C ASP C 38 23.89 44.06 30.72
N VAL C 39 24.48 43.05 30.09
CA VAL C 39 25.13 43.44 28.85
C VAL C 39 24.25 43.09 27.68
N ALA C 40 23.36 44.03 27.39
CA ALA C 40 22.71 44.17 26.11
C ALA C 40 22.33 45.64 25.93
N SER C 41 22.96 46.33 25.00
CA SER C 41 22.30 47.50 24.45
C SER C 41 22.54 47.43 22.97
N ASP C 42 21.49 47.07 22.22
CA ASP C 42 21.61 46.95 20.77
C ASP C 42 22.91 46.17 20.51
N GLN C 43 23.91 46.88 20.01
CA GLN C 43 25.23 46.27 19.83
C GLN C 43 26.34 46.91 20.68
N ASN C 44 26.66 48.17 20.41
CA ASN C 44 27.94 48.77 20.80
C ASN C 44 28.37 48.51 22.24
N LEU C 45 27.40 48.47 23.14
CA LEU C 45 27.65 48.17 24.55
C LEU C 45 28.28 46.78 24.69
N PHE C 46 27.59 45.78 24.17
CA PHE C 46 28.09 44.40 24.16
C PHE C 46 29.44 44.31 23.47
N GLN C 47 29.62 45.16 22.47
CA GLN C 47 30.81 45.12 21.64
C GLN C 47 32.05 45.61 22.37
N THR C 48 31.96 46.76 23.04
CA THR C 48 33.10 47.21 23.83
C THR C 48 33.27 46.24 25.00
N PHE C 49 32.19 45.60 25.43
CA PHE C 49 32.30 44.54 26.44
C PHE C 49 33.27 43.43 26.03
N ILE C 50 32.98 42.73 24.93
CA ILE C 50 33.88 41.65 24.52
C ILE C 50 35.26 42.20 24.14
N LYS C 51 35.28 43.45 23.68
CA LYS C 51 36.54 44.06 23.25
C LYS C 51 37.51 44.24 24.42
N GLU C 52 36.99 44.68 25.57
CA GLU C 52 37.78 44.70 26.82
C GLU C 52 38.09 43.27 27.27
N TRP C 53 37.04 42.45 27.31
CA TRP C 53 37.07 41.11 27.88
C TRP C 53 38.20 40.26 27.28
N ARG C 54 38.33 40.28 25.95
CA ARG C 54 39.30 39.45 25.25
C ARG C 54 40.75 39.71 25.66
N CYS C 55 41.03 40.97 26.01
CA CYS C 55 42.38 41.38 26.38
C CYS C 55 42.79 40.84 27.76
N LYS C 56 41.79 40.64 28.62
CA LYS C 56 42.05 40.37 30.03
C LYS C 56 42.61 38.99 30.28
N LYS C 57 43.54 38.92 31.24
CA LYS C 57 44.15 37.67 31.64
C LYS C 57 43.31 36.97 32.71
N ARG C 58 43.35 37.52 33.91
CA ARG C 58 42.60 36.99 35.05
C ARG C 58 41.15 37.49 35.02
N PHE C 59 40.20 36.58 35.19
CA PHE C 59 38.79 36.94 35.27
C PHE C 59 37.92 35.89 35.97
N SER C 60 36.74 36.31 36.41
CA SER C 60 35.84 35.46 37.21
C SER C 60 34.49 35.21 36.55
N ILE C 61 33.89 34.07 36.89
CA ILE C 61 32.65 33.58 36.27
C ILE C 61 31.74 32.90 37.29
N SER C 62 30.44 33.15 37.20
CA SER C 62 29.47 32.34 37.95
C SER C 62 28.09 32.34 37.28
N LEU C 63 27.34 31.26 37.48
CA LEU C 63 26.01 31.13 36.88
C LEU C 63 24.90 30.98 37.93
N ALA C 64 23.65 30.92 37.45
CA ALA C 64 22.48 30.77 38.33
C ALA C 64 21.39 29.93 37.66
N CYS C 65 20.41 29.46 38.45
CA CYS C 65 19.29 28.71 37.90
C CYS C 65 17.93 29.14 38.45
N GLU C 66 16.90 28.40 38.08
CA GLU C 66 15.56 28.70 38.57
C GLU C 66 14.80 27.51 39.16
N LYS C 67 14.51 26.53 38.32
CA LYS C 67 13.68 25.38 38.67
C LYS C 67 14.09 24.20 37.82
N ILE C 68 13.21 23.21 37.77
CA ILE C 68 13.28 22.09 36.83
C ILE C 68 14.56 21.25 37.00
N ARG C 69 14.48 20.34 37.95
CA ARG C 69 15.56 19.38 38.15
C ARG C 69 14.96 18.02 38.52
N ASP C 105 19.56 16.33 35.45
CA ASP C 105 20.15 17.45 34.71
C ASP C 105 19.12 18.54 34.48
N ASP C 106 19.58 19.71 34.03
CA ASP C 106 18.69 20.78 33.62
C ASP C 106 19.31 21.69 32.56
N THR C 107 18.49 22.09 31.59
CA THR C 107 18.93 23.05 30.57
C THR C 107 18.40 24.44 30.87
N LEU C 108 17.63 24.58 31.94
CA LEU C 108 17.07 25.89 32.23
C LEU C 108 18.00 26.64 33.17
N VAL C 109 18.66 27.63 32.59
CA VAL C 109 19.67 28.43 33.26
C VAL C 109 19.44 29.86 32.79
N VAL C 110 19.32 30.78 33.73
CA VAL C 110 19.05 32.17 33.40
C VAL C 110 20.15 32.75 32.49
N GLY C 111 21.37 32.85 33.02
CA GLY C 111 22.48 33.42 32.28
C GLY C 111 23.76 33.49 33.11
N LEU C 112 24.89 33.59 32.43
CA LEU C 112 26.21 33.67 33.07
C LEU C 112 26.53 35.07 33.58
N ALA C 113 27.50 35.18 34.48
CA ALA C 113 28.01 36.49 34.90
C ALA C 113 29.54 36.43 35.01
N VAL C 114 30.18 37.57 34.72
CA VAL C 114 31.63 37.67 34.69
C VAL C 114 32.08 38.93 35.42
N CYS C 115 33.14 38.80 36.20
CA CYS C 115 33.80 39.98 36.76
C CYS C 115 35.30 39.80 36.86
N TRP C 116 36.08 40.75 36.34
CA TRP C 116 37.52 40.71 36.56
C TRP C 116 38.00 41.70 37.64
N GLY C 117 37.07 42.42 38.28
CA GLY C 117 37.38 43.22 39.44
C GLY C 117 36.47 44.40 39.75
N GLY C 118 36.63 45.00 40.94
CA GLY C 118 35.87 46.16 41.36
C GLY C 118 34.43 45.89 41.79
N ARG C 119 33.82 46.88 42.43
CA ARG C 119 32.41 46.77 42.87
C ARG C 119 31.46 46.48 41.71
N ASP C 120 31.89 46.80 40.49
CA ASP C 120 31.11 46.55 39.28
C ASP C 120 31.07 45.05 38.93
N ALA C 121 30.04 44.64 38.20
CA ALA C 121 29.95 43.26 37.71
C ALA C 121 29.17 43.16 36.40
N TYR C 122 29.54 42.20 35.55
CA TYR C 122 28.93 42.06 34.24
C TYR C 122 28.00 40.86 34.13
N TYR C 123 26.84 41.07 33.53
CA TYR C 123 25.89 39.99 33.35
C TYR C 123 25.62 39.65 31.87
N PHE C 124 25.44 38.36 31.61
CA PHE C 124 25.27 37.80 30.26
C PHE C 124 23.99 36.95 30.27
N SER C 125 22.91 37.49 29.70
CA SER C 125 21.57 36.87 29.75
C SER C 125 21.32 35.82 28.66
N LEU C 126 20.36 34.93 28.88
CA LEU C 126 19.92 33.97 27.86
C LEU C 126 18.40 33.88 27.72
N LEU C 144 17.42 47.04 30.31
CA LEU C 144 16.65 45.95 30.90
C LEU C 144 16.73 44.66 30.06
N ASP C 145 15.78 44.48 29.14
CA ASP C 145 15.74 43.27 28.30
C ASP C 145 15.59 43.53 26.79
N PRO C 146 16.63 44.07 26.15
CA PRO C 146 16.60 44.42 24.72
C PRO C 146 17.03 43.30 23.77
N SER C 147 16.99 43.55 22.46
CA SER C 147 17.41 42.55 21.48
C SER C 147 18.04 43.07 20.19
N LEU C 148 19.09 42.38 19.75
CA LEU C 148 19.44 42.33 18.33
C LEU C 148 19.77 40.87 17.98
N THR C 149 20.89 40.41 18.55
CA THR C 149 21.49 39.09 18.35
C THR C 149 20.83 37.97 19.17
N LEU C 150 21.03 36.72 18.74
CA LEU C 150 20.53 35.57 19.51
C LEU C 150 21.54 34.44 19.75
N LYS C 151 21.85 33.68 18.71
CA LYS C 151 22.80 32.57 18.81
C LYS C 151 24.22 33.14 18.87
N ASP C 152 24.31 34.34 18.30
CA ASP C 152 25.55 35.06 18.10
C ASP C 152 26.31 35.14 19.41
N ARG C 153 25.60 35.62 20.43
CA ARG C 153 26.17 35.87 21.74
C ARG C 153 26.84 34.61 22.28
N MET C 154 26.19 33.47 22.08
CA MET C 154 26.65 32.21 22.64
C MET C 154 27.93 31.85 21.94
N TRP C 155 27.96 32.13 20.64
CA TRP C 155 29.21 31.91 19.91
C TRP C 155 30.33 32.79 20.47
N TYR C 156 30.04 34.07 20.72
CA TYR C 156 31.02 35.01 21.28
C TYR C 156 31.58 34.50 22.59
N LEU C 157 30.69 34.03 23.48
CA LEU C 157 31.09 33.48 24.76
C LEU C 157 32.05 32.31 24.57
N GLN C 158 31.67 31.38 23.71
CA GLN C 158 32.55 30.25 23.43
C GLN C 158 33.92 30.75 23.03
N SER C 159 33.96 31.63 22.03
CA SER C 159 35.22 32.18 21.53
C SER C 159 36.04 32.81 22.64
N CYS C 160 35.35 33.43 23.57
CA CYS C 160 35.98 34.13 24.68
C CYS C 160 36.61 33.15 25.64
N LEU C 161 35.94 32.02 25.83
CA LEU C 161 36.28 31.12 26.91
C LEU C 161 37.36 30.09 26.56
N ARG C 162 37.86 30.04 25.34
CA ARG C 162 38.95 29.10 25.11
C ARG C 162 40.16 29.60 24.34
N LYS C 163 41.29 29.77 25.03
CA LYS C 163 42.60 29.27 24.62
C LYS C 163 42.70 29.10 23.10
N GLU C 164 42.67 30.19 22.35
CA GLU C 164 42.88 30.10 20.90
C GLU C 164 44.12 29.28 20.57
N SER C 165 45.24 29.83 21.01
CA SER C 165 46.56 29.21 20.96
C SER C 165 47.46 30.23 21.62
N ASP C 166 48.56 29.79 22.23
CA ASP C 166 49.63 30.69 22.67
C ASP C 166 49.18 31.73 23.70
N LYS C 167 47.87 31.86 23.88
CA LYS C 167 47.34 32.91 24.73
C LYS C 167 46.79 32.25 25.98
N GLU C 168 47.42 32.53 27.11
CA GLU C 168 47.24 31.71 28.30
C GLU C 168 46.63 32.57 29.40
N CYS C 169 45.34 32.32 29.66
CA CYS C 169 44.61 33.05 30.67
C CYS C 169 43.91 32.07 31.60
N SER C 170 43.55 32.52 32.79
CA SER C 170 43.01 31.63 33.81
C SER C 170 41.63 32.09 34.26
N VAL C 171 40.88 31.18 34.87
CA VAL C 171 39.47 31.43 35.19
C VAL C 171 39.04 30.73 36.48
N VAL C 172 38.16 31.40 37.23
CA VAL C 172 37.78 30.99 38.59
C VAL C 172 36.27 30.82 38.81
N ILE C 173 35.90 29.81 39.61
CA ILE C 173 34.50 29.51 39.99
C ILE C 173 34.52 28.96 41.43
N TYR C 174 33.43 29.09 42.21
CA TYR C 174 33.44 28.66 43.63
C TYR C 174 33.86 27.22 43.72
N ASP C 175 32.98 26.33 43.29
CA ASP C 175 33.41 24.99 43.09
C ASP C 175 33.62 24.93 41.60
N PHE C 176 33.97 23.77 41.10
CA PHE C 176 34.46 23.72 39.74
C PHE C 176 33.68 22.70 38.94
N ILE C 177 33.84 21.44 39.29
CA ILE C 177 33.45 20.33 38.45
C ILE C 177 31.98 20.43 38.03
N GLN C 178 31.11 20.93 38.89
CA GLN C 178 29.69 20.98 38.52
C GLN C 178 29.37 22.17 37.62
N SER C 179 30.12 23.27 37.77
CA SER C 179 29.90 24.43 36.89
C SER C 179 30.29 24.07 35.46
N TYR C 180 31.41 23.39 35.30
CA TYR C 180 31.85 22.87 34.00
C TYR C 180 30.89 21.80 33.53
N LYS C 181 30.36 21.00 34.47
CA LYS C 181 29.29 20.05 34.15
C LYS C 181 28.17 20.75 33.44
N ILE C 182 27.81 21.94 33.92
CA ILE C 182 26.71 22.69 33.30
C ILE C 182 27.13 23.27 31.95
N LEU C 183 28.28 23.94 31.91
CA LEU C 183 28.73 24.57 30.67
C LEU C 183 28.82 23.58 29.51
N LEU C 184 29.29 22.37 29.80
CA LEU C 184 29.35 21.34 28.78
C LEU C 184 27.96 20.74 28.51
N LEU C 185 27.29 20.31 29.58
CA LEU C 185 26.02 19.59 29.44
C LEU C 185 24.80 20.47 29.19
N SER C 186 24.68 21.61 29.87
CA SER C 186 23.50 22.44 29.69
C SER C 186 23.56 23.22 28.38
N CYS C 187 24.57 24.09 28.23
CA CYS C 187 24.67 24.89 27.00
C CYS C 187 25.73 24.47 25.98
N GLY C 188 26.52 23.44 26.27
CA GLY C 188 27.39 22.91 25.23
C GLY C 188 28.64 23.71 24.90
N ILE C 189 29.20 24.37 25.90
CA ILE C 189 30.49 25.01 25.74
C ILE C 189 31.55 24.25 26.51
N SER C 190 32.51 23.71 25.78
CA SER C 190 33.58 23.02 26.46
C SER C 190 34.59 24.08 26.73
N LEU C 191 34.66 24.47 28.00
CA LEU C 191 35.60 25.48 28.44
C LEU C 191 36.98 24.86 28.41
N GLU C 192 37.91 25.44 27.66
CA GLU C 192 39.27 25.02 27.86
C GLU C 192 40.24 26.18 27.95
N GLN C 193 40.77 26.33 29.16
CA GLN C 193 41.82 27.30 29.49
C GLN C 193 42.40 26.90 30.83
N SER C 194 43.30 27.72 31.35
CA SER C 194 43.85 27.52 32.67
C SER C 194 42.78 27.81 33.73
N TYR C 195 42.78 27.04 34.81
CA TYR C 195 41.72 27.09 35.82
C TYR C 195 42.23 27.36 37.26
N GLU C 196 41.42 28.09 38.01
CA GLU C 196 41.68 28.29 39.44
C GLU C 196 40.39 28.11 40.25
N ASP C 197 40.38 27.15 41.16
CA ASP C 197 39.20 26.94 42.00
C ASP C 197 39.56 27.23 43.46
N PRO C 198 38.99 28.32 44.02
CA PRO C 198 39.35 28.87 45.33
C PRO C 198 39.10 27.93 46.51
N LYS C 199 38.01 27.17 46.51
CA LYS C 199 37.72 26.31 47.66
C LYS C 199 38.84 25.26 47.77
N VAL C 200 39.43 24.93 46.62
CA VAL C 200 40.59 24.05 46.57
C VAL C 200 41.86 24.71 47.14
N ALA C 201 42.06 26.00 46.89
CA ALA C 201 43.20 26.70 47.47
C ALA C 201 43.01 26.68 48.98
N CYS C 202 41.79 27.03 49.37
CA CYS C 202 41.34 27.04 50.76
C CYS C 202 41.64 25.73 51.46
N TRP C 203 41.33 24.62 50.78
CA TRP C 203 41.68 23.30 51.31
C TRP C 203 43.17 23.08 51.35
N LEU C 204 43.87 23.55 50.32
CA LEU C 204 45.30 23.29 50.17
C LEU C 204 46.02 23.88 51.36
N LEU C 205 45.42 24.92 51.92
CA LEU C 205 45.91 25.50 53.17
C LEU C 205 45.66 24.56 54.34
N ASP C 206 44.41 24.14 54.52
CA ASP C 206 44.01 23.37 55.69
C ASP C 206 43.24 22.10 55.31
N PRO C 207 43.95 21.02 54.99
CA PRO C 207 43.29 19.75 54.65
C PRO C 207 42.31 19.23 55.71
N ASP C 208 42.50 19.61 56.97
CA ASP C 208 41.57 19.21 58.01
C ASP C 208 40.34 20.09 58.09
N SER C 209 40.35 21.22 57.41
CA SER C 209 39.21 22.15 57.44
C SER C 209 37.94 21.49 56.95
N GLN C 210 36.81 21.97 57.45
CA GLN C 210 35.52 21.42 57.04
C GLN C 210 34.94 22.24 55.89
N GLU C 211 34.98 21.65 54.69
CA GLU C 211 34.09 21.98 53.56
C GLU C 211 33.73 23.47 53.40
N PRO C 212 34.69 24.30 52.92
CA PRO C 212 34.53 25.75 52.86
C PRO C 212 33.27 26.19 52.14
N THR C 213 32.70 27.30 52.57
CA THR C 213 31.52 27.85 51.95
C THR C 213 31.71 29.33 51.67
N LEU C 214 30.82 29.90 50.86
CA LEU C 214 30.94 31.29 50.46
C LEU C 214 31.03 32.21 51.66
N HIS C 215 30.03 32.14 52.53
CA HIS C 215 30.00 33.02 53.69
C HIS C 215 31.27 32.85 54.51
N SER C 216 31.70 31.60 54.65
CA SER C 216 32.92 31.31 55.39
C SER C 216 34.14 31.97 54.74
N ILE C 217 34.22 31.91 53.42
CA ILE C 217 35.39 32.43 52.72
C ILE C 217 35.42 33.95 52.72
N VAL C 218 34.31 34.59 52.36
CA VAL C 218 34.23 36.04 52.41
C VAL C 218 34.43 36.56 53.84
N THR C 219 34.05 35.75 54.83
CA THR C 219 34.32 36.09 56.23
C THR C 219 35.82 36.06 56.50
N SER C 220 36.47 35.00 56.02
CA SER C 220 37.86 34.75 56.34
C SER C 220 38.87 35.52 55.49
N PHE C 221 38.40 36.09 54.39
CA PHE C 221 39.29 36.63 53.37
C PHE C 221 38.94 38.03 52.89
N LEU C 222 37.69 38.24 52.48
CA LEU C 222 37.25 39.54 51.97
C LEU C 222 36.22 40.20 52.90
N PRO C 223 36.69 40.75 54.04
CA PRO C 223 35.85 41.28 55.12
C PRO C 223 34.97 42.47 54.76
N HIS C 224 35.53 43.51 54.14
CA HIS C 224 34.77 44.76 54.06
C HIS C 224 33.59 44.66 53.09
N GLU C 225 33.69 43.70 52.16
CA GLU C 225 32.62 43.44 51.20
C GLU C 225 31.58 42.48 51.76
N LEU C 226 31.88 41.85 52.90
CA LEU C 226 31.05 40.73 53.36
C LEU C 226 29.56 41.03 53.61
N PRO C 227 29.22 42.17 54.26
CA PRO C 227 27.85 42.28 54.79
C PRO C 227 26.74 42.06 53.77
N LEU C 228 26.98 42.45 52.53
CA LEU C 228 25.97 42.32 51.48
C LEU C 228 25.49 40.87 51.35
N LEU C 229 26.43 39.93 51.38
CA LEU C 229 26.13 38.51 51.25
C LEU C 229 25.07 38.08 52.27
N GLU C 230 25.03 38.78 53.40
CA GLU C 230 24.14 38.39 54.48
C GLU C 230 22.67 38.69 54.21
N GLY C 231 22.35 39.28 53.05
CA GLY C 231 20.96 39.42 52.65
C GLY C 231 20.26 38.15 52.20
N MET C 232 21.02 37.06 52.09
CA MET C 232 20.58 35.84 51.39
C MET C 232 20.34 34.60 52.25
N GLU C 233 21.39 34.18 52.97
CA GLU C 233 21.47 32.90 53.71
C GLU C 233 21.49 31.63 52.84
N THR C 234 22.53 31.47 52.05
CA THR C 234 22.94 30.13 51.59
C THR C 234 24.46 30.06 51.46
N SER C 235 25.07 29.05 52.07
CA SER C 235 26.39 28.66 51.64
C SER C 235 26.55 27.13 51.70
N GLN C 236 26.56 26.46 50.55
CA GLN C 236 26.98 25.07 50.45
C GLN C 236 27.78 24.80 49.18
N GLY C 237 27.07 24.87 48.05
CA GLY C 237 27.62 24.82 46.71
C GLY C 237 27.54 26.26 46.23
N ILE C 238 27.56 26.48 44.92
CA ILE C 238 27.56 27.85 44.42
C ILE C 238 26.21 28.53 44.63
N GLN C 239 26.07 29.74 44.10
CA GLN C 239 24.81 30.48 44.26
C GLN C 239 23.69 29.97 43.35
N SER C 240 24.02 29.15 42.36
CA SER C 240 22.97 28.48 41.60
C SER C 240 22.32 27.36 42.41
N LEU C 241 23.14 26.53 43.03
CA LEU C 241 22.69 25.41 43.84
C LEU C 241 21.94 25.86 45.10
N GLY C 242 22.23 27.07 45.54
CA GLY C 242 21.57 27.68 46.69
C GLY C 242 20.31 28.40 46.24
N LEU C 243 19.76 27.92 45.12
CA LEU C 243 18.65 28.58 44.45
C LEU C 243 17.41 28.84 45.32
N ASN C 244 17.20 28.05 46.34
CA ASN C 244 16.02 28.21 47.20
C ASN C 244 16.05 29.42 48.14
N ALA C 245 17.11 29.50 48.94
CA ALA C 245 17.24 30.61 49.87
C ALA C 245 17.57 31.89 49.12
N GLY C 246 18.15 31.72 47.95
CA GLY C 246 18.39 32.82 47.03
C GLY C 246 17.18 33.18 46.21
N SER C 247 16.19 32.30 46.18
CA SER C 247 15.03 32.48 45.30
C SER C 247 14.29 33.81 45.51
N GLU C 248 14.33 34.34 46.72
CA GLU C 248 13.76 35.65 46.97
C GLU C 248 14.69 36.71 46.37
N HIS C 249 15.98 36.40 46.31
CA HIS C 249 16.97 37.24 45.63
C HIS C 249 17.40 36.77 44.23
N SER C 250 16.88 35.64 43.76
CA SER C 250 17.44 34.94 42.59
C SER C 250 17.44 35.74 41.30
N GLY C 251 18.51 35.58 40.52
CA GLY C 251 18.61 36.23 39.23
C GLY C 251 20.06 36.53 38.89
N ARG C 252 20.24 37.57 38.10
CA ARG C 252 21.56 38.14 37.84
C ARG C 252 22.33 38.45 39.15
N TYR C 253 21.59 38.72 40.22
CA TYR C 253 22.14 39.11 41.51
C TYR C 253 23.10 38.06 42.10
N ARG C 254 22.64 36.81 42.21
CA ARG C 254 23.44 35.73 42.78
C ARG C 254 24.72 35.48 41.96
N ALA C 255 24.56 35.37 40.64
CA ALA C 255 25.69 35.11 39.77
C ALA C 255 26.70 36.24 39.81
N SER C 256 26.22 37.47 39.86
CA SER C 256 27.13 38.61 39.91
C SER C 256 27.89 38.65 41.22
N VAL C 257 27.16 38.58 42.34
CA VAL C 257 27.80 38.69 43.64
C VAL C 257 28.80 37.55 43.82
N GLU C 258 28.42 36.35 43.37
CA GLU C 258 29.33 35.22 43.47
C GLU C 258 30.57 35.51 42.64
N SER C 259 30.36 36.01 41.42
CA SER C 259 31.47 36.32 40.53
C SER C 259 32.50 37.23 41.21
N ILE C 260 32.05 38.45 41.57
CA ILE C 260 32.94 39.48 42.13
C ILE C 260 33.61 39.07 43.45
N LEU C 261 32.80 38.56 44.39
CA LEU C 261 33.30 38.08 45.66
C LEU C 261 34.42 37.07 45.41
N ILE C 262 34.13 36.11 44.54
CA ILE C 262 35.11 35.10 44.16
C ILE C 262 36.39 35.72 43.59
N PHE C 263 36.28 36.79 42.81
CA PHE C 263 37.49 37.34 42.21
C PHE C 263 38.41 37.99 43.24
N ASN C 264 37.90 38.94 44.00
CA ASN C 264 38.77 39.59 45.00
C ASN C 264 39.32 38.55 45.98
N SER C 265 38.45 37.65 46.42
CA SER C 265 38.86 36.64 47.38
C SER C 265 39.96 35.73 46.83
N MET C 266 39.77 35.18 45.63
CA MET C 266 40.76 34.27 45.05
C MET C 266 42.05 35.00 44.70
N ASN C 267 41.97 36.30 44.43
CA ASN C 267 43.19 37.08 44.26
C ASN C 267 43.93 37.08 45.60
N GLN C 268 43.18 37.27 46.68
CA GLN C 268 43.77 37.17 48.03
C GLN C 268 44.36 35.77 48.27
N LEU C 269 43.63 34.72 47.90
CA LEU C 269 44.09 33.36 48.09
C LEU C 269 45.37 33.09 47.33
N ASN C 270 45.42 33.49 46.06
CA ASN C 270 46.59 33.28 45.24
C ASN C 270 47.77 34.04 45.85
N SER C 271 47.45 35.20 46.43
CA SER C 271 48.43 35.96 47.20
C SER C 271 48.97 35.13 48.37
N LEU C 272 48.08 34.45 49.08
CA LEU C 272 48.45 33.62 50.23
C LEU C 272 49.22 32.35 49.86
N LEU C 273 48.79 31.64 48.82
CA LEU C 273 49.45 30.43 48.38
C LEU C 273 50.81 30.76 47.83
N GLN C 274 50.89 31.86 47.07
CA GLN C 274 52.19 32.28 46.57
C GLN C 274 53.02 32.77 47.75
N LYS C 275 52.36 33.19 48.83
CA LYS C 275 53.08 33.65 50.04
C LYS C 275 53.81 32.47 50.69
N GLU C 276 53.45 31.26 50.28
CA GLU C 276 54.21 30.05 50.58
C GLU C 276 54.75 29.53 49.26
N ASN C 277 55.53 28.47 49.24
CA ASN C 277 55.87 28.04 47.90
C ASN C 277 54.93 26.88 47.60
N LEU C 278 53.67 27.25 47.38
CA LEU C 278 52.63 26.37 46.86
C LEU C 278 52.04 26.67 45.46
N GLN C 279 52.39 27.81 44.86
CA GLN C 279 51.60 28.24 43.70
C GLN C 279 51.83 27.27 42.54
N ASP C 280 53.08 26.91 42.30
CA ASP C 280 53.38 25.89 41.30
C ASP C 280 52.64 24.59 41.62
N VAL C 281 52.57 24.23 42.89
CA VAL C 281 51.89 23.01 43.33
C VAL C 281 50.37 23.14 43.17
N PHE C 282 49.86 24.36 43.29
CA PHE C 282 48.43 24.59 43.11
C PHE C 282 48.03 24.60 41.63
N ARG C 283 48.43 25.65 40.93
CA ARG C 283 47.96 25.87 39.56
C ARG C 283 48.46 24.80 38.60
N LYS C 284 49.71 24.38 38.77
CA LYS C 284 50.31 23.44 37.83
C LYS C 284 50.15 21.98 38.29
N VAL C 285 49.45 21.75 39.41
CA VAL C 285 49.15 20.37 39.79
C VAL C 285 47.70 20.05 40.15
N GLU C 286 47.18 20.60 41.25
CA GLU C 286 45.95 20.06 41.82
C GLU C 286 44.67 20.53 41.14
N MET C 287 44.65 21.75 40.65
CA MET C 287 43.52 22.15 39.82
C MET C 287 43.37 21.22 38.61
N PRO C 288 44.47 20.91 37.87
CA PRO C 288 44.42 19.88 36.84
C PRO C 288 43.82 18.57 37.36
N SER C 289 44.09 18.26 38.64
CA SER C 289 43.47 17.11 39.27
C SER C 289 41.95 17.30 39.26
N GLN C 290 41.46 18.46 39.71
CA GLN C 290 40.02 18.74 39.71
C GLN C 290 39.41 18.61 38.30
N TYR C 291 40.16 19.07 37.30
CA TYR C 291 39.78 18.96 35.90
C TYR C 291 39.58 17.51 35.46
N CYS C 292 40.65 16.73 35.66
CA CYS C 292 40.70 15.33 35.23
C CYS C 292 39.56 14.59 35.91
N LEU C 293 39.42 14.85 37.21
CA LEU C 293 38.36 14.30 38.03
C LEU C 293 37.00 14.64 37.47
N ALA C 294 36.89 15.85 36.91
CA ALA C 294 35.62 16.32 36.39
C ALA C 294 35.25 15.53 35.14
N LEU C 295 36.18 15.43 34.19
CA LEU C 295 35.82 14.74 32.94
C LEU C 295 35.60 13.26 33.21
N LEU C 296 36.24 12.74 34.26
CA LEU C 296 35.84 11.43 34.80
C LEU C 296 34.38 11.47 35.18
N GLU C 297 34.06 12.42 36.04
CA GLU C 297 32.77 12.50 36.69
C GLU C 297 31.66 12.62 35.66
N LEU C 298 32.03 13.10 34.48
CA LEU C 298 31.20 13.04 33.30
C LEU C 298 31.22 11.66 32.63
N ASN C 299 32.38 11.02 32.58
CA ASN C 299 32.50 9.68 32.00
C ASN C 299 31.53 8.67 32.61
N GLY C 300 31.38 8.70 33.93
CA GLY C 300 30.53 7.74 34.59
C GLY C 300 31.23 6.40 34.60
N ILE C 301 30.48 5.33 34.80
CA ILE C 301 31.07 3.99 34.65
C ILE C 301 30.03 2.92 34.27
N GLY C 302 30.44 1.96 33.44
CA GLY C 302 29.52 1.04 32.79
C GLY C 302 29.00 -0.05 33.69
N PHE C 303 27.75 -0.44 33.50
CA PHE C 303 27.11 -1.38 34.42
C PHE C 303 26.07 -2.30 33.77
N SER C 304 25.90 -3.51 34.31
CA SER C 304 24.85 -4.42 33.81
C SER C 304 23.93 -4.96 34.91
N THR C 305 22.66 -4.54 34.86
CA THR C 305 21.67 -4.88 35.89
C THR C 305 21.34 -6.37 35.95
N ALA C 306 21.51 -7.06 34.83
CA ALA C 306 21.21 -8.49 34.75
C ALA C 306 22.09 -9.28 35.72
N GLU C 307 23.37 -8.93 35.74
CA GLU C 307 24.36 -9.55 36.61
C GLU C 307 24.05 -9.23 38.07
N CYS C 308 23.77 -7.95 38.31
CA CYS C 308 23.44 -7.43 39.63
C CYS C 308 22.26 -8.16 40.24
N GLU C 309 21.21 -8.37 39.46
CA GLU C 309 19.97 -8.97 39.96
C GLU C 309 20.09 -10.50 40.03
N SER C 310 20.89 -11.08 39.15
CA SER C 310 21.16 -12.51 39.23
C SER C 310 21.83 -12.83 40.56
N GLN C 311 22.96 -12.17 40.82
CA GLN C 311 23.63 -12.41 42.10
C GLN C 311 22.81 -11.86 43.28
N LYS C 312 21.89 -10.94 42.99
CA LYS C 312 20.92 -10.48 43.98
C LYS C 312 20.09 -11.66 44.49
N HIS C 313 19.47 -12.38 43.57
CA HIS C 313 18.63 -13.52 43.94
C HIS C 313 19.45 -14.67 44.54
N ILE C 314 20.67 -14.82 44.05
CA ILE C 314 21.65 -15.73 44.67
C ILE C 314 21.84 -15.42 46.17
N MET C 315 22.11 -14.15 46.44
CA MET C 315 22.36 -13.70 47.80
C MET C 315 21.13 -13.79 48.69
N GLN C 316 19.96 -13.59 48.11
CA GLN C 316 18.72 -13.75 48.87
C GLN C 316 18.59 -15.23 49.27
N ALA C 317 18.94 -16.09 48.32
CA ALA C 317 18.94 -17.53 48.56
C ALA C 317 19.85 -17.87 49.75
N LYS C 318 21.09 -17.40 49.71
CA LYS C 318 22.00 -17.67 50.83
C LYS C 318 21.56 -17.00 52.12
N LEU C 319 20.91 -15.84 52.00
CA LEU C 319 20.36 -15.12 53.14
C LEU C 319 19.40 -15.98 53.94
N ASP C 320 18.28 -16.34 53.32
CA ASP C 320 17.25 -17.12 54.02
C ASP C 320 17.71 -18.54 54.32
N ALA C 321 18.49 -19.13 53.42
CA ALA C 321 19.00 -20.48 53.65
C ALA C 321 19.90 -20.51 54.88
N ILE C 322 20.66 -19.45 55.09
CA ILE C 322 21.50 -19.31 56.27
C ILE C 322 20.67 -18.97 57.50
N GLU C 323 19.53 -18.32 57.28
CA GLU C 323 18.58 -18.09 58.37
C GLU C 323 18.06 -19.42 58.93
N THR C 324 17.58 -20.31 58.06
CA THR C 324 17.12 -21.63 58.53
C THR C 324 18.27 -22.53 58.98
N GLN C 325 19.42 -22.40 58.34
CA GLN C 325 20.62 -23.13 58.76
C GLN C 325 21.00 -22.75 60.18
N ALA C 326 20.79 -21.48 60.50
CA ALA C 326 21.06 -20.94 61.82
C ALA C 326 20.07 -21.47 62.84
N TYR C 327 18.79 -21.42 62.48
CA TYR C 327 17.74 -21.76 63.42
C TYR C 327 17.47 -23.26 63.47
N GLN C 328 18.28 -24.02 62.74
CA GLN C 328 18.24 -25.47 62.86
C GLN C 328 18.78 -25.88 64.23
N LEU C 329 19.67 -25.06 64.81
CA LEU C 329 20.16 -25.32 66.17
C LEU C 329 19.20 -24.95 67.30
N ALA C 330 18.67 -23.73 67.31
CA ALA C 330 17.55 -23.42 68.18
C ALA C 330 16.44 -22.63 67.48
N GLY C 331 16.75 -21.34 67.31
CA GLY C 331 15.86 -20.30 66.85
C GLY C 331 15.01 -19.93 68.04
N HIS C 332 14.89 -18.65 68.35
CA HIS C 332 13.85 -18.20 69.26
C HIS C 332 13.47 -16.75 68.90
N SER C 333 12.41 -16.53 68.14
CA SER C 333 11.89 -15.17 67.87
C SER C 333 12.85 -14.06 67.36
N PHE C 334 14.15 -14.32 67.25
CA PHE C 334 15.18 -13.25 67.15
C PHE C 334 15.34 -12.48 65.83
N SER C 335 16.00 -11.31 65.91
CA SER C 335 16.47 -10.57 64.73
C SER C 335 17.91 -10.13 64.89
N PHE C 336 18.73 -10.38 63.87
CA PHE C 336 20.18 -10.14 63.91
C PHE C 336 20.58 -8.68 64.03
N THR C 337 19.73 -7.79 63.51
CA THR C 337 20.07 -6.39 63.32
C THR C 337 20.45 -5.65 64.61
N SER C 338 19.85 -6.06 65.73
CA SER C 338 20.08 -5.44 67.04
C SER C 338 21.15 -6.18 67.83
N SER C 339 22.21 -5.47 68.20
CA SER C 339 23.29 -6.04 68.98
C SER C 339 22.93 -6.29 70.45
N ASP C 340 22.09 -5.41 71.00
CA ASP C 340 21.62 -5.55 72.37
C ASP C 340 20.64 -6.70 72.53
N ASP C 341 19.91 -7.01 71.46
CA ASP C 341 19.07 -8.19 71.39
C ASP C 341 19.90 -9.47 71.30
N ILE C 342 21.04 -9.36 70.62
CA ILE C 342 21.99 -10.48 70.51
C ILE C 342 22.65 -10.73 71.85
N ALA C 343 22.79 -9.67 72.63
CA ALA C 343 23.36 -9.77 73.97
C ALA C 343 22.64 -10.84 74.78
N GLU C 344 21.34 -10.94 74.58
CA GLU C 344 20.50 -11.93 75.25
C GLU C 344 21.07 -13.35 75.09
N VAL C 345 20.95 -13.90 73.89
CA VAL C 345 21.31 -15.29 73.67
C VAL C 345 22.82 -15.51 73.71
N LEU C 346 23.58 -14.54 73.21
CA LEU C 346 25.04 -14.67 73.18
C LEU C 346 25.63 -14.68 74.57
N PHE C 347 25.32 -13.67 75.36
CA PHE C 347 25.87 -13.61 76.70
C PHE C 347 25.27 -14.71 77.58
N LEU C 348 24.04 -15.15 77.27
CA LEU C 348 23.42 -16.20 78.09
C LEU C 348 23.92 -17.63 77.80
N GLU C 349 23.54 -18.17 76.64
CA GLU C 349 23.69 -19.62 76.44
C GLU C 349 25.10 -20.06 76.06
N LEU C 350 25.99 -19.09 75.82
CA LEU C 350 27.38 -19.40 75.54
C LEU C 350 28.31 -18.92 76.64
N LYS C 351 28.27 -17.61 76.90
CA LYS C 351 29.07 -16.97 77.96
C LYS C 351 30.59 -17.06 77.70
N LEU C 352 31.07 -16.33 76.69
CA LEU C 352 32.50 -16.16 76.49
C LEU C 352 32.85 -14.78 75.90
N PRO C 353 32.86 -13.73 76.73
CA PRO C 353 33.27 -12.39 76.32
C PRO C 353 34.70 -11.93 76.68
N PRO C 354 35.77 -12.59 76.17
CA PRO C 354 37.09 -12.07 76.54
C PRO C 354 37.45 -10.79 75.77
N GLN C 385 26.36 -2.22 75.66
CA GLN C 385 27.55 -2.45 74.84
C GLN C 385 28.43 -3.51 75.46
N PHE C 386 29.13 -4.27 74.62
CA PHE C 386 30.35 -4.91 75.05
C PHE C 386 31.45 -4.83 73.99
N SER C 387 31.24 -5.56 72.90
CA SER C 387 32.01 -5.45 71.65
C SER C 387 31.48 -6.52 70.69
N THR C 388 31.96 -6.57 69.45
CA THR C 388 31.51 -7.63 68.51
C THR C 388 32.52 -8.53 67.79
N SER C 389 33.18 -7.99 66.75
CA SER C 389 33.61 -8.79 65.59
C SER C 389 34.81 -9.72 65.73
N LYS C 390 35.95 -9.11 66.03
CA LYS C 390 37.21 -9.82 66.18
C LYS C 390 37.04 -11.04 67.09
N ASP C 391 36.46 -10.84 68.27
CA ASP C 391 36.28 -11.89 69.24
C ASP C 391 35.47 -13.10 68.71
N VAL C 392 34.41 -12.83 67.95
CA VAL C 392 33.57 -13.93 67.47
C VAL C 392 34.22 -14.62 66.26
N LEU C 393 35.13 -13.93 65.57
CA LEU C 393 35.98 -14.64 64.61
C LEU C 393 36.94 -15.61 65.33
N ASN C 394 37.54 -15.11 66.40
CA ASN C 394 38.28 -15.96 67.34
C ASN C 394 37.47 -17.17 67.76
N LYS C 395 36.15 -17.01 67.85
CA LYS C 395 35.29 -18.17 68.03
C LYS C 395 35.08 -18.96 66.71
N LEU C 396 35.23 -18.27 65.56
CA LEU C 396 34.93 -18.87 64.25
C LEU C 396 35.89 -19.98 63.91
N LYS C 397 37.14 -19.83 64.31
CA LYS C 397 38.05 -20.98 64.21
C LYS C 397 37.53 -22.23 64.91
N ALA C 398 37.44 -22.13 66.22
CA ALA C 398 37.27 -23.29 67.09
C ALA C 398 35.84 -23.79 67.20
N LEU C 399 34.98 -22.97 67.79
CA LEU C 399 33.63 -23.41 68.05
C LEU C 399 32.90 -23.42 66.71
N HIS C 400 32.44 -24.62 66.33
CA HIS C 400 31.64 -24.82 65.12
C HIS C 400 30.26 -24.17 65.14
N PRO C 401 29.58 -24.14 66.32
CA PRO C 401 28.20 -23.65 66.23
C PRO C 401 28.07 -22.17 65.93
N LEU C 402 28.13 -21.90 64.62
CA LEU C 402 27.72 -20.63 64.02
C LEU C 402 28.36 -19.32 64.51
N PRO C 403 29.67 -19.29 64.74
CA PRO C 403 30.32 -17.98 64.78
C PRO C 403 30.47 -17.41 63.37
N GLY C 404 30.74 -18.28 62.41
CA GLY C 404 30.98 -17.86 61.04
C GLY C 404 29.72 -17.65 60.22
N LEU C 405 28.61 -18.17 60.73
CA LEU C 405 27.32 -17.93 60.12
C LEU C 405 26.98 -16.45 60.23
N ILE C 406 27.44 -15.84 61.31
CA ILE C 406 27.30 -14.41 61.51
C ILE C 406 28.21 -13.67 60.54
N LEU C 407 29.37 -14.24 60.25
CA LEU C 407 30.27 -13.67 59.27
C LEU C 407 29.58 -13.63 57.90
N GLU C 408 29.11 -14.79 57.43
CA GLU C 408 28.53 -14.80 56.09
C GLU C 408 27.25 -13.96 56.05
N TRP C 409 26.39 -14.04 57.06
CA TRP C 409 25.16 -13.23 57.04
C TRP C 409 25.45 -11.72 57.04
N ARG C 410 26.25 -11.26 58.01
CA ARG C 410 26.57 -9.83 58.11
C ARG C 410 27.24 -9.32 56.83
N ARG C 411 28.14 -10.14 56.30
CA ARG C 411 28.85 -9.82 55.06
C ARG C 411 27.89 -9.71 53.88
N ILE C 412 26.92 -10.62 53.83
CA ILE C 412 25.84 -10.57 52.84
C ILE C 412 25.09 -9.24 52.92
N THR C 413 24.63 -8.94 54.12
CA THR C 413 23.83 -7.74 54.36
C THR C 413 24.55 -6.48 53.91
N ASN C 414 25.83 -6.40 54.25
CA ASN C 414 26.63 -5.27 53.79
C ASN C 414 26.80 -5.31 52.27
N ALA C 415 26.91 -6.50 51.70
CA ALA C 415 27.13 -6.66 50.28
C ALA C 415 25.89 -6.28 49.47
N ILE C 416 24.73 -6.18 50.12
CA ILE C 416 23.54 -5.72 49.41
C ILE C 416 23.16 -4.28 49.75
N THR C 417 22.88 -3.99 51.02
CA THR C 417 22.28 -2.71 51.34
C THR C 417 23.14 -1.47 51.06
N LYS C 418 24.46 -1.57 51.23
CA LYS C 418 25.34 -0.43 50.96
C LYS C 418 25.97 -0.54 49.57
N VAL C 419 25.58 -1.58 48.85
CA VAL C 419 26.20 -1.84 47.55
C VAL C 419 25.16 -2.01 46.43
N VAL C 420 24.32 -3.04 46.52
CA VAL C 420 23.33 -3.33 45.46
C VAL C 420 22.30 -2.22 45.26
N PHE C 421 21.71 -1.75 46.36
CA PHE C 421 20.68 -0.70 46.30
C PHE C 421 21.14 0.60 45.67
N PRO C 422 22.22 1.23 46.16
CA PRO C 422 22.55 2.52 45.55
C PRO C 422 22.95 2.42 44.08
N LEU C 423 23.70 1.37 43.72
CA LEU C 423 24.08 1.13 42.34
C LEU C 423 22.82 0.96 41.50
N GLN C 424 21.86 0.21 42.03
CA GLN C 424 20.61 -0.01 41.32
C GLN C 424 19.70 1.23 41.36
N ARG C 425 20.05 2.21 42.17
CA ARG C 425 19.29 3.46 42.26
C ARG C 425 19.75 4.49 41.26
N GLU C 426 20.95 5.01 41.52
CA GLU C 426 21.43 6.21 40.85
C GLU C 426 22.11 5.87 39.54
N LYS C 427 21.96 4.60 39.16
CA LYS C 427 22.24 4.24 37.79
C LYS C 427 21.42 5.13 36.87
N CYS C 428 22.02 5.52 35.76
CA CYS C 428 21.29 6.25 34.74
C CYS C 428 21.73 5.59 33.45
N LEU C 429 21.29 6.12 32.32
CA LEU C 429 21.68 5.51 31.05
C LEU C 429 22.27 6.54 30.12
N ASN C 430 23.21 6.11 29.30
CA ASN C 430 23.65 6.96 28.21
C ASN C 430 23.00 6.49 26.92
N PRO C 431 22.06 7.29 26.39
CA PRO C 431 21.40 6.96 25.13
C PRO C 431 22.39 6.89 23.97
N PHE C 432 23.49 7.63 24.11
CA PHE C 432 24.53 7.68 23.09
C PHE C 432 25.36 6.41 23.08
N LEU C 433 25.18 5.59 24.11
CA LEU C 433 25.86 4.32 24.22
C LEU C 433 24.81 3.22 24.06
N GLY C 434 23.82 3.24 24.94
CA GLY C 434 22.81 2.20 24.96
C GLY C 434 23.13 1.33 26.14
N MET C 435 24.15 1.76 26.86
CA MET C 435 24.54 1.10 28.09
C MET C 435 24.18 2.04 29.24
N GLU C 436 23.93 1.45 30.39
CA GLU C 436 23.65 2.23 31.57
C GLU C 436 24.92 2.40 32.38
N ARG C 437 25.09 3.62 32.87
CA ARG C 437 26.30 3.96 33.57
C ARG C 437 25.94 4.74 34.81
N ILE C 438 26.90 4.87 35.71
CA ILE C 438 26.62 5.49 36.98
C ILE C 438 27.66 6.56 37.31
N TYR C 439 27.20 7.60 38.00
CA TYR C 439 27.98 8.82 38.20
C TYR C 439 28.26 9.10 39.68
N PRO C 440 29.53 8.92 40.07
CA PRO C 440 30.09 9.30 41.37
C PRO C 440 30.28 10.81 41.43
N VAL C 441 30.93 11.32 42.47
CA VAL C 441 31.28 12.74 42.51
C VAL C 441 32.71 12.96 43.01
N SER C 442 33.43 13.87 42.36
CA SER C 442 34.74 14.28 42.86
C SER C 442 34.59 14.89 44.25
N GLN C 443 35.52 14.59 45.13
CA GLN C 443 35.44 15.08 46.51
C GLN C 443 36.69 15.86 46.87
N SER C 444 37.82 15.17 46.86
CA SER C 444 39.05 15.67 47.44
C SER C 444 38.73 16.05 48.87
N HIS C 445 39.31 17.14 49.35
CA HIS C 445 39.13 17.57 50.74
C HIS C 445 39.40 16.48 51.78
N THR C 446 40.22 15.51 51.41
CA THR C 446 40.74 14.55 52.34
C THR C 446 41.89 15.20 53.08
N ALA C 447 42.17 14.72 54.29
CA ALA C 447 43.28 15.26 55.07
C ALA C 447 44.64 15.02 54.39
N THR C 448 44.80 13.85 53.82
CA THR C 448 46.04 13.50 53.14
C THR C 448 46.21 14.12 51.76
N GLY C 449 45.10 14.35 51.06
CA GLY C 449 45.16 14.78 49.67
C GLY C 449 44.75 13.68 48.70
N ARG C 450 44.33 12.55 49.26
CA ARG C 450 43.83 11.45 48.48
C ARG C 450 42.44 11.85 47.97
N ILE C 451 41.78 11.03 47.16
CA ILE C 451 40.49 11.43 46.59
C ILE C 451 39.42 10.34 46.72
N THR C 452 38.21 10.79 47.04
CA THR C 452 37.09 9.89 47.22
C THR C 452 35.93 10.33 46.35
N PHE C 453 34.87 9.54 46.35
CA PHE C 453 33.74 9.81 45.48
C PHE C 453 32.44 9.63 46.22
N THR C 454 31.58 10.64 46.22
CA THR C 454 30.27 10.39 46.78
C THR C 454 29.04 10.94 46.05
N GLU C 455 28.43 10.19 45.12
CA GLU C 455 27.01 9.84 45.21
C GLU C 455 26.88 8.42 45.79
N PRO C 456 27.49 7.41 45.14
CA PRO C 456 27.87 6.27 45.95
C PRO C 456 29.30 6.54 46.33
N ASN C 457 29.93 5.68 47.11
CA ASN C 457 31.37 5.61 46.96
C ASN C 457 31.63 4.24 46.37
N ILE C 458 32.18 4.22 45.17
CA ILE C 458 32.41 2.95 44.50
C ILE C 458 33.83 2.51 44.77
N GLN C 459 34.54 3.27 45.61
CA GLN C 459 35.86 2.85 46.04
C GLN C 459 35.77 1.59 46.90
N ASN C 460 34.77 1.54 47.76
CA ASN C 460 34.67 0.46 48.74
C ASN C 460 33.86 -0.75 48.24
N VAL C 461 33.51 -0.77 46.95
CA VAL C 461 32.72 -1.87 46.37
C VAL C 461 33.32 -3.21 46.76
N PRO C 462 32.46 -4.20 47.04
CA PRO C 462 32.93 -5.43 47.68
C PRO C 462 33.96 -6.16 46.84
N ARG C 463 34.87 -6.84 47.53
CA ARG C 463 35.89 -7.60 46.84
C ARG C 463 35.32 -8.98 46.61
N ASP C 464 35.71 -9.60 45.50
CA ASP C 464 35.31 -10.96 45.16
C ASP C 464 35.51 -11.89 46.34
N PHE C 465 34.56 -12.78 46.56
CA PHE C 465 34.74 -13.84 47.55
C PHE C 465 33.98 -15.13 47.23
N GLU C 466 34.58 -16.23 47.66
CA GLU C 466 34.11 -17.59 47.40
C GLU C 466 32.94 -17.97 48.29
N ILE C 467 32.18 -18.98 47.88
CA ILE C 467 30.98 -19.37 48.62
C ILE C 467 30.66 -20.85 48.43
N LYS C 468 30.08 -21.49 49.44
CA LYS C 468 29.74 -22.90 49.36
C LYS C 468 28.23 -23.08 49.20
N MET C 469 27.84 -24.13 48.49
CA MET C 469 26.44 -24.40 48.22
C MET C 469 25.88 -25.42 49.22
N GLY C 516 34.52 -30.86 43.18
CA GLY C 516 33.39 -30.78 44.09
C GLY C 516 32.37 -29.76 43.60
N MET C 517 31.62 -29.19 44.53
CA MET C 517 30.66 -28.16 44.18
C MET C 517 30.78 -26.92 45.07
N PRO C 518 31.84 -26.11 44.85
CA PRO C 518 31.97 -24.78 45.42
C PRO C 518 31.43 -23.73 44.46
N PHE C 519 31.57 -22.45 44.79
CA PHE C 519 31.21 -21.35 43.89
C PHE C 519 31.96 -20.09 44.33
N SER C 520 31.79 -18.99 43.58
CA SER C 520 32.40 -17.71 43.92
C SER C 520 31.60 -16.54 43.34
N ILE C 521 31.60 -15.39 44.03
CA ILE C 521 30.87 -14.22 43.54
C ILE C 521 31.69 -12.93 43.58
N SER C 522 31.34 -12.00 42.68
CA SER C 522 31.92 -10.66 42.65
C SER C 522 30.80 -9.63 42.54
N MET C 523 30.62 -8.79 43.56
CA MET C 523 29.69 -7.68 43.41
C MET C 523 30.21 -6.74 42.33
N ARG C 524 31.52 -6.64 42.23
CA ARG C 524 32.12 -5.62 41.37
C ARG C 524 32.13 -6.01 39.88
N HIS C 525 32.04 -7.31 39.58
CA HIS C 525 32.06 -7.82 38.21
C HIS C 525 31.02 -7.18 37.28
N ALA C 526 29.98 -6.60 37.87
CA ALA C 526 28.88 -6.03 37.09
C ALA C 526 29.28 -4.77 36.33
N PHE C 527 30.45 -4.22 36.63
CA PHE C 527 30.94 -3.04 35.90
C PHE C 527 31.57 -3.42 34.56
N VAL C 528 30.99 -2.93 33.47
CA VAL C 528 31.46 -3.31 32.15
C VAL C 528 31.96 -2.11 31.36
N PRO C 529 32.80 -2.36 30.35
CA PRO C 529 33.06 -1.29 29.38
C PRO C 529 31.88 -1.15 28.44
N PHE C 530 31.98 -0.22 27.49
CA PHE C 530 30.99 -0.13 26.43
C PHE C 530 31.15 -1.36 25.53
N PRO C 531 30.15 -1.65 24.67
CA PRO C 531 30.18 -2.94 23.97
C PRO C 531 31.48 -3.21 23.21
N GLY C 532 32.06 -2.17 22.64
CA GLY C 532 33.30 -2.31 21.91
C GLY C 532 34.54 -2.27 22.79
N GLY C 533 34.37 -1.73 23.99
CA GLY C 533 35.49 -1.51 24.88
C GLY C 533 35.97 -2.66 25.76
N SER C 534 36.96 -2.32 26.58
CA SER C 534 37.55 -3.20 27.58
C SER C 534 38.10 -2.31 28.68
N ILE C 535 38.32 -2.89 29.86
CA ILE C 535 38.75 -2.11 31.01
C ILE C 535 40.22 -2.32 31.29
N LEU C 536 40.95 -1.22 31.43
CA LEU C 536 42.36 -1.27 31.80
C LEU C 536 42.52 -0.75 33.21
N ALA C 537 43.21 -1.55 34.03
CA ALA C 537 43.51 -1.18 35.39
C ALA C 537 45.02 -1.13 35.57
N ALA C 538 45.52 -0.01 36.07
CA ALA C 538 46.94 0.10 36.33
C ALA C 538 47.23 0.25 37.81
N ASP C 539 47.75 -0.82 38.40
CA ASP C 539 48.06 -0.87 39.82
C ASP C 539 49.54 -0.67 40.12
N TYR C 540 49.81 0.05 41.20
CA TYR C 540 51.17 0.23 41.69
C TYR C 540 51.67 -0.92 42.54
N SER C 541 52.84 -1.47 42.20
CA SER C 541 53.34 -2.53 43.05
C SER C 541 53.94 -1.84 44.27
N GLN C 542 53.25 -2.02 45.41
CA GLN C 542 53.68 -1.53 46.71
C GLN C 542 54.31 -0.14 46.70
N LEU C 543 53.52 0.90 46.43
CA LEU C 543 54.11 2.22 46.23
C LEU C 543 54.60 2.88 47.52
N GLU C 544 53.74 2.89 48.54
CA GLU C 544 54.03 3.61 49.78
C GLU C 544 55.29 3.07 50.45
N LEU C 545 55.48 1.75 50.38
CA LEU C 545 56.69 1.12 50.89
C LEU C 545 57.94 1.72 50.27
N ARG C 546 57.90 1.90 48.96
CA ARG C 546 59.00 2.47 48.21
C ARG C 546 59.22 3.90 48.68
N ILE C 547 58.12 4.62 48.94
CA ILE C 547 58.24 5.99 49.43
C ILE C 547 59.02 6.05 50.75
N LEU C 548 58.57 5.23 51.70
CA LEU C 548 59.22 5.17 53.01
C LEU C 548 60.67 4.76 52.85
N ALA C 549 60.92 3.90 51.87
CA ALA C 549 62.27 3.48 51.52
C ALA C 549 63.11 4.68 51.09
N HIS C 550 62.50 5.61 50.36
CA HIS C 550 63.23 6.80 49.93
C HIS C 550 63.53 7.73 51.10
N LEU C 551 62.56 7.92 52.00
CA LEU C 551 62.79 8.90 53.07
C LEU C 551 63.64 8.39 54.24
N SER C 552 63.41 7.16 54.68
CA SER C 552 64.22 6.62 55.78
C SER C 552 65.63 6.32 55.27
N HIS C 553 65.73 6.13 53.96
CA HIS C 553 66.98 5.72 53.31
C HIS C 553 67.50 4.46 53.96
N ASP C 554 66.59 3.56 54.34
CA ASP C 554 67.01 2.31 54.92
C ASP C 554 67.45 1.49 53.74
N ARG C 555 68.74 1.20 53.68
CA ARG C 555 69.33 0.54 52.52
C ARG C 555 68.80 -0.86 52.41
N ARG C 556 68.56 -1.44 53.58
CA ARG C 556 68.11 -2.81 53.67
C ARG C 556 66.79 -3.01 52.96
N LEU C 557 65.84 -2.10 53.16
CA LEU C 557 64.56 -2.19 52.47
C LEU C 557 64.74 -1.98 50.97
N ILE C 558 65.56 -1.00 50.59
CA ILE C 558 65.82 -0.74 49.18
C ILE C 558 66.26 -2.03 48.48
N GLN C 559 67.13 -2.79 49.13
CA GLN C 559 67.56 -4.06 48.57
C GLN C 559 66.52 -5.18 48.70
N VAL C 560 65.74 -5.19 49.77
CA VAL C 560 64.68 -6.21 49.91
C VAL C 560 63.62 -6.01 48.83
N LEU C 561 63.61 -4.81 48.27
CA LEU C 561 62.57 -4.37 47.35
C LEU C 561 63.00 -4.49 45.89
N ASN C 562 64.11 -3.85 45.54
CA ASN C 562 64.66 -3.94 44.18
C ASN C 562 64.85 -5.37 43.69
N THR C 563 64.83 -6.34 44.59
CA THR C 563 64.69 -7.74 44.21
C THR C 563 63.26 -8.26 44.38
N GLY C 564 62.74 -8.22 45.60
CA GLY C 564 61.59 -8.99 46.02
C GLY C 564 60.37 -8.92 45.14
N ALA C 565 59.87 -10.09 44.75
CA ALA C 565 58.63 -10.17 43.99
C ALA C 565 57.49 -10.35 44.98
N ASP C 566 56.68 -9.29 45.11
CA ASP C 566 55.61 -9.24 46.11
C ASP C 566 56.06 -9.75 47.47
N VAL C 567 56.86 -8.93 48.16
CA VAL C 567 57.55 -9.31 49.42
C VAL C 567 56.60 -9.88 50.49
N PHE C 568 55.31 -9.59 50.32
CA PHE C 568 54.24 -10.21 51.12
C PHE C 568 54.28 -11.72 51.00
N ARG C 569 54.57 -12.20 49.79
CA ARG C 569 54.66 -13.62 49.53
C ARG C 569 55.80 -14.23 50.35
N SER C 570 56.85 -13.46 50.56
CA SER C 570 57.99 -13.87 51.40
C SER C 570 57.70 -13.85 52.89
N ILE C 571 57.02 -12.80 53.36
CA ILE C 571 56.69 -12.73 54.79
C ILE C 571 55.73 -13.86 55.12
N ALA C 572 54.76 -14.08 54.23
CA ALA C 572 53.86 -15.21 54.35
C ALA C 572 54.64 -16.51 54.30
N ALA C 573 55.62 -16.55 53.40
CA ALA C 573 56.44 -17.75 53.19
C ALA C 573 57.11 -18.12 54.49
N GLU C 574 57.47 -17.11 55.26
CA GLU C 574 58.14 -17.35 56.53
C GLU C 574 57.17 -17.31 57.72
N TRP C 575 55.87 -17.14 57.50
CA TRP C 575 55.03 -16.87 58.66
C TRP C 575 54.10 -17.96 59.21
N LYS C 576 52.91 -18.13 58.64
CA LYS C 576 51.90 -18.98 59.32
C LYS C 576 52.29 -20.43 59.19
N MET C 577 52.88 -20.75 58.06
CA MET C 577 53.60 -21.99 57.89
C MET C 577 54.59 -21.69 56.80
N ILE C 578 55.67 -22.46 56.69
CA ILE C 578 56.65 -22.16 55.68
C ILE C 578 56.28 -22.85 54.37
N GLU C 579 55.96 -22.02 53.38
CA GLU C 579 55.77 -22.42 51.99
C GLU C 579 56.52 -21.44 51.10
N PRO C 580 57.22 -21.92 50.07
CA PRO C 580 57.89 -20.93 49.24
C PRO C 580 56.91 -20.01 48.52
N GLU C 581 55.88 -20.61 47.93
CA GLU C 581 54.80 -19.87 47.28
C GLU C 581 53.56 -20.78 47.17
N SER C 582 52.67 -20.47 46.23
CA SER C 582 51.33 -21.05 46.14
C SER C 582 50.52 -20.48 47.28
N VAL C 583 50.77 -19.19 47.52
CA VAL C 583 50.07 -18.40 48.52
C VAL C 583 48.71 -17.94 48.01
N GLY C 584 47.64 -18.33 48.69
CA GLY C 584 46.31 -17.88 48.32
C GLY C 584 46.20 -16.37 48.52
N ASP C 585 45.46 -15.70 47.64
CA ASP C 585 45.33 -14.26 47.74
C ASP C 585 44.53 -13.75 48.93
N ASP C 586 43.65 -14.57 49.49
CA ASP C 586 42.98 -14.19 50.73
C ASP C 586 44.07 -14.04 51.78
N LEU C 587 45.02 -14.97 51.75
CA LEU C 587 46.17 -14.93 52.64
C LEU C 587 47.10 -13.77 52.31
N ARG C 588 47.44 -13.60 51.03
CA ARG C 588 48.33 -12.51 50.61
C ARG C 588 47.79 -11.15 51.07
N GLN C 589 46.49 -10.94 50.88
CA GLN C 589 45.84 -9.70 51.28
C GLN C 589 45.79 -9.54 52.80
N GLN C 590 45.53 -10.63 53.52
CA GLN C 590 45.57 -10.57 54.98
C GLN C 590 46.96 -10.14 55.44
N ALA C 591 47.97 -10.69 54.78
CA ALA C 591 49.36 -10.39 55.08
C ALA C 591 49.65 -8.91 54.87
N LYS C 592 49.18 -8.39 53.75
CA LYS C 592 49.35 -6.99 53.42
C LYS C 592 48.73 -6.10 54.49
N GLN C 593 47.49 -6.41 54.86
CA GLN C 593 46.75 -5.67 55.88
C GLN C 593 47.52 -5.64 57.21
N ILE C 594 47.93 -6.81 57.68
CA ILE C 594 48.68 -6.86 58.94
C ILE C 594 49.96 -6.03 58.85
N CYS C 595 50.71 -6.18 57.75
CA CYS C 595 51.98 -5.45 57.60
C CYS C 595 51.87 -3.95 57.57
N TYR C 596 51.08 -3.44 56.61
CA TYR C 596 50.89 -1.99 56.49
C TYR C 596 50.33 -1.45 57.78
N GLY C 597 49.47 -2.25 58.43
CA GLY C 597 48.95 -1.89 59.74
C GLY C 597 50.09 -1.68 60.72
N ILE C 598 51.07 -2.58 60.69
CA ILE C 598 52.23 -2.48 61.58
C ILE C 598 53.02 -1.21 61.37
N ILE C 599 53.37 -0.95 60.11
CA ILE C 599 54.30 0.14 59.74
C ILE C 599 53.88 1.47 60.35
N TYR C 600 52.58 1.67 60.47
CA TYR C 600 52.03 2.92 60.97
C TYR C 600 51.92 2.94 62.49
N GLY C 601 52.48 1.92 63.13
CA GLY C 601 52.35 1.76 64.57
C GLY C 601 51.12 1.04 65.08
N MET C 602 50.82 -0.11 64.48
CA MET C 602 49.82 -1.03 65.01
C MET C 602 50.15 -1.33 66.46
N GLY C 603 49.14 -1.37 67.31
CA GLY C 603 49.33 -1.75 68.70
C GLY C 603 49.68 -3.22 68.83
N ALA C 604 50.52 -3.55 69.80
CA ALA C 604 51.03 -4.89 69.97
C ALA C 604 49.91 -5.93 70.16
N LYS C 605 49.02 -5.69 71.12
CA LYS C 605 47.99 -6.68 71.45
C LYS C 605 47.04 -6.96 70.28
N SER C 606 46.69 -5.92 69.53
CA SER C 606 45.79 -6.07 68.39
C SER C 606 46.49 -6.83 67.27
N LEU C 607 47.80 -6.66 67.17
CA LEU C 607 48.59 -7.46 66.23
C LEU C 607 48.52 -8.93 66.65
N GLY C 608 48.63 -9.16 67.96
CA GLY C 608 48.48 -10.49 68.52
C GLY C 608 47.12 -11.04 68.16
N GLU C 609 46.16 -10.12 68.03
CA GLU C 609 44.81 -10.49 67.66
C GLU C 609 44.71 -10.95 66.21
N GLN C 610 45.22 -10.15 65.27
CA GLN C 610 45.09 -10.50 63.86
C GLN C 610 45.86 -11.75 63.47
N MET C 611 47.01 -11.98 64.08
CA MET C 611 47.73 -13.22 63.82
C MET C 611 47.19 -14.39 64.63
N GLY C 612 46.50 -14.09 65.73
CA GLY C 612 45.94 -15.12 66.60
C GLY C 612 46.84 -15.60 67.72
N ILE C 613 47.80 -14.78 68.11
CA ILE C 613 48.78 -15.16 69.11
C ILE C 613 48.76 -14.29 70.37
N LYS C 614 49.67 -14.61 71.29
CA LYS C 614 49.79 -13.93 72.58
C LYS C 614 50.51 -12.58 72.49
N GLU C 615 50.25 -11.74 73.49
CA GLU C 615 50.80 -10.39 73.57
C GLU C 615 52.33 -10.26 73.46
N ASN C 616 53.06 -10.68 74.49
CA ASN C 616 54.49 -10.37 74.58
C ASN C 616 55.30 -11.02 73.45
N ASP C 617 54.77 -12.12 72.93
CA ASP C 617 55.32 -12.79 71.76
C ASP C 617 55.24 -11.85 70.54
N ALA C 618 54.06 -11.29 70.33
CA ALA C 618 53.83 -10.34 69.24
C ALA C 618 54.70 -9.10 69.42
N ALA C 619 54.84 -8.66 70.67
CA ALA C 619 55.66 -7.50 70.99
C ALA C 619 57.12 -7.76 70.64
N CYS C 620 57.55 -8.97 70.91
CA CYS C 620 58.90 -9.39 70.59
C CYS C 620 59.07 -9.44 69.06
N TYR C 621 57.98 -9.70 68.36
CA TYR C 621 58.02 -9.68 66.90
C TYR C 621 58.16 -8.24 66.36
N ILE C 622 57.45 -7.29 66.96
CA ILE C 622 57.58 -5.88 66.57
C ILE C 622 58.99 -5.36 66.86
N ASP C 623 59.50 -5.64 68.06
CA ASP C 623 60.86 -5.26 68.41
C ASP C 623 61.82 -5.87 67.40
N SER C 624 61.50 -7.08 66.97
CA SER C 624 62.28 -7.75 65.94
C SER C 624 62.28 -6.95 64.63
N PHE C 625 61.14 -6.43 64.22
CA PHE C 625 61.12 -5.60 63.00
C PHE C 625 61.79 -4.24 63.16
N LYS C 626 61.86 -3.69 64.37
CA LYS C 626 62.73 -2.53 64.57
C LYS C 626 64.20 -2.91 64.39
N SER C 627 64.55 -4.10 64.86
CA SER C 627 65.91 -4.59 64.71
C SER C 627 66.29 -4.85 63.25
N ARG C 628 65.35 -5.37 62.46
CA ARG C 628 65.62 -5.67 61.05
C ARG C 628 65.92 -4.39 60.25
N TYR C 629 65.10 -3.36 60.45
CA TYR C 629 65.27 -2.11 59.73
C TYR C 629 65.23 -0.96 60.72
N THR C 630 66.37 -0.30 60.95
CA THR C 630 66.41 0.82 61.88
C THR C 630 66.30 2.20 61.23
N GLY C 631 66.44 2.25 59.90
CA GLY C 631 66.39 3.51 59.20
C GLY C 631 64.97 4.04 59.34
N ILE C 632 64.04 3.10 59.43
CA ILE C 632 62.63 3.40 59.64
C ILE C 632 62.40 4.09 60.98
N ASN C 633 62.86 3.47 62.07
CA ASN C 633 62.65 4.05 63.39
C ASN C 633 63.32 5.39 63.52
N GLN C 634 64.50 5.50 62.93
CA GLN C 634 65.23 6.75 62.85
C GLN C 634 64.30 7.81 62.27
N PHE C 635 63.90 7.60 61.02
CA PHE C 635 63.02 8.56 60.34
C PHE C 635 61.73 8.85 61.12
N MET C 636 61.24 7.83 61.81
CA MET C 636 59.95 7.86 62.47
C MET C 636 59.99 8.78 63.70
N THR C 637 60.78 8.41 64.71
CA THR C 637 60.85 9.29 65.87
C THR C 637 61.40 10.67 65.47
N GLU C 638 62.33 10.71 64.52
CA GLU C 638 62.86 12.00 64.07
C GLU C 638 61.75 12.92 63.57
N THR C 639 60.89 12.39 62.70
CA THR C 639 59.83 13.20 62.11
C THR C 639 58.77 13.53 63.17
N VAL C 640 58.64 12.68 64.19
CA VAL C 640 57.78 13.02 65.33
C VAL C 640 58.30 14.29 66.03
N LYS C 641 59.60 14.31 66.31
CA LYS C 641 60.24 15.46 66.94
C LYS C 641 60.04 16.67 66.05
N ASN C 642 60.13 16.45 64.74
CA ASN C 642 59.84 17.51 63.79
C ASN C 642 58.43 18.06 63.93
N CYS C 643 57.47 17.17 64.21
CA CYS C 643 56.09 17.59 64.34
C CYS C 643 55.88 18.39 65.62
N LYS C 644 56.62 18.04 66.67
CA LYS C 644 56.56 18.86 67.88
C LYS C 644 57.18 20.23 67.65
N ARG C 645 58.33 20.26 66.95
CA ARG C 645 59.07 21.50 66.73
C ARG C 645 58.28 22.44 65.80
N ASP C 646 57.38 21.86 65.00
CA ASP C 646 56.68 22.61 63.97
C ASP C 646 55.20 22.69 64.27
N GLY C 647 54.55 21.54 64.39
CA GLY C 647 53.11 21.50 64.61
C GLY C 647 52.41 21.10 63.34
N PHE C 648 53.20 20.65 62.38
CA PHE C 648 52.66 20.16 61.12
C PHE C 648 53.67 19.24 60.44
N VAL C 649 53.18 18.35 59.59
CA VAL C 649 54.06 17.60 58.71
C VAL C 649 53.94 18.15 57.30
N GLN C 650 54.79 17.65 56.39
CA GLN C 650 54.88 18.20 55.04
C GLN C 650 55.05 17.11 53.97
N THR C 651 54.16 17.08 52.97
CA THR C 651 54.35 16.18 51.83
C THR C 651 55.34 16.78 50.84
N ILE C 652 55.96 15.91 50.05
CA ILE C 652 57.11 16.25 49.20
C ILE C 652 56.85 17.48 48.33
N LEU C 653 55.61 17.64 47.88
CA LEU C 653 55.24 18.78 47.04
C LEU C 653 55.45 20.09 47.78
N GLY C 654 55.40 20.02 49.11
CA GLY C 654 55.44 21.21 49.94
C GLY C 654 54.07 21.50 50.49
N ARG C 655 53.07 20.71 50.09
CA ARG C 655 51.79 20.74 50.77
C ARG C 655 52.01 20.23 52.18
N ARG C 656 51.32 20.81 53.15
CA ARG C 656 51.58 20.48 54.54
C ARG C 656 50.29 20.36 55.35
N ARG C 657 50.27 19.40 56.28
CA ARG C 657 49.09 19.19 57.14
C ARG C 657 49.39 19.56 58.57
N TYR C 658 48.45 20.27 59.20
CA TYR C 658 48.62 20.71 60.56
C TYR C 658 48.09 19.68 61.55
N LEU C 659 48.98 19.10 62.34
CA LEU C 659 48.55 18.23 63.40
C LEU C 659 48.59 18.97 64.72
N PRO C 660 47.41 19.40 65.19
CA PRO C 660 47.26 20.14 66.45
C PRO C 660 47.49 19.22 67.65
N GLY C 661 47.03 17.99 67.54
CA GLY C 661 46.90 17.11 68.70
C GLY C 661 48.20 16.48 69.16
N ILE C 662 49.26 16.67 68.38
CA ILE C 662 50.56 16.09 68.71
C ILE C 662 51.15 16.68 69.99
N LYS C 663 50.81 17.92 70.30
CA LYS C 663 51.40 18.62 71.44
C LYS C 663 50.56 18.53 72.72
N ASP C 664 49.39 17.93 72.60
CA ASP C 664 48.41 17.86 73.68
C ASP C 664 48.88 16.98 74.86
N ASN C 665 48.36 17.26 76.05
CA ASN C 665 48.72 16.53 77.26
C ASN C 665 48.20 15.08 77.29
N ASN C 666 46.97 14.88 76.82
CA ASN C 666 46.33 13.55 76.79
C ASN C 666 47.10 12.54 75.92
N PRO C 667 47.48 11.39 76.51
CA PRO C 667 48.25 10.32 75.87
C PRO C 667 47.64 9.73 74.58
N TYR C 668 46.31 9.65 74.50
CA TYR C 668 45.68 9.03 73.34
C TYR C 668 45.80 9.93 72.12
N ARG C 669 45.49 11.21 72.31
CA ARG C 669 45.58 12.17 71.21
C ARG C 669 47.04 12.31 70.75
N LYS C 670 47.96 12.21 71.71
CA LYS C 670 49.38 12.32 71.41
C LYS C 670 49.88 11.14 70.58
N ALA C 671 49.44 9.94 70.94
CA ALA C 671 49.83 8.74 70.21
C ALA C 671 49.20 8.70 68.81
N HIS C 672 47.89 8.92 68.76
CA HIS C 672 47.16 8.92 67.51
C HIS C 672 47.80 9.91 66.57
N ALA C 673 48.21 11.05 67.12
CA ALA C 673 48.92 12.05 66.33
C ALA C 673 50.34 11.63 65.94
N GLU C 674 51.04 10.90 66.81
CA GLU C 674 52.37 10.41 66.45
C GLU C 674 52.31 9.56 65.20
N ARG C 675 51.41 8.58 65.19
CA ARG C 675 51.23 7.76 64.00
C ARG C 675 50.73 8.62 62.85
N GLN C 676 49.87 9.58 63.20
CA GLN C 676 49.19 10.39 62.21
C GLN C 676 50.16 11.22 61.36
N ALA C 677 51.25 11.66 61.99
CA ALA C 677 52.31 12.37 61.29
C ALA C 677 52.83 11.47 60.18
N ILE C 678 53.09 10.22 60.54
CA ILE C 678 53.65 9.23 59.65
C ILE C 678 52.71 8.96 58.47
N ASN C 679 51.50 8.51 58.78
CA ASN C 679 50.58 8.12 57.73
C ASN C 679 50.25 9.29 56.82
N THR C 680 50.17 10.49 57.41
CA THR C 680 49.84 11.66 56.62
C THR C 680 50.95 11.94 55.62
N ILE C 681 52.20 11.90 56.09
CA ILE C 681 53.30 12.11 55.15
C ILE C 681 53.29 11.08 54.02
N VAL C 682 53.27 9.79 54.37
CA VAL C 682 53.43 8.80 53.32
C VAL C 682 52.21 8.69 52.38
N GLN C 683 51.00 8.54 52.93
CA GLN C 683 49.80 8.46 52.09
C GLN C 683 49.53 9.74 51.34
N GLY C 684 49.80 10.87 51.98
CA GLY C 684 49.58 12.16 51.37
C GLY C 684 50.43 12.21 50.11
N SER C 685 51.72 11.93 50.27
CA SER C 685 52.62 11.95 49.12
C SER C 685 52.30 10.87 48.05
N ALA C 686 51.80 9.73 48.50
CA ALA C 686 51.36 8.65 47.60
C ALA C 686 50.29 9.18 46.67
N ALA C 687 49.27 9.78 47.28
CA ALA C 687 48.17 10.37 46.53
C ALA C 687 48.66 11.47 45.61
N ASP C 688 49.70 12.18 46.03
CA ASP C 688 50.28 13.22 45.18
C ASP C 688 50.87 12.64 43.89
N ILE C 689 51.70 11.61 44.03
CA ILE C 689 52.23 10.93 42.85
C ILE C 689 51.09 10.47 41.95
N VAL C 690 50.08 9.85 42.54
CA VAL C 690 48.94 9.38 41.77
C VAL C 690 48.26 10.49 40.97
N LYS C 691 47.99 11.63 41.59
CA LYS C 691 47.44 12.78 40.85
C LYS C 691 48.33 13.16 39.68
N ILE C 692 49.64 13.26 39.94
CA ILE C 692 50.58 13.65 38.90
C ILE C 692 50.56 12.69 37.71
N ALA C 693 50.53 11.39 37.98
CA ALA C 693 50.42 10.41 36.92
C ALA C 693 49.12 10.58 36.15
N THR C 694 48.01 10.80 36.87
CA THR C 694 46.73 11.00 36.19
C THR C 694 46.78 12.18 35.22
N VAL C 695 47.22 13.34 35.70
CA VAL C 695 47.24 14.54 34.85
C VAL C 695 48.27 14.44 33.74
N ASN C 696 49.38 13.75 33.97
CA ASN C 696 50.33 13.51 32.88
C ASN C 696 49.65 12.73 31.78
N ILE C 697 49.05 11.60 32.18
CA ILE C 697 48.36 10.73 31.24
C ILE C 697 47.28 11.50 30.47
N GLN C 698 46.37 12.14 31.19
CA GLN C 698 45.25 12.84 30.56
C GLN C 698 45.70 14.00 29.68
N LYS C 699 46.69 14.76 30.13
CA LYS C 699 47.20 15.88 29.35
C LYS C 699 47.83 15.38 28.05
N GLN C 700 48.46 14.21 28.11
CA GLN C 700 49.02 13.64 26.89
C GLN C 700 47.92 13.12 25.98
N LEU C 701 47.00 12.34 26.57
CA LEU C 701 45.85 11.76 25.88
C LEU C 701 45.05 12.83 25.15
N GLU C 702 45.04 14.01 25.76
CA GLU C 702 44.23 15.13 25.29
C GLU C 702 44.58 15.46 23.85
N THR C 703 45.78 15.99 23.64
CA THR C 703 46.18 16.44 22.31
C THR C 703 46.71 15.30 21.43
N PHE C 704 47.25 14.22 22.01
CA PHE C 704 47.94 13.21 21.19
C PHE C 704 47.00 12.37 20.29
N HIS C 705 45.88 11.88 20.82
CA HIS C 705 44.85 11.27 19.98
C HIS C 705 43.86 12.31 19.54
N SER C 706 43.68 12.51 18.24
CA SER C 706 42.67 13.49 17.89
C SER C 706 41.36 12.78 17.57
N THR C 707 40.51 12.70 18.58
CA THR C 707 39.10 12.43 18.42
C THR C 707 38.39 13.49 19.26
N PHE C 708 38.32 13.22 20.56
CA PHE C 708 37.88 14.17 21.59
C PHE C 708 38.00 13.57 22.99
N LYS C 709 37.41 14.26 23.97
CA LYS C 709 37.75 14.12 25.38
C LYS C 709 36.98 13.06 26.17
N SER C 710 35.69 13.28 26.41
CA SER C 710 34.92 12.37 27.27
C SER C 710 33.42 12.40 27.00
N HIS C 711 32.73 11.41 27.54
CA HIS C 711 31.32 11.14 27.23
C HIS C 711 30.37 12.33 27.35
N GLY C 712 30.71 13.30 28.20
CA GLY C 712 29.89 14.49 28.32
C GLY C 712 29.88 15.30 27.03
N HIS C 713 31.02 15.26 26.36
CA HIS C 713 31.23 16.08 25.17
C HIS C 713 30.32 15.65 23.99
N ARG C 714 29.86 14.40 24.01
CA ARG C 714 28.84 13.91 23.07
C ARG C 714 27.54 14.72 23.20
N GLU C 715 27.04 14.78 24.43
CA GLU C 715 25.81 15.49 24.74
C GLU C 715 26.05 16.95 24.38
N GLY C 716 27.28 17.39 24.60
CA GLY C 716 27.68 18.70 24.14
C GLY C 716 27.54 18.89 22.64
N MET C 717 27.78 17.84 21.84
CA MET C 717 27.53 17.95 20.39
C MET C 717 26.04 18.10 20.13
N LEU C 718 25.20 17.38 20.87
CA LEU C 718 23.76 17.57 20.61
C LEU C 718 23.34 19.01 20.92
N GLN C 719 23.87 19.61 21.98
CA GLN C 719 23.45 20.99 22.27
C GLN C 719 24.17 22.05 21.43
N SER C 720 25.29 21.69 20.80
CA SER C 720 26.05 22.66 20.02
C SER C 720 25.44 22.96 18.64
N ASP C 721 24.66 22.02 18.11
CA ASP C 721 23.89 22.27 16.90
C ASP C 721 22.78 23.27 17.20
N CYS C 736 28.52 8.41 13.54
CA CYS C 736 29.77 8.65 14.25
C CYS C 736 30.28 7.36 14.90
N PRO C 737 31.60 7.24 15.06
CA PRO C 737 32.28 6.06 15.65
C PRO C 737 32.54 6.17 17.14
N ILE C 738 33.16 5.15 17.72
CA ILE C 738 33.61 5.20 19.10
C ILE C 738 35.09 4.81 19.26
N ARG C 739 35.93 5.77 19.62
CA ARG C 739 37.33 5.45 19.81
C ARG C 739 37.97 6.35 20.86
N GLY C 740 38.87 5.75 21.63
CA GLY C 740 39.59 6.44 22.68
C GLY C 740 39.78 5.48 23.85
N GLY C 741 40.10 6.02 25.01
CA GLY C 741 39.91 5.28 26.23
C GLY C 741 39.70 6.36 27.26
N PHE C 742 38.93 6.08 28.30
CA PHE C 742 38.42 7.16 29.14
C PHE C 742 38.65 6.96 30.64
N PHE C 743 38.94 8.06 31.32
CA PHE C 743 39.17 8.02 32.76
C PHE C 743 37.86 7.68 33.46
N ILE C 744 37.96 6.73 34.38
CA ILE C 744 36.81 6.17 35.07
C ILE C 744 36.97 6.33 36.55
N LEU C 745 38.06 5.82 37.10
CA LEU C 745 38.15 5.83 38.54
C LEU C 745 39.57 5.82 39.07
N GLN C 746 39.72 6.12 40.35
CA GLN C 746 40.96 5.84 41.07
C GLN C 746 40.72 5.10 42.40
N LEU C 747 41.39 3.95 42.53
CA LEU C 747 41.45 3.14 43.76
C LEU C 747 42.66 3.50 44.64
N HIS C 748 43.19 4.68 44.37
CA HIS C 748 44.24 5.41 45.10
C HIS C 748 45.65 5.00 44.70
N ASP C 749 45.88 3.73 44.39
CA ASP C 749 47.10 3.36 43.69
C ASP C 749 46.77 2.78 42.34
N GLU C 750 45.48 2.56 42.12
CA GLU C 750 45.00 2.01 40.86
C GLU C 750 44.41 3.11 40.00
N LEU C 751 44.72 3.07 38.71
CA LEU C 751 44.12 4.02 37.79
C LEU C 751 43.24 3.26 36.82
N LEU C 752 41.98 3.66 36.76
CA LEU C 752 40.93 2.89 36.13
C LEU C 752 40.41 3.56 34.87
N TYR C 753 40.66 2.92 33.73
CA TYR C 753 40.26 3.42 32.43
C TYR C 753 39.38 2.41 31.71
N GLU C 754 38.44 2.88 30.90
CA GLU C 754 37.88 2.00 29.87
C GLU C 754 38.37 2.50 28.53
N VAL C 755 38.66 1.57 27.65
CA VAL C 755 39.29 1.86 26.38
C VAL C 755 38.75 0.94 25.29
N ALA C 756 38.46 1.52 24.13
CA ALA C 756 37.96 0.76 23.00
C ALA C 756 38.95 -0.34 22.68
N GLU C 757 38.49 -1.50 22.22
CA GLU C 757 39.49 -2.52 21.97
C GLU C 757 39.99 -2.20 20.59
N GLU C 758 40.95 -1.28 20.59
CA GLU C 758 41.72 -0.85 19.43
C GLU C 758 43.09 -0.46 19.92
N ASP C 759 43.06 0.63 20.68
CA ASP C 759 44.23 1.38 21.12
C ASP C 759 44.76 0.86 22.44
N VAL C 760 44.14 -0.21 22.96
CA VAL C 760 44.41 -0.72 24.31
C VAL C 760 45.89 -0.94 24.62
N VAL C 761 46.66 -1.34 23.62
CA VAL C 761 48.10 -1.55 23.81
C VAL C 761 48.83 -0.21 23.91
N GLN C 762 48.52 0.70 22.99
CA GLN C 762 49.06 2.05 23.02
C GLN C 762 48.74 2.67 24.37
N VAL C 763 47.45 2.61 24.72
CA VAL C 763 46.93 3.10 26.00
C VAL C 763 47.74 2.54 27.16
N ALA C 764 47.92 1.22 27.17
CA ALA C 764 48.64 0.53 28.23
C ALA C 764 50.07 1.03 28.38
N GLN C 765 50.81 1.07 27.28
CA GLN C 765 52.21 1.50 27.39
C GLN C 765 52.31 2.96 27.81
N ILE C 766 51.35 3.78 27.39
CA ILE C 766 51.32 5.16 27.85
C ILE C 766 51.07 5.24 29.35
N VAL C 767 50.14 4.43 29.83
CA VAL C 767 49.84 4.40 31.25
C VAL C 767 51.01 3.92 32.10
N LYS C 768 51.57 2.76 31.76
CA LYS C 768 52.77 2.24 32.42
C LYS C 768 53.86 3.32 32.41
N ASN C 769 54.09 3.91 31.24
CA ASN C 769 55.12 4.92 31.10
C ASN C 769 54.93 6.12 32.05
N GLU C 770 53.77 6.75 32.00
CA GLU C 770 53.54 7.94 32.82
C GLU C 770 53.42 7.63 34.32
N MET C 771 52.88 6.47 34.66
CA MET C 771 52.87 6.07 36.07
C MET C 771 54.28 5.81 36.58
N GLU C 772 55.15 5.29 35.73
CA GLU C 772 56.54 5.09 36.12
C GLU C 772 57.39 6.36 35.94
N SER C 773 56.92 7.28 35.09
CA SER C 773 57.68 8.50 34.80
C SER C 773 57.33 9.73 35.63
N ALA C 774 56.47 9.57 36.62
CA ALA C 774 56.03 10.70 37.46
C ALA C 774 57.24 11.50 37.95
N VAL C 775 58.00 10.92 38.88
CA VAL C 775 59.31 11.40 39.24
C VAL C 775 60.18 10.22 39.63
N LYS C 776 61.45 10.25 39.24
CA LYS C 776 62.37 9.18 39.57
C LYS C 776 62.82 9.29 41.02
N LEU C 777 63.17 8.15 41.61
CA LEU C 777 63.48 8.09 43.03
C LEU C 777 64.34 6.89 43.37
N SER C 778 64.47 6.61 44.67
CA SER C 778 65.40 5.60 45.18
C SER C 778 65.24 4.22 44.54
N VAL C 779 64.04 3.89 44.07
CA VAL C 779 63.79 2.62 43.40
C VAL C 779 62.91 2.80 42.18
N LYS C 780 62.89 1.81 41.29
CA LYS C 780 61.93 1.84 40.19
C LYS C 780 60.57 1.41 40.74
N LEU C 781 59.50 1.94 40.15
CA LEU C 781 58.16 1.63 40.62
C LEU C 781 57.53 0.60 39.70
N LYS C 782 57.45 -0.65 40.14
CA LYS C 782 56.86 -1.61 39.26
C LYS C 782 55.36 -1.40 39.28
N VAL C 783 54.75 -1.53 38.11
CA VAL C 783 53.34 -1.34 37.96
C VAL C 783 52.71 -2.57 37.32
N LYS C 784 51.90 -3.30 38.07
CA LYS C 784 51.16 -4.41 37.50
C LYS C 784 50.00 -3.83 36.72
N VAL C 785 49.83 -4.26 35.47
CA VAL C 785 48.72 -3.71 34.69
C VAL C 785 47.76 -4.78 34.25
N LYS C 786 46.61 -4.84 34.93
CA LYS C 786 45.55 -5.77 34.61
C LYS C 786 44.69 -5.18 33.50
N ILE C 787 44.03 -6.04 32.72
CA ILE C 787 43.22 -5.63 31.59
C ILE C 787 42.12 -6.68 31.31
N GLY C 788 41.01 -6.27 30.72
CA GLY C 788 40.04 -7.25 30.25
C GLY C 788 38.62 -6.74 30.25
N ALA C 789 37.70 -7.59 29.80
CA ALA C 789 36.29 -7.28 29.86
C ALA C 789 35.85 -7.22 31.32
N SER C 790 34.91 -6.33 31.60
CA SER C 790 34.34 -6.11 32.93
C SER C 790 35.31 -5.77 34.07
N TRP C 791 34.93 -6.17 35.28
CA TRP C 791 35.67 -5.90 36.52
C TRP C 791 36.40 -7.07 37.19
N GLY C 792 36.57 -8.20 36.51
CA GLY C 792 37.46 -9.20 37.06
C GLY C 792 38.20 -9.72 35.86
N GLU C 793 39.48 -10.01 36.05
CA GLU C 793 40.44 -9.66 35.00
C GLU C 793 41.74 -10.44 35.03
N LEU C 794 42.47 -10.35 33.92
CA LEU C 794 43.74 -11.04 33.77
C LEU C 794 44.84 -10.04 33.41
N LYS C 795 46.10 -10.35 33.73
CA LYS C 795 47.22 -9.43 33.50
C LYS C 795 48.46 -10.09 32.90
N ASP C 796 48.82 -9.72 31.67
CA ASP C 796 50.15 -10.05 31.16
C ASP C 796 50.61 -9.13 30.03
N PHE C 797 51.90 -8.78 30.02
CA PHE C 797 52.53 -8.06 28.89
C PHE C 797 54.03 -8.37 28.82
N ASP C 798 54.61 -8.37 27.61
CA ASP C 798 55.95 -8.93 27.42
C ASP C 798 56.98 -8.01 26.74
N VAL C 799 58.27 -8.21 27.03
CA VAL C 799 59.34 -7.46 26.37
C VAL C 799 60.43 -8.40 25.85
N SER D 33 29.50 58.05 -10.40
CA SER D 33 30.93 57.77 -10.39
C SER D 33 31.24 56.54 -9.50
N LEU D 34 30.80 56.57 -8.25
CA LEU D 34 31.02 55.45 -7.33
C LEU D 34 29.88 55.27 -6.32
N SER D 35 29.42 54.04 -6.11
CA SER D 35 28.84 53.65 -4.82
C SER D 35 29.20 52.21 -4.45
N ILE D 36 30.00 52.04 -3.40
CA ILE D 36 30.25 50.71 -2.79
C ILE D 36 30.42 50.79 -1.27
N ILE D 37 30.31 49.66 -0.58
CA ILE D 37 30.53 49.62 0.86
C ILE D 37 31.40 48.46 1.34
N ASP D 38 32.56 48.76 1.93
CA ASP D 38 33.26 47.79 2.76
C ASP D 38 32.40 47.61 3.98
N VAL D 39 32.07 46.39 4.38
CA VAL D 39 31.36 46.36 5.64
C VAL D 39 32.37 46.00 6.71
N ALA D 40 33.05 47.04 7.18
CA ALA D 40 33.73 47.05 8.45
C ALA D 40 33.80 48.50 8.95
N SER D 41 33.11 48.83 10.03
CA SER D 41 33.54 49.95 10.85
C SER D 41 33.37 49.54 12.28
N ASP D 42 34.47 49.26 12.98
CA ASP D 42 34.36 48.84 14.37
C ASP D 42 33.31 47.74 14.38
N GLN D 43 32.15 48.08 14.96
CA GLN D 43 31.01 47.18 14.96
C GLN D 43 29.76 47.70 14.24
N ASN D 44 29.17 48.79 14.75
CA ASN D 44 27.77 49.15 14.48
C ASN D 44 27.35 49.10 13.01
N LEU D 45 28.27 49.47 12.13
CA LEU D 45 28.05 49.44 10.69
C LEU D 45 27.70 48.02 10.23
N PHE D 46 28.61 47.10 10.54
CA PHE D 46 28.46 45.68 10.23
C PHE D 46 27.20 45.11 10.87
N GLN D 47 26.85 45.64 12.02
CA GLN D 47 25.72 45.13 12.78
C GLN D 47 24.38 45.50 12.15
N THR D 48 24.19 46.77 11.79
CA THR D 48 22.96 47.15 11.09
C THR D 48 22.96 46.46 9.73
N PHE D 49 24.15 46.20 9.21
CA PHE D 49 24.30 45.42 7.98
C PHE D 49 23.63 44.05 8.12
N ILE D 50 24.05 43.23 9.09
CA ILE D 50 23.41 41.93 9.26
C ILE D 50 21.95 42.04 9.71
N LYS D 51 21.62 43.13 10.41
CA LYS D 51 20.26 43.33 10.91
C LYS D 51 19.29 43.52 9.74
N GLU D 52 19.71 44.28 8.74
CA GLU D 52 18.97 44.37 7.49
C GLU D 52 18.98 43.02 6.79
N TRP D 53 20.19 42.48 6.63
CA TRP D 53 20.47 41.32 5.79
C TRP D 53 19.60 40.11 6.13
N ARG D 54 19.53 39.77 7.42
CA ARG D 54 18.81 38.58 7.88
C ARG D 54 17.34 38.58 7.48
N CYS D 55 16.78 39.77 7.38
CA CYS D 55 15.38 39.97 7.05
C CYS D 55 15.06 39.65 5.60
N LYS D 56 16.00 39.94 4.71
CA LYS D 56 15.72 39.95 3.29
C LYS D 56 15.52 38.54 2.74
N LYS D 57 14.58 38.43 1.81
CA LYS D 57 14.25 37.16 1.16
C LYS D 57 15.20 36.92 -0.02
N ARG D 58 15.00 37.68 -1.09
CA ARG D 58 15.84 37.59 -2.27
C ARG D 58 17.13 38.39 -2.07
N PHE D 59 18.28 37.81 -2.42
CA PHE D 59 19.56 38.53 -2.37
C PHE D 59 20.61 37.92 -3.29
N SER D 60 21.64 38.71 -3.62
CA SER D 60 22.65 38.29 -4.60
C SER D 60 24.07 38.23 -4.05
N ILE D 61 24.87 37.33 -4.61
CA ILE D 61 26.20 36.96 -4.11
C ILE D 61 27.24 36.75 -5.21
N SER D 62 28.45 37.26 -5.00
CA SER D 62 29.59 36.91 -5.83
C SER D 62 30.91 37.06 -5.10
N LEU D 63 31.91 36.26 -5.47
CA LEU D 63 33.22 36.35 -4.84
C LEU D 63 34.28 36.69 -5.88
N ALA D 64 35.53 36.86 -5.43
CA ALA D 64 36.61 37.19 -6.34
C ALA D 64 37.90 36.53 -5.86
N CYS D 65 38.89 36.49 -6.73
CA CYS D 65 40.19 35.96 -6.31
C CYS D 65 41.35 36.83 -6.76
N GLU D 66 42.55 36.31 -6.50
CA GLU D 66 43.77 36.97 -6.90
C GLU D 66 44.71 36.04 -7.65
N LYS D 67 45.18 35.00 -6.97
CA LYS D 67 46.22 34.14 -7.52
C LYS D 67 46.12 32.72 -6.98
N ILE D 68 47.21 31.96 -7.16
CA ILE D 68 47.45 30.66 -6.53
C ILE D 68 46.47 29.52 -6.88
N ARG D 69 46.72 28.89 -8.02
CA ARG D 69 45.94 27.72 -8.42
C ARG D 69 46.83 26.65 -9.04
N ASP D 105 43.09 23.39 -6.66
CA ASP D 105 42.24 24.15 -5.75
C ASP D 105 42.92 25.44 -5.28
N ASP D 106 42.13 26.29 -4.63
CA ASP D 106 42.68 27.48 -4.00
C ASP D 106 41.87 27.90 -2.78
N THR D 107 42.58 28.29 -1.72
CA THR D 107 41.98 28.85 -0.51
C THR D 107 42.13 30.36 -0.43
N LEU D 108 42.84 30.93 -1.39
CA LEU D 108 43.08 32.37 -1.37
C LEU D 108 42.00 33.06 -2.17
N VAL D 109 41.12 33.74 -1.45
CA VAL D 109 39.94 34.39 -2.00
C VAL D 109 39.85 35.73 -1.30
N VAL D 110 39.76 36.81 -2.04
CA VAL D 110 39.76 38.14 -1.42
C VAL D 110 38.66 38.29 -0.39
N GLY D 111 37.42 38.23 -0.87
CA GLY D 111 36.26 38.39 -0.02
C GLY D 111 34.98 38.31 -0.84
N LEU D 112 33.90 37.99 -0.14
CA LEU D 112 32.59 37.87 -0.77
C LEU D 112 31.95 39.24 -0.93
N ALA D 113 30.98 39.36 -1.82
CA ALA D 113 30.20 40.58 -1.95
C ALA D 113 28.74 40.23 -2.19
N VAL D 114 27.85 41.09 -1.67
CA VAL D 114 26.42 40.85 -1.69
C VAL D 114 25.67 42.12 -2.09
N CYS D 115 24.61 41.96 -2.89
CA CYS D 115 23.71 43.08 -3.14
C CYS D 115 22.26 42.59 -3.25
N TRP D 116 21.35 43.25 -2.54
CA TRP D 116 19.94 42.94 -2.75
C TRP D 116 19.20 43.96 -3.61
N GLY D 117 19.89 45.00 -4.08
CA GLY D 117 19.30 45.90 -5.04
C GLY D 117 19.85 47.31 -5.09
N GLY D 118 19.45 48.06 -6.10
CA GLY D 118 19.86 49.45 -6.23
C GLY D 118 21.29 49.57 -6.67
N ARG D 119 21.69 50.78 -7.03
CA ARG D 119 23.06 51.07 -7.45
C ARG D 119 24.08 50.71 -6.36
N ASP D 120 23.65 50.66 -5.10
CA ASP D 120 24.51 50.31 -3.97
C ASP D 120 24.87 48.82 -3.93
N ALA D 121 26.01 48.51 -3.33
CA ALA D 121 26.45 47.13 -3.13
C ALA D 121 27.31 46.98 -1.87
N TYR D 122 27.25 45.81 -1.22
CA TYR D 122 27.94 45.55 0.04
C TYR D 122 29.13 44.60 -0.11
N TYR D 123 30.25 44.91 0.52
CA TYR D 123 31.41 44.02 0.45
C TYR D 123 31.77 43.42 1.80
N PHE D 124 32.19 42.17 1.75
CA PHE D 124 32.52 41.39 2.94
C PHE D 124 33.96 40.90 2.76
N SER D 125 34.89 41.55 3.46
CA SER D 125 36.33 41.33 3.30
C SER D 125 36.82 40.14 4.13
N LEU D 126 37.96 39.57 3.73
CA LEU D 126 38.59 38.50 4.49
C LEU D 126 40.09 38.75 4.66
N LEU D 144 38.06 52.05 5.50
CA LEU D 144 39.04 51.35 4.67
C LEU D 144 39.22 49.89 5.08
N ASP D 145 40.20 49.65 5.95
CA ASP D 145 40.52 48.29 6.41
C ASP D 145 40.61 48.22 7.94
N PRO D 146 39.47 48.38 8.64
CA PRO D 146 39.52 48.41 10.10
C PRO D 146 39.41 47.03 10.75
N SER D 147 39.49 47.01 12.07
CA SER D 147 39.40 45.74 12.80
C SER D 147 38.72 45.81 14.16
N LEU D 148 37.89 44.80 14.42
CA LEU D 148 37.59 44.34 15.76
C LEU D 148 37.62 42.81 15.77
N THR D 149 36.63 42.28 15.05
CA THR D 149 36.35 40.85 14.90
C THR D 149 37.26 40.14 13.91
N LEU D 150 37.36 38.81 14.03
CA LEU D 150 38.10 38.00 13.06
C LEU D 150 37.38 36.75 12.53
N LYS D 151 37.25 35.74 13.39
CA LYS D 151 36.57 34.51 13.04
C LYS D 151 35.06 34.74 13.08
N ASP D 152 34.68 35.72 13.88
CA ASP D 152 33.29 36.05 14.19
C ASP D 152 32.46 36.26 12.93
N ARG D 153 33.00 37.10 12.06
CA ARG D 153 32.32 37.52 10.85
C ARG D 153 31.92 36.29 10.05
N MET D 154 32.80 35.30 10.03
CA MET D 154 32.60 34.11 9.23
C MET D 154 31.42 33.33 9.79
N TRP D 155 31.33 33.33 11.11
CA TRP D 155 30.20 32.73 11.79
C TRP D 155 28.91 33.43 11.36
N TYR D 156 28.93 34.76 11.37
CA TYR D 156 27.77 35.57 10.99
C TYR D 156 27.30 35.23 9.59
N LEU D 157 28.26 35.15 8.66
CA LEU D 157 27.98 34.80 7.29
C LEU D 157 27.30 33.45 7.21
N GLN D 158 27.87 32.45 7.87
CA GLN D 158 27.27 31.12 7.92
C GLN D 158 25.81 31.20 8.37
N SER D 159 25.60 31.83 9.53
CA SER D 159 24.27 31.96 10.11
C SER D 159 23.30 32.60 9.11
N CYS D 160 23.83 33.54 8.35
CA CYS D 160 23.03 34.28 7.39
C CYS D 160 22.66 33.45 6.16
N LEU D 161 23.56 32.58 5.72
CA LEU D 161 23.40 31.91 4.45
C LEU D 161 22.58 30.61 4.49
N ARG D 162 22.16 30.15 5.67
CA ARG D 162 21.33 28.95 5.66
C ARG D 162 20.05 28.99 6.49
N LYS D 163 18.90 29.06 5.84
CA LYS D 163 17.73 28.20 6.13
C LYS D 163 17.74 27.63 7.56
N GLU D 164 17.63 28.47 8.58
CA GLU D 164 17.52 27.95 9.95
C GLU D 164 16.42 26.90 10.00
N SER D 165 15.23 27.33 9.60
CA SER D 165 14.05 26.48 9.45
C SER D 165 12.97 27.39 8.93
N ASP D 166 12.00 26.83 8.21
CA ASP D 166 10.73 27.51 7.93
C ASP D 166 10.85 28.84 7.19
N LYS D 167 12.08 29.36 7.12
CA LYS D 167 12.32 30.68 6.57
C LYS D 167 12.97 30.49 5.24
N GLU D 168 12.23 30.88 4.21
CA GLU D 168 12.55 30.41 2.89
C GLU D 168 12.89 31.63 2.07
N CYS D 169 14.18 31.77 1.81
CA CYS D 169 14.72 32.86 1.05
C CYS D 169 15.63 32.27 -0.02
N SER D 170 15.88 33.03 -1.09
CA SER D 170 16.60 32.49 -2.24
C SER D 170 17.83 33.33 -2.61
N VAL D 171 18.73 32.75 -3.39
CA VAL D 171 20.03 33.39 -3.64
C VAL D 171 20.64 33.13 -5.03
N VAL D 172 21.31 34.14 -5.61
CA VAL D 172 21.77 34.10 -7.00
C VAL D 172 23.28 34.37 -7.22
N ILE D 173 23.86 33.63 -8.16
CA ILE D 173 25.28 33.73 -8.55
C ILE D 173 25.38 33.47 -10.08
N TYR D 174 26.38 34.02 -10.79
CA TYR D 174 26.42 33.86 -12.26
C TYR D 174 26.40 32.41 -12.63
N ASP D 175 27.52 31.73 -12.40
CA ASP D 175 27.40 30.31 -12.50
C ASP D 175 27.28 29.85 -11.07
N PHE D 176 27.22 28.56 -10.85
CA PHE D 176 26.79 28.08 -9.57
C PHE D 176 27.78 27.10 -9.00
N ILE D 177 27.89 25.96 -9.68
CA ILE D 177 28.54 24.79 -9.14
C ILE D 177 29.96 25.13 -8.66
N GLN D 178 30.66 26.04 -9.36
CA GLN D 178 32.02 26.36 -8.94
C GLN D 178 32.05 27.36 -7.80
N SER D 179 31.07 28.24 -7.73
CA SER D 179 31.00 29.18 -6.61
C SER D 179 30.74 28.41 -5.31
N TYR D 180 29.82 27.45 -5.39
CA TYR D 180 29.54 26.57 -4.25
C TYR D 180 30.78 25.70 -3.97
N LYS D 181 31.47 25.30 -5.04
CA LYS D 181 32.75 24.61 -4.92
C LYS D 181 33.72 25.37 -4.04
N ILE D 182 33.80 26.68 -4.25
CA ILE D 182 34.71 27.50 -3.46
C ILE D 182 34.22 27.71 -2.04
N LEU D 183 32.96 28.10 -1.86
CA LEU D 183 32.45 28.36 -0.52
C LEU D 183 32.60 27.14 0.38
N LEU D 184 32.38 25.95 -0.17
CA LEU D 184 32.61 24.73 0.59
C LEU D 184 34.08 24.36 0.74
N LEU D 185 34.81 24.30 -0.37
CA LEU D 185 36.18 23.80 -0.32
C LEU D 185 37.18 24.84 0.15
N SER D 186 37.05 26.08 -0.32
CA SER D 186 38.01 27.10 0.08
C SER D 186 37.74 27.49 1.53
N CYS D 187 36.51 27.94 1.80
CA CYS D 187 36.19 28.43 3.13
C CYS D 187 35.30 27.57 4.06
N GLY D 188 34.80 26.43 3.60
CA GLY D 188 34.14 25.49 4.51
C GLY D 188 32.75 25.91 4.98
N ILE D 189 32.04 26.65 4.14
CA ILE D 189 30.63 26.94 4.41
C ILE D 189 29.72 26.22 3.43
N SER D 190 28.89 25.33 3.95
CA SER D 190 27.94 24.68 3.07
C SER D 190 26.71 25.54 3.06
N LEU D 191 26.53 26.22 1.94
CA LEU D 191 25.39 27.07 1.72
C LEU D 191 24.18 26.17 1.57
N GLU D 192 23.15 26.37 2.38
CA GLU D 192 21.89 25.70 2.05
C GLU D 192 20.69 26.63 2.15
N GLN D 193 20.11 26.89 0.99
CA GLN D 193 18.86 27.65 0.83
C GLN D 193 18.34 27.41 -0.57
N SER D 194 17.26 28.09 -0.93
CA SER D 194 16.73 28.01 -2.29
C SER D 194 17.65 28.73 -3.27
N TYR D 195 17.77 28.21 -4.49
CA TYR D 195 18.74 28.71 -5.45
C TYR D 195 18.17 29.15 -6.81
N GLU D 196 18.76 30.20 -7.36
CA GLU D 196 18.45 30.67 -8.71
C GLU D 196 19.74 30.97 -9.47
N ASP D 197 19.96 30.28 -10.58
CA ASP D 197 21.15 30.52 -11.41
C ASP D 197 20.71 31.09 -12.75
N PRO D 198 21.01 32.37 -12.99
CA PRO D 198 20.48 33.09 -14.13
C PRO D 198 20.90 32.51 -15.47
N LYS D 199 22.13 32.04 -15.62
CA LYS D 199 22.57 31.52 -16.92
C LYS D 199 21.77 30.27 -17.25
N VAL D 200 21.32 29.56 -16.21
CA VAL D 200 20.43 28.41 -16.39
C VAL D 200 19.04 28.89 -16.87
N ALA D 201 18.58 30.05 -16.37
CA ALA D 201 17.32 30.61 -16.85
C ALA D 201 17.45 31.00 -18.33
N CYS D 202 18.55 31.70 -18.62
CA CYS D 202 18.89 32.10 -19.98
C CYS D 202 18.88 30.93 -20.94
N TRP D 203 19.49 29.82 -20.51
CA TRP D 203 19.45 28.60 -21.30
C TRP D 203 18.03 28.09 -21.41
N LEU D 204 17.29 28.22 -20.31
CA LEU D 204 15.94 27.67 -20.23
C LEU D 204 15.05 28.33 -21.27
N LEU D 205 15.36 29.57 -21.60
CA LEU D 205 14.69 30.26 -22.70
C LEU D 205 15.10 29.70 -24.06
N ASP D 206 16.41 29.65 -24.31
CA ASP D 206 16.93 29.30 -25.63
C ASP D 206 17.96 28.19 -25.51
N PRO D 207 17.50 26.92 -25.49
CA PRO D 207 18.41 25.78 -25.42
C PRO D 207 19.48 25.78 -26.52
N ASP D 208 19.18 26.40 -27.66
CA ASP D 208 20.13 26.49 -28.76
C ASP D 208 21.13 27.63 -28.57
N SER D 209 20.87 28.49 -27.58
CA SER D 209 21.79 29.59 -27.30
C SER D 209 23.19 29.09 -26.99
N GLN D 210 24.18 29.91 -27.32
CA GLN D 210 25.57 29.56 -27.05
C GLN D 210 25.94 30.17 -25.71
N GLU D 211 26.07 29.33 -24.68
CA GLU D 211 26.84 29.62 -23.46
C GLU D 211 26.80 31.06 -22.95
N PRO D 212 25.69 31.47 -22.33
CA PRO D 212 25.53 32.88 -21.95
C PRO D 212 26.71 33.40 -21.14
N THR D 213 27.03 34.68 -21.33
CA THR D 213 28.11 35.33 -20.62
C THR D 213 27.59 36.63 -20.05
N LEU D 214 28.38 37.23 -19.16
CA LEU D 214 27.97 38.43 -18.45
C LEU D 214 27.57 39.56 -19.40
N HIS D 215 28.49 39.95 -20.29
CA HIS D 215 28.26 41.07 -21.20
C HIS D 215 27.03 40.80 -22.05
N SER D 216 26.88 39.55 -22.48
CA SER D 216 25.75 39.15 -23.31
C SER D 216 24.42 39.35 -22.57
N ILE D 217 24.42 39.00 -21.29
CA ILE D 217 23.20 39.09 -20.49
C ILE D 217 22.83 40.53 -20.15
N VAL D 218 23.79 41.29 -19.63
CA VAL D 218 23.52 42.68 -19.31
C VAL D 218 23.15 43.46 -20.58
N THR D 219 23.68 43.03 -21.72
CA THR D 219 23.30 43.60 -23.01
C THR D 219 21.86 43.28 -23.33
N SER D 220 21.50 42.01 -23.15
CA SER D 220 20.21 41.51 -23.57
C SER D 220 19.09 41.80 -22.57
N PHE D 221 19.46 42.18 -21.36
CA PHE D 221 18.53 42.23 -20.23
C PHE D 221 18.55 43.51 -19.42
N LEU D 222 19.73 43.92 -18.96
CA LEU D 222 19.84 45.13 -18.13
C LEU D 222 20.64 46.23 -18.87
N PRO D 223 20.01 46.87 -19.88
CA PRO D 223 20.70 47.80 -20.77
C PRO D 223 21.29 49.07 -20.14
N HIS D 224 20.51 49.81 -19.37
CA HIS D 224 20.93 51.17 -19.01
C HIS D 224 22.13 51.10 -18.08
N GLU D 225 22.33 49.92 -17.48
CA GLU D 225 23.44 49.70 -16.57
C GLU D 225 24.73 49.23 -17.26
N LEU D 226 24.63 48.82 -18.52
CA LEU D 226 25.71 48.10 -19.19
C LEU D 226 27.08 48.78 -19.34
N PRO D 227 27.12 50.08 -19.74
CA PRO D 227 28.41 50.61 -20.23
C PRO D 227 29.59 50.45 -19.28
N LEU D 228 29.32 50.52 -17.98
CA LEU D 228 30.38 50.40 -16.98
C LEU D 228 31.15 49.09 -17.14
N LEU D 229 30.43 48.01 -17.39
CA LEU D 229 31.04 46.68 -17.52
C LEU D 229 32.14 46.70 -18.59
N GLU D 230 32.01 47.62 -19.54
CA GLU D 230 32.95 47.71 -20.65
C GLU D 230 34.32 48.27 -20.25
N GLY D 231 34.48 48.64 -18.99
CA GLY D 231 35.79 49.03 -18.48
C GLY D 231 36.75 47.87 -18.28
N MET D 232 36.26 46.65 -18.46
CA MET D 232 36.97 45.44 -18.03
C MET D 232 37.45 44.51 -19.14
N GLU D 233 36.50 44.04 -19.95
CA GLU D 233 36.70 43.01 -20.97
C GLU D 233 37.07 41.61 -20.44
N THR D 234 36.13 40.99 -19.74
CA THR D 234 36.09 39.53 -19.58
C THR D 234 34.65 39.02 -19.48
N SER D 235 34.28 38.02 -20.29
CA SER D 235 33.11 37.21 -19.96
C SER D 235 33.29 35.73 -20.30
N GLN D 236 33.47 34.89 -19.30
CA GLN D 236 33.36 33.43 -19.49
C GLN D 236 32.68 32.74 -18.31
N GLY D 237 33.39 32.73 -17.18
CA GLY D 237 32.87 32.26 -15.91
C GLY D 237 32.59 33.51 -15.11
N ILE D 238 32.54 33.40 -13.79
CA ILE D 238 32.22 34.56 -12.98
C ILE D 238 33.36 35.58 -12.99
N GLN D 239 33.24 36.64 -12.21
CA GLN D 239 34.27 37.67 -12.17
C GLN D 239 35.49 37.27 -11.35
N SER D 240 35.37 36.20 -10.57
CA SER D 240 36.55 35.62 -9.93
C SER D 240 37.40 34.88 -10.97
N LEU D 241 36.74 34.05 -11.77
CA LEU D 241 37.42 33.23 -12.77
C LEU D 241 38.07 34.13 -13.84
N GLY D 242 37.54 35.34 -13.98
CA GLY D 242 38.09 36.34 -14.87
C GLY D 242 39.16 37.22 -14.23
N LEU D 243 39.82 36.69 -13.21
CA LEU D 243 40.77 37.45 -12.40
C LEU D 243 41.89 38.17 -13.15
N ASN D 244 42.29 37.65 -14.29
CA ASN D 244 43.40 38.23 -15.05
C ASN D 244 43.04 39.56 -15.73
N ALA D 245 41.97 39.53 -16.52
CA ALA D 245 41.53 40.74 -17.19
C ALA D 245 40.93 41.69 -16.17
N GLY D 246 40.46 41.12 -15.08
CA GLY D 246 39.97 41.91 -13.98
C GLY D 246 41.09 42.44 -13.11
N SER D 247 42.28 41.87 -13.25
CA SER D 247 43.38 42.19 -12.33
C SER D 247 43.79 43.66 -12.26
N GLU D 248 43.60 44.43 -13.33
CA GLU D 248 43.85 45.86 -13.24
C GLU D 248 42.70 46.51 -12.46
N HIS D 249 41.52 45.91 -12.55
CA HIS D 249 40.39 46.34 -11.74
C HIS D 249 40.11 45.44 -10.52
N SER D 250 40.91 44.38 -10.35
CA SER D 250 40.58 43.29 -9.41
C SER D 250 40.47 43.72 -7.96
N GLY D 251 39.51 43.10 -7.28
CA GLY D 251 39.32 43.34 -5.87
C GLY D 251 37.85 43.19 -5.58
N ARG D 252 37.42 43.93 -4.56
CA ARG D 252 36.01 44.10 -4.27
C ARG D 252 35.21 44.53 -5.51
N TYR D 253 35.85 45.24 -6.44
CA TYR D 253 35.21 45.82 -7.62
C TYR D 253 34.46 44.74 -8.41
N ARG D 254 35.18 43.68 -8.77
CA ARG D 254 34.62 42.61 -9.58
C ARG D 254 33.44 41.91 -8.89
N ALA D 255 33.61 41.52 -7.63
CA ALA D 255 32.57 40.82 -6.89
C ALA D 255 31.33 41.69 -6.71
N SER D 256 31.53 42.99 -6.47
CA SER D 256 30.40 43.90 -6.29
C SER D 256 29.61 44.09 -7.58
N VAL D 257 30.31 44.42 -8.67
CA VAL D 257 29.59 44.69 -9.91
C VAL D 257 28.86 43.42 -10.34
N GLU D 258 29.50 42.27 -10.16
CA GLU D 258 28.87 41.00 -10.53
C GLU D 258 27.61 40.83 -9.67
N SER D 259 27.73 41.14 -8.38
CA SER D 259 26.61 41.02 -7.43
C SER D 259 25.38 41.77 -7.91
N ILE D 260 25.52 43.09 -8.00
CA ILE D 260 24.40 43.97 -8.32
C ILE D 260 23.81 43.72 -9.72
N LEU D 261 24.69 43.64 -10.72
CA LEU D 261 24.25 43.34 -12.08
C LEU D 261 23.41 42.07 -12.12
N ILE D 262 23.97 41.01 -11.54
CA ILE D 262 23.28 39.74 -11.46
C ILE D 262 21.94 39.92 -10.80
N PHE D 263 21.87 40.80 -9.80
CA PHE D 263 20.58 40.92 -9.13
C PHE D 263 19.49 41.53 -9.99
N ASN D 264 19.73 42.74 -10.52
CA ASN D 264 18.69 43.38 -11.31
C ASN D 264 18.31 42.49 -12.50
N SER D 265 19.34 41.94 -13.14
CA SER D 265 19.13 41.09 -14.29
C SER D 265 18.29 39.87 -13.93
N MET D 266 18.64 39.19 -12.85
CA MET D 266 17.92 37.98 -12.47
C MET D 266 16.48 38.29 -12.07
N ASN D 267 16.25 39.51 -11.57
CA ASN D 267 14.87 39.93 -11.34
C ASN D 267 14.15 39.99 -12.68
N GLN D 268 14.81 40.60 -13.67
CA GLN D 268 14.25 40.67 -15.03
C GLN D 268 13.99 39.28 -15.62
N LEU D 269 14.96 38.39 -15.49
CA LEU D 269 14.84 37.03 -16.02
C LEU D 269 13.69 36.32 -15.38
N ASN D 270 13.60 36.40 -14.06
CA ASN D 270 12.54 35.72 -13.33
C ASN D 270 11.21 36.28 -13.81
N SER D 271 11.18 37.57 -14.11
CA SER D 271 10.01 38.18 -14.75
C SER D 271 9.66 37.57 -16.10
N LEU D 272 10.67 37.32 -16.95
CA LEU D 272 10.42 36.74 -18.27
C LEU D 272 9.90 35.31 -18.16
N LEU D 273 10.50 34.55 -17.24
CA LEU D 273 10.11 33.17 -17.04
C LEU D 273 8.70 33.09 -16.47
N GLN D 274 8.38 33.96 -15.53
CA GLN D 274 7.03 34.00 -14.98
C GLN D 274 6.04 34.54 -16.02
N LYS D 275 6.57 35.28 -17.01
CA LYS D 275 5.73 35.78 -18.09
C LYS D 275 5.25 34.59 -18.96
N GLU D 276 5.91 33.45 -18.77
CA GLU D 276 5.45 32.18 -19.33
C GLU D 276 5.14 31.24 -18.16
N ASN D 277 4.66 30.02 -18.40
CA ASN D 277 4.47 29.18 -17.21
C ASN D 277 5.65 28.22 -17.07
N LEU D 278 6.81 28.77 -16.73
CA LEU D 278 8.01 28.01 -16.33
C LEU D 278 8.57 28.13 -14.90
N GLN D 279 8.08 29.06 -14.08
CA GLN D 279 8.83 29.41 -12.88
C GLN D 279 8.94 28.25 -11.90
N ASP D 280 7.83 27.57 -11.69
CA ASP D 280 7.83 26.34 -10.89
C ASP D 280 8.83 25.35 -11.46
N VAL D 281 8.89 25.26 -12.79
CA VAL D 281 9.81 24.32 -13.43
C VAL D 281 11.28 24.74 -13.26
N PHE D 282 11.52 26.04 -13.17
CA PHE D 282 12.88 26.55 -12.97
C PHE D 282 13.34 26.38 -11.53
N ARG D 283 12.75 27.16 -10.62
CA ARG D 283 13.25 27.22 -9.26
C ARG D 283 13.08 25.89 -8.54
N LYS D 284 11.96 25.22 -8.79
CA LYS D 284 11.63 24.00 -8.07
C LYS D 284 12.06 22.71 -8.78
N VAL D 285 12.72 22.80 -9.94
CA VAL D 285 13.29 21.60 -10.55
C VAL D 285 14.74 21.72 -11.00
N GLU D 286 15.03 22.56 -11.99
CA GLU D 286 16.33 22.48 -12.65
C GLU D 286 17.46 23.11 -11.86
N MET D 287 17.18 24.20 -11.15
CA MET D 287 18.19 24.73 -10.26
C MET D 287 18.64 23.65 -9.26
N PRO D 288 17.68 22.94 -8.62
CA PRO D 288 18.05 21.76 -7.86
C PRO D 288 18.89 20.75 -8.65
N SER D 289 18.64 20.61 -9.96
CA SER D 289 19.47 19.72 -10.77
C SER D 289 20.91 20.23 -10.75
N GLN D 290 21.12 21.51 -11.02
CA GLN D 290 22.44 22.12 -10.99
C GLN D 290 23.12 21.87 -9.64
N TYR D 291 22.33 21.95 -8.58
CA TYR D 291 22.78 21.68 -7.21
C TYR D 291 23.32 20.24 -7.08
N CYS D 292 22.48 19.28 -7.46
CA CYS D 292 22.77 17.86 -7.36
C CYS D 292 24.05 17.55 -8.14
N LEU D 293 24.08 18.07 -9.36
CA LEU D 293 25.22 17.97 -10.25
C LEU D 293 26.46 18.56 -9.61
N ALA D 294 26.29 19.62 -8.82
CA ALA D 294 27.42 20.31 -8.21
C ALA D 294 28.06 19.42 -7.15
N LEU D 295 27.25 18.90 -6.22
CA LEU D 295 27.84 18.09 -5.15
C LEU D 295 28.40 16.79 -5.73
N LEU D 296 27.83 16.34 -6.86
CA LEU D 296 28.48 15.28 -7.63
C LEU D 296 29.88 15.72 -8.03
N GLU D 297 29.95 16.86 -8.70
CA GLU D 297 31.16 17.33 -9.34
C GLU D 297 32.23 17.50 -8.26
N LEU D 298 31.76 17.62 -7.01
CA LEU D 298 32.62 17.51 -5.83
C LEU D 298 32.99 16.07 -5.45
N ASN D 299 32.04 15.14 -5.57
CA ASN D 299 32.28 13.71 -5.28
C ASN D 299 33.42 13.02 -6.05
N GLY D 300 33.48 13.23 -7.36
CA GLY D 300 34.45 12.55 -8.19
C GLY D 300 34.06 11.09 -8.39
N ILE D 301 35.01 10.27 -8.85
CA ILE D 301 34.78 8.81 -8.99
C ILE D 301 36.03 7.86 -9.00
N GLY D 302 35.93 6.65 -8.44
CA GLY D 302 37.08 5.76 -8.14
C GLY D 302 37.75 4.95 -9.23
N PHE D 303 39.07 4.76 -9.10
CA PHE D 303 39.87 4.15 -10.18
C PHE D 303 41.11 3.31 -9.80
N SER D 304 41.53 2.35 -10.65
CA SER D 304 42.79 1.61 -10.46
C SER D 304 43.75 1.68 -11.66
N THR D 305 44.87 2.36 -11.47
CA THR D 305 45.86 2.58 -12.52
C THR D 305 46.51 1.27 -12.95
N ALA D 306 46.55 0.30 -12.03
CA ALA D 306 47.16 -0.99 -12.32
C ALA D 306 46.43 -1.69 -13.48
N GLU D 307 45.10 -1.66 -13.42
CA GLU D 307 44.28 -2.25 -14.48
C GLU D 307 44.49 -1.49 -15.79
N CYS D 308 44.46 -0.17 -15.67
CA CYS D 308 44.64 0.73 -16.79
C CYS D 308 45.95 0.52 -17.54
N GLU D 309 47.04 0.37 -16.79
CA GLU D 309 48.38 0.23 -17.36
C GLU D 309 48.65 -1.18 -17.85
N SER D 310 48.02 -2.16 -17.18
CA SER D 310 48.11 -3.54 -17.63
C SER D 310 47.51 -3.63 -19.03
N GLN D 311 46.26 -3.21 -19.13
CA GLN D 311 45.59 -3.23 -20.42
C GLN D 311 46.20 -2.23 -21.40
N LYS D 312 46.90 -1.22 -20.87
CA LYS D 312 47.70 -0.29 -21.68
C LYS D 312 48.80 -1.01 -22.45
N HIS D 313 49.64 -1.74 -21.73
CA HIS D 313 50.74 -2.44 -22.39
C HIS D 313 50.18 -3.53 -23.31
N ILE D 314 49.04 -4.09 -22.91
CA ILE D 314 48.31 -4.99 -23.81
C ILE D 314 48.03 -4.32 -25.16
N MET D 315 47.43 -3.13 -25.11
CA MET D 315 47.07 -2.40 -26.33
C MET D 315 48.27 -1.98 -27.15
N GLN D 316 49.40 -1.67 -26.51
CA GLN D 316 50.61 -1.37 -27.28
C GLN D 316 51.08 -2.60 -28.06
N ALA D 317 51.02 -3.75 -27.39
CA ALA D 317 51.40 -5.00 -28.01
C ALA D 317 50.56 -5.23 -29.28
N LYS D 318 49.24 -5.11 -29.15
CA LYS D 318 48.38 -5.28 -30.34
C LYS D 318 48.61 -4.19 -31.39
N LEU D 319 48.97 -2.99 -30.94
CA LEU D 319 49.30 -1.87 -31.84
C LEU D 319 50.42 -2.23 -32.82
N ASP D 320 51.61 -2.47 -32.28
CA ASP D 320 52.75 -2.75 -33.13
C ASP D 320 52.59 -4.08 -33.87
N ALA D 321 51.98 -5.07 -33.21
CA ALA D 321 51.76 -6.36 -33.86
C ALA D 321 50.85 -6.25 -35.08
N ILE D 322 49.85 -5.39 -35.00
CA ILE D 322 48.94 -5.17 -36.13
C ILE D 322 49.60 -4.31 -37.21
N GLU D 323 50.53 -3.44 -36.80
CA GLU D 323 51.32 -2.69 -37.76
C GLU D 323 52.10 -3.68 -38.65
N THR D 324 52.78 -4.63 -38.00
CA THR D 324 53.50 -5.63 -38.78
C THR D 324 52.60 -6.64 -39.52
N GLN D 325 51.45 -7.00 -38.94
CA GLN D 325 50.48 -7.85 -39.63
C GLN D 325 49.97 -7.20 -40.90
N ALA D 326 49.82 -5.88 -40.88
CA ALA D 326 49.37 -5.14 -42.05
C ALA D 326 50.46 -5.13 -43.10
N TYR D 327 51.68 -4.86 -42.67
CA TYR D 327 52.75 -4.66 -43.65
C TYR D 327 53.38 -6.00 -44.07
N GLN D 328 52.85 -7.10 -43.56
CA GLN D 328 53.20 -8.42 -44.08
C GLN D 328 52.68 -8.54 -45.50
N LEU D 329 51.58 -7.84 -45.79
CA LEU D 329 51.06 -7.84 -47.14
C LEU D 329 51.92 -6.94 -48.02
N ALA D 330 52.11 -5.68 -47.61
CA ALA D 330 53.16 -4.87 -48.22
C ALA D 330 54.00 -4.04 -47.26
N GLY D 331 53.37 -2.95 -46.83
CA GLY D 331 53.98 -1.87 -46.10
C GLY D 331 54.69 -1.03 -47.14
N HIS D 332 54.49 0.28 -47.11
CA HIS D 332 55.35 1.19 -47.85
C HIS D 332 55.32 2.46 -47.02
N SER D 333 56.32 2.65 -46.15
CA SER D 333 56.43 3.85 -45.31
C SER D 333 55.07 4.29 -44.66
N PHE D 334 54.16 3.38 -44.38
CA PHE D 334 52.76 3.72 -44.01
C PHE D 334 52.48 4.16 -42.56
N SER D 335 51.45 4.98 -42.41
CA SER D 335 50.82 5.23 -41.10
C SER D 335 49.29 5.35 -41.20
N PHE D 336 48.59 4.66 -40.30
CA PHE D 336 47.13 4.60 -40.30
C PHE D 336 46.44 5.94 -40.02
N THR D 337 47.14 6.82 -39.30
CA THR D 337 46.54 8.03 -38.76
C THR D 337 45.95 8.91 -39.86
N SER D 338 46.59 8.93 -41.01
CA SER D 338 46.15 9.78 -42.11
C SER D 338 45.26 8.97 -43.05
N SER D 339 44.02 9.43 -43.23
CA SER D 339 43.07 8.81 -44.15
C SER D 339 43.51 9.03 -45.59
N ASP D 340 44.16 10.16 -45.82
CA ASP D 340 44.68 10.48 -47.15
C ASP D 340 45.90 9.61 -47.50
N ASP D 341 46.66 9.23 -46.49
CA ASP D 341 47.75 8.26 -46.66
C ASP D 341 47.14 6.89 -46.95
N ILE D 342 45.98 6.64 -46.37
CA ILE D 342 45.22 5.41 -46.59
C ILE D 342 44.66 5.34 -48.01
N ALA D 343 44.35 6.50 -48.58
CA ALA D 343 43.86 6.56 -49.96
C ALA D 343 44.79 5.86 -50.94
N GLU D 344 46.09 5.96 -50.70
CA GLU D 344 47.09 5.31 -51.55
C GLU D 344 46.78 3.84 -51.73
N VAL D 345 47.00 3.03 -50.69
CA VAL D 345 46.88 1.59 -50.83
C VAL D 345 45.41 1.15 -50.94
N LEU D 346 44.51 1.85 -50.27
CA LEU D 346 43.09 1.48 -50.33
C LEU D 346 42.50 1.67 -51.72
N PHE D 347 42.60 2.88 -52.25
CA PHE D 347 42.06 3.16 -53.57
C PHE D 347 42.86 2.44 -54.66
N LEU D 348 44.13 2.16 -54.38
CA LEU D 348 44.96 1.48 -55.37
C LEU D 348 44.73 -0.03 -55.44
N GLU D 349 45.18 -0.75 -54.41
CA GLU D 349 45.33 -2.20 -54.52
C GLU D 349 44.03 -3.00 -54.37
N LEU D 350 42.93 -2.33 -54.03
CA LEU D 350 41.63 -3.00 -53.91
C LEU D 350 40.64 -2.50 -54.97
N LYS D 351 40.41 -1.19 -54.96
CA LYS D 351 39.52 -0.48 -55.90
C LYS D 351 38.04 -0.91 -55.78
N LEU D 352 37.44 -0.56 -54.65
CA LEU D 352 36.00 -0.71 -54.46
C LEU D 352 35.43 0.39 -53.58
N PRO D 353 35.20 1.59 -54.15
CA PRO D 353 34.55 2.69 -53.42
C PRO D 353 33.05 2.91 -53.69
N PRO D 354 32.15 2.00 -53.26
CA PRO D 354 30.74 2.29 -53.50
C PRO D 354 30.19 3.33 -52.52
N GLN D 385 39.31 13.88 -50.45
CA GLN D 385 38.28 13.21 -49.65
C GLN D 385 37.59 12.12 -50.46
N PHE D 386 37.17 11.04 -49.79
CA PHE D 386 36.09 10.21 -50.34
C PHE D 386 35.06 9.74 -49.31
N SER D 387 35.45 8.83 -48.41
CA SER D 387 34.70 8.42 -47.20
C SER D 387 35.45 7.28 -46.49
N THR D 388 35.00 6.86 -45.31
CA THR D 388 35.62 5.69 -44.65
C THR D 388 34.75 4.52 -44.19
N SER D 389 34.06 4.74 -43.06
CA SER D 389 33.81 3.69 -42.07
C SER D 389 32.73 2.67 -42.42
N LYS D 390 31.51 3.14 -42.59
CA LYS D 390 30.39 2.28 -42.93
C LYS D 390 30.75 1.34 -44.08
N ASP D 391 31.24 1.93 -45.17
CA ASP D 391 31.59 1.18 -46.37
C ASP D 391 32.60 0.06 -46.14
N VAL D 392 33.62 0.34 -45.32
CA VAL D 392 34.68 -0.64 -45.10
C VAL D 392 34.20 -1.69 -44.08
N LEU D 393 33.19 -1.36 -43.29
CA LEU D 393 32.47 -2.40 -42.53
C LEU D 393 31.73 -3.35 -43.48
N ASN D 394 31.05 -2.75 -44.44
CA ASN D 394 30.49 -3.46 -45.59
C ASN D 394 31.50 -4.37 -46.25
N LYS D 395 32.77 -3.96 -46.26
CA LYS D 395 33.84 -4.86 -46.66
C LYS D 395 34.23 -5.87 -45.58
N LEU D 396 34.00 -5.51 -44.32
CA LEU D 396 34.44 -6.32 -43.20
C LEU D 396 33.68 -7.64 -43.16
N LYS D 397 32.41 -7.61 -43.52
CA LYS D 397 31.70 -8.89 -43.69
C LYS D 397 32.39 -9.87 -44.63
N ALA D 398 32.48 -9.51 -45.91
CA ALA D 398 32.86 -10.44 -46.97
C ALA D 398 34.36 -10.59 -47.12
N LEU D 399 35.03 -9.50 -47.48
CA LEU D 399 36.45 -9.54 -47.81
C LEU D 399 37.37 -9.66 -46.60
N HIS D 400 38.14 -10.75 -46.58
CA HIS D 400 39.15 -10.99 -45.53
C HIS D 400 40.42 -10.11 -45.50
N PRO D 401 41.00 -9.72 -46.67
CA PRO D 401 42.30 -9.01 -46.65
C PRO D 401 42.33 -7.58 -46.14
N LEU D 402 42.40 -7.44 -44.82
CA LEU D 402 42.63 -6.18 -44.11
C LEU D 402 41.70 -4.98 -44.35
N PRO D 403 40.37 -5.18 -44.47
CA PRO D 403 39.53 -4.02 -44.16
C PRO D 403 39.40 -3.85 -42.65
N GLY D 404 39.34 -4.98 -41.95
CA GLY D 404 39.07 -5.01 -40.52
C GLY D 404 40.29 -4.72 -39.68
N LEU D 405 41.46 -4.78 -40.32
CA LEU D 405 42.69 -4.40 -39.67
C LEU D 405 42.65 -2.91 -39.34
N ILE D 406 42.01 -2.14 -40.23
CA ILE D 406 41.79 -0.72 -39.99
C ILE D 406 40.71 -0.51 -38.93
N LEU D 407 39.74 -1.41 -38.88
CA LEU D 407 38.73 -1.37 -37.83
C LEU D 407 39.42 -1.49 -36.47
N GLU D 408 40.18 -2.56 -36.30
CA GLU D 408 40.81 -2.82 -35.02
C GLU D 408 41.84 -1.74 -34.67
N TRP D 409 42.65 -1.30 -35.63
CA TRP D 409 43.63 -0.27 -35.35
C TRP D 409 42.99 1.06 -34.92
N ARG D 410 42.09 1.57 -35.75
CA ARG D 410 41.43 2.84 -35.48
C ARG D 410 40.69 2.78 -34.13
N ARG D 411 40.06 1.63 -33.87
CA ARG D 411 39.35 1.41 -32.61
C ARG D 411 40.30 1.45 -31.42
N ILE D 412 41.48 0.85 -31.58
CA ILE D 412 42.52 0.92 -30.55
C ILE D 412 42.91 2.36 -30.26
N THR D 413 43.28 3.08 -31.31
CA THR D 413 43.73 4.46 -31.14
C THR D 413 42.68 5.28 -30.42
N ASN D 414 41.42 5.10 -30.78
CA ASN D 414 40.37 5.81 -30.07
C ASN D 414 40.33 5.37 -28.60
N ALA D 415 40.55 4.09 -28.37
CA ALA D 415 40.48 3.52 -27.02
C ALA D 415 41.64 3.98 -26.13
N ILE D 416 42.68 4.55 -26.72
CA ILE D 416 43.76 5.10 -25.92
C ILE D 416 43.80 6.64 -25.88
N THR D 417 43.95 7.27 -27.04
CA THR D 417 44.24 8.71 -27.05
C THR D 417 43.08 9.53 -26.49
N LYS D 418 41.84 9.08 -26.69
CA LYS D 418 40.70 9.79 -26.13
C LYS D 418 40.23 9.16 -24.82
N VAL D 419 40.91 8.11 -24.37
CA VAL D 419 40.41 7.39 -23.21
C VAL D 419 41.47 7.23 -22.11
N VAL D 420 42.54 6.49 -22.40
CA VAL D 420 43.58 6.21 -21.40
C VAL D 420 44.32 7.47 -20.91
N PHE D 421 44.73 8.34 -21.83
CA PHE D 421 45.48 9.55 -21.48
C PHE D 421 44.75 10.49 -20.52
N PRO D 422 43.52 10.92 -20.86
CA PRO D 422 42.91 11.87 -19.91
C PRO D 422 42.62 11.26 -18.54
N LEU D 423 42.20 10.00 -18.51
CA LEU D 423 41.95 9.31 -17.25
C LEU D 423 43.24 9.21 -16.44
N GLN D 424 44.35 8.88 -17.11
CA GLN D 424 45.63 8.78 -16.42
C GLN D 424 46.18 10.16 -16.09
N ARG D 425 45.54 11.20 -16.64
CA ARG D 425 45.94 12.56 -16.35
C ARG D 425 45.23 13.13 -15.14
N GLU D 426 43.93 13.36 -15.27
CA GLU D 426 43.20 14.15 -14.28
C GLU D 426 42.71 13.31 -13.14
N LYS D 427 43.20 12.08 -13.10
CA LYS D 427 43.08 11.34 -11.85
C LYS D 427 43.74 12.17 -10.76
N CYS D 428 43.12 12.17 -9.59
CA CYS D 428 43.72 12.76 -8.41
C CYS D 428 43.44 11.73 -7.37
N LEU D 429 43.75 12.02 -6.12
CA LEU D 429 43.50 11.05 -5.08
C LEU D 429 42.71 11.70 -3.98
N ASN D 430 41.86 10.91 -3.34
CA ASN D 430 41.27 11.38 -2.10
C ASN D 430 42.05 10.75 -0.98
N PRO D 431 42.82 11.58 -0.26
CA PRO D 431 43.60 11.18 0.90
C PRO D 431 42.67 10.65 1.97
N PHE D 432 41.43 11.14 1.95
CA PHE D 432 40.40 10.77 2.90
C PHE D 432 39.90 9.36 2.63
N LEU D 433 40.24 8.83 1.46
CA LEU D 433 39.85 7.49 1.06
C LEU D 433 41.11 6.63 1.02
N GLY D 434 42.08 7.05 0.21
CA GLY D 434 43.29 6.27 0.02
C GLY D 434 43.16 5.64 -1.34
N MET D 435 42.07 6.01 -1.99
CA MET D 435 41.79 5.62 -3.35
C MET D 435 41.89 6.87 -4.22
N GLU D 436 42.24 6.66 -5.48
CA GLU D 436 42.32 7.77 -6.40
C GLU D 436 41.02 7.90 -7.20
N ARG D 437 40.57 9.13 -7.36
CA ARG D 437 39.29 9.40 -8.00
C ARG D 437 39.43 10.55 -8.99
N ILE D 438 38.43 10.72 -9.85
CA ILE D 438 38.52 11.68 -10.94
C ILE D 438 37.28 12.58 -11.02
N TYR D 439 37.51 13.83 -11.43
CA TYR D 439 36.47 14.84 -11.36
C TYR D 439 36.09 15.41 -12.72
N PRO D 440 34.89 15.04 -13.21
CA PRO D 440 34.25 15.63 -14.39
C PRO D 440 33.73 17.04 -14.06
N VAL D 441 32.96 17.63 -14.97
CA VAL D 441 32.29 18.88 -14.67
C VAL D 441 30.83 18.82 -15.12
N SER D 442 29.92 19.35 -14.31
CA SER D 442 28.53 19.48 -14.73
C SER D 442 28.43 20.38 -15.95
N GLN D 443 27.56 20.03 -16.88
CA GLN D 443 27.45 20.79 -18.12
C GLN D 443 26.04 21.32 -18.35
N SER D 444 25.09 20.40 -18.53
CA SER D 444 23.76 20.74 -19.01
C SER D 444 23.90 21.54 -20.31
N HIS D 445 23.05 22.54 -20.49
CA HIS D 445 23.03 23.35 -21.71
C HIS D 445 22.90 22.52 -22.98
N THR D 446 22.36 21.32 -22.86
CA THR D 446 22.04 20.50 -24.02
C THR D 446 20.74 21.02 -24.62
N ALA D 447 20.53 20.80 -25.90
CA ALA D 447 19.29 21.22 -26.54
C ALA D 447 18.11 20.48 -25.94
N THR D 448 18.27 19.19 -25.69
CA THR D 448 17.19 18.40 -25.13
C THR D 448 16.96 18.67 -23.65
N GLY D 449 18.01 19.05 -22.93
CA GLY D 449 17.91 19.18 -21.48
C GLY D 449 18.60 18.00 -20.82
N ARG D 450 19.27 17.22 -21.65
CA ARG D 450 20.04 16.07 -21.20
C ARG D 450 21.29 16.63 -20.51
N ILE D 451 22.11 15.79 -19.91
CA ILE D 451 23.29 16.30 -19.19
C ILE D 451 24.54 15.52 -19.54
N THR D 452 25.64 16.25 -19.72
CA THR D 452 26.92 15.65 -20.06
C THR D 452 27.99 16.16 -19.11
N PHE D 453 29.20 15.66 -19.28
CA PHE D 453 30.28 16.02 -18.36
C PHE D 453 31.55 16.32 -19.12
N THR D 454 32.16 17.47 -18.86
CA THR D 454 33.46 17.67 -19.44
C THR D 454 34.56 18.23 -18.56
N GLU D 455 35.34 17.40 -17.86
CA GLU D 455 36.78 17.41 -18.02
C GLU D 455 37.21 16.27 -18.95
N PRO D 456 36.88 15.01 -18.60
CA PRO D 456 36.72 14.04 -19.66
C PRO D 456 35.24 14.04 -19.99
N ASN D 457 34.79 13.25 -20.94
CA ASN D 457 33.41 12.81 -20.84
C ASN D 457 33.43 11.31 -20.60
N ILE D 458 32.91 10.89 -19.47
CA ILE D 458 32.92 9.48 -19.12
C ILE D 458 31.60 8.80 -19.49
N GLN D 459 30.72 9.54 -20.15
CA GLN D 459 29.50 8.97 -20.69
C GLN D 459 29.86 8.03 -21.84
N ASN D 460 30.84 8.43 -22.65
CA ASN D 460 31.16 7.69 -23.86
C ASN D 460 32.24 6.63 -23.67
N VAL D 461 32.62 6.36 -22.42
CA VAL D 461 33.65 5.37 -22.13
C VAL D 461 33.34 4.07 -22.84
N PRO D 462 34.38 3.42 -23.39
CA PRO D 462 34.11 2.30 -24.30
C PRO D 462 33.38 1.15 -23.61
N ARG D 463 32.60 0.43 -24.39
CA ARG D 463 31.84 -0.71 -23.89
C ARG D 463 32.73 -1.93 -23.92
N ASP D 464 32.51 -2.85 -22.99
CA ASP D 464 33.23 -4.11 -22.93
C ASP D 464 33.22 -4.77 -24.31
N PHE D 465 34.34 -5.37 -24.70
CA PHE D 465 34.35 -6.14 -25.94
C PHE D 465 35.34 -7.29 -25.94
N GLU D 466 34.98 -8.34 -26.67
CA GLU D 466 35.73 -9.59 -26.74
C GLU D 466 36.96 -9.50 -27.63
N ILE D 467 37.91 -10.42 -27.41
CA ILE D 467 39.18 -10.38 -28.13
C ILE D 467 39.81 -11.79 -28.26
N LYS D 468 40.52 -12.04 -29.36
CA LYS D 468 41.15 -13.33 -29.60
C LYS D 468 42.67 -13.24 -29.43
N MET D 469 43.28 -14.33 -28.97
CA MET D 469 44.73 -14.35 -28.75
C MET D 469 45.45 -14.95 -29.96
N GLY D 516 38.54 -23.51 -25.11
CA GLY D 516 39.50 -22.93 -26.03
C GLY D 516 40.35 -21.85 -25.40
N MET D 517 40.85 -20.94 -26.22
CA MET D 517 41.63 -19.82 -25.73
C MET D 517 41.23 -18.46 -26.32
N PRO D 518 40.06 -17.93 -25.91
CA PRO D 518 39.65 -16.55 -26.17
C PRO D 518 39.97 -15.63 -24.99
N PHE D 519 39.56 -14.36 -25.07
CA PHE D 519 39.66 -13.44 -23.94
C PHE D 519 38.65 -12.29 -24.13
N SER D 520 38.55 -11.39 -23.15
CA SER D 520 37.61 -10.27 -23.22
C SER D 520 38.10 -9.10 -22.38
N ILE D 521 37.79 -7.87 -22.78
CA ILE D 521 38.24 -6.72 -21.99
C ILE D 521 37.17 -5.67 -21.72
N SER D 522 37.34 -4.98 -20.60
CA SER D 522 36.51 -3.84 -20.26
C SER D 522 37.39 -2.67 -19.82
N MET D 523 37.39 -1.59 -20.60
CA MET D 523 38.07 -0.36 -20.21
C MET D 523 37.45 0.20 -18.96
N ARG D 524 36.13 0.03 -18.89
CA ARG D 524 35.34 0.69 -17.88
C ARG D 524 35.45 -0.05 -16.55
N HIS D 525 35.84 -1.32 -16.59
CA HIS D 525 36.01 -2.17 -15.40
C HIS D 525 36.96 -1.59 -14.37
N ALA D 526 37.84 -0.70 -14.81
CA ALA D 526 38.88 -0.12 -13.96
C ALA D 526 38.29 0.84 -12.91
N PHE D 527 37.02 1.19 -13.04
CA PHE D 527 36.34 2.05 -12.08
C PHE D 527 35.88 1.29 -10.84
N VAL D 528 36.35 1.66 -9.65
CA VAL D 528 36.01 0.93 -8.43
C VAL D 528 35.28 1.79 -7.40
N PRO D 529 34.52 1.15 -6.50
CA PRO D 529 34.05 1.91 -5.33
C PRO D 529 35.18 2.08 -4.34
N PHE D 530 34.91 2.73 -3.22
CA PHE D 530 35.87 2.76 -2.13
C PHE D 530 35.94 1.37 -1.51
N PRO D 531 37.00 1.10 -0.72
CA PRO D 531 37.22 -0.29 -0.30
C PRO D 531 36.02 -0.99 0.36
N GLY D 532 35.25 -0.27 1.15
CA GLY D 532 34.09 -0.83 1.81
C GLY D 532 32.85 -0.81 0.94
N GLY D 533 32.87 0.05 -0.08
CA GLY D 533 31.70 0.28 -0.91
C GLY D 533 31.41 -0.70 -2.02
N SER D 534 30.36 -0.39 -2.78
CA SER D 534 29.94 -1.13 -3.95
C SER D 534 29.21 -0.14 -4.83
N ILE D 535 29.10 -0.43 -6.12
CA ILE D 535 28.50 0.51 -7.06
C ILE D 535 27.08 0.10 -7.42
N LEU D 536 26.18 1.07 -7.34
CA LEU D 536 24.79 0.91 -7.71
C LEU D 536 24.51 1.66 -9.01
N ALA D 537 23.91 0.95 -9.96
CA ALA D 537 23.50 1.54 -11.23
C ALA D 537 21.99 1.38 -11.39
N ALA D 538 21.29 2.47 -11.64
CA ALA D 538 19.87 2.36 -11.90
C ALA D 538 19.52 2.76 -13.32
N ASP D 539 19.21 1.76 -14.14
CA ASP D 539 18.87 1.97 -15.53
C ASP D 539 17.36 1.92 -15.74
N TYR D 540 16.86 2.83 -16.58
CA TYR D 540 15.46 2.82 -16.96
C TYR D 540 15.30 1.76 -18.03
N SER D 541 14.38 0.82 -17.81
CA SER D 541 14.18 -0.16 -18.85
C SER D 541 13.33 0.56 -19.88
N GLN D 542 13.95 0.85 -21.02
CA GLN D 542 13.29 1.49 -22.15
C GLN D 542 12.34 2.65 -21.80
N LEU D 543 12.88 3.76 -21.30
CA LEU D 543 12.02 4.84 -20.80
C LEU D 543 11.35 5.67 -21.90
N GLU D 544 12.14 6.13 -22.87
CA GLU D 544 11.65 7.04 -23.89
C GLU D 544 10.50 6.38 -24.64
N LEU D 545 10.61 5.07 -24.85
CA LEU D 545 9.56 4.29 -25.49
C LEU D 545 8.24 4.47 -24.75
N ARG D 546 8.33 4.40 -23.42
CA ARG D 546 7.17 4.55 -22.55
C ARG D 546 6.61 5.96 -22.71
N ILE D 547 7.50 6.94 -22.84
CA ILE D 547 7.05 8.32 -23.03
C ILE D 547 6.24 8.45 -24.32
N LEU D 548 6.80 7.96 -25.42
CA LEU D 548 6.11 8.01 -26.71
C LEU D 548 4.81 7.23 -26.65
N ALA D 549 4.81 6.15 -25.88
CA ALA D 549 3.59 5.40 -25.64
C ALA D 549 2.56 6.28 -24.95
N HIS D 550 3.03 7.13 -24.04
CA HIS D 550 2.16 8.01 -23.30
C HIS D 550 1.54 9.08 -24.17
N LEU D 551 2.35 9.68 -25.05
CA LEU D 551 1.85 10.78 -25.87
C LEU D 551 1.07 10.30 -27.10
N SER D 552 1.56 9.25 -27.75
CA SER D 552 0.89 8.71 -28.92
C SER D 552 -0.39 7.98 -28.54
N HIS D 553 -0.43 7.50 -27.29
CA HIS D 553 -1.54 6.71 -26.80
C HIS D 553 -1.86 5.53 -27.71
N ASP D 554 -0.82 4.92 -28.29
CA ASP D 554 -1.01 3.74 -29.10
C ASP D 554 -1.19 2.58 -28.14
N ARG D 555 -2.39 1.99 -28.14
CA ARG D 555 -2.74 0.97 -27.16
C ARG D 555 -1.91 -0.29 -27.35
N ARG D 556 -1.60 -0.55 -28.61
CA ARG D 556 -0.89 -1.76 -28.98
C ARG D 556 0.48 -1.78 -28.31
N LEU D 557 1.17 -0.65 -28.31
CA LEU D 557 2.46 -0.54 -27.65
C LEU D 557 2.35 -0.66 -26.13
N ILE D 558 1.36 0.00 -25.53
CA ILE D 558 1.15 -0.10 -24.08
C ILE D 558 1.04 -1.57 -23.69
N GLN D 559 0.35 -2.34 -24.51
CA GLN D 559 0.26 -3.77 -24.27
C GLN D 559 1.52 -4.58 -24.61
N VAL D 560 2.23 -4.22 -25.67
CA VAL D 560 3.47 -4.92 -26.06
C VAL D 560 4.54 -4.69 -24.99
N LEU D 561 4.35 -3.63 -24.22
CA LEU D 561 5.34 -3.18 -23.25
C LEU D 561 5.04 -3.71 -21.86
N ASN D 562 3.83 -3.40 -21.37
CA ASN D 562 3.39 -3.87 -20.07
C ASN D 562 3.54 -5.39 -19.90
N THR D 563 3.70 -6.12 -21.00
CA THR D 563 4.13 -7.51 -20.91
C THR D 563 5.65 -7.67 -21.17
N GLY D 564 6.10 -7.28 -22.37
CA GLY D 564 7.39 -7.66 -22.91
C GLY D 564 8.63 -7.45 -22.05
N ALA D 565 9.42 -8.51 -21.89
CA ALA D 565 10.70 -8.41 -21.20
C ALA D 565 11.82 -8.14 -22.19
N ASP D 566 12.38 -6.94 -22.11
CA ASP D 566 13.36 -6.45 -23.08
C ASP D 566 12.94 -6.77 -24.50
N VAL D 567 11.92 -6.06 -24.98
CA VAL D 567 11.24 -6.33 -26.25
C VAL D 567 12.22 -6.41 -27.44
N PHE D 568 13.42 -5.86 -27.25
CA PHE D 568 14.52 -6.04 -28.20
C PHE D 568 14.84 -7.51 -28.43
N ARG D 569 14.73 -8.30 -27.38
CA ARG D 569 14.97 -9.74 -27.46
C ARG D 569 13.94 -10.38 -28.39
N SER D 570 12.72 -9.83 -28.36
CA SER D 570 11.65 -10.28 -29.26
C SER D 570 11.83 -9.84 -30.71
N ILE D 571 12.30 -8.61 -30.91
CA ILE D 571 12.56 -8.13 -32.27
C ILE D 571 13.70 -8.94 -32.87
N ALA D 572 14.71 -9.19 -32.06
CA ALA D 572 15.82 -10.04 -32.45
C ALA D 572 15.36 -11.46 -32.77
N ALA D 573 14.44 -11.96 -31.96
CA ALA D 573 13.92 -13.31 -32.09
C ALA D 573 13.28 -13.54 -33.45
N GLU D 574 12.65 -12.50 -33.98
CA GLU D 574 11.94 -12.64 -35.23
C GLU D 574 12.77 -12.18 -36.44
N TRP D 575 14.01 -11.78 -36.22
CA TRP D 575 14.71 -11.09 -37.30
C TRP D 575 15.85 -11.81 -38.02
N LYS D 576 17.07 -11.79 -37.46
CA LYS D 576 18.23 -12.22 -38.25
C LYS D 576 18.22 -13.73 -38.42
N MET D 577 17.76 -14.39 -37.38
CA MET D 577 17.34 -15.77 -37.42
C MET D 577 16.39 -15.92 -36.26
N ILE D 578 15.54 -16.93 -36.30
CA ILE D 578 14.59 -17.08 -35.22
C ILE D 578 15.24 -17.88 -34.09
N GLU D 579 15.39 -17.20 -32.96
CA GLU D 579 15.81 -17.82 -31.71
C GLU D 579 14.91 -17.28 -30.62
N PRO D 580 14.45 -18.13 -29.70
CA PRO D 580 13.59 -17.56 -28.67
C PRO D 580 14.34 -16.58 -27.78
N GLU D 581 15.53 -17.01 -27.36
CA GLU D 581 16.47 -16.20 -26.60
C GLU D 581 17.85 -16.85 -26.76
N SER D 582 18.73 -16.57 -25.79
CA SER D 582 20.15 -16.84 -25.87
C SER D 582 20.67 -15.86 -26.90
N VAL D 583 20.07 -14.68 -26.85
CA VAL D 583 20.47 -13.54 -27.66
C VAL D 583 21.67 -12.87 -27.01
N GLY D 584 22.77 -12.82 -27.73
CA GLY D 584 23.96 -12.13 -27.27
C GLY D 584 23.69 -10.64 -27.16
N ASP D 585 24.29 -10.01 -26.16
CA ASP D 585 24.09 -8.58 -25.95
C ASP D 585 24.73 -7.71 -27.04
N ASP D 586 25.70 -8.24 -27.77
CA ASP D 586 26.21 -7.49 -28.92
C ASP D 586 25.07 -7.29 -29.90
N LEU D 587 24.30 -8.37 -30.09
CA LEU D 587 23.12 -8.37 -30.94
C LEU D 587 22.01 -7.53 -30.37
N ARG D 588 21.74 -7.72 -29.08
CA ARG D 588 20.69 -6.98 -28.39
C ARG D 588 20.91 -5.47 -28.53
N GLN D 589 22.15 -5.06 -28.35
CA GLN D 589 22.52 -3.65 -28.45
C GLN D 589 22.44 -3.13 -29.88
N GLN D 590 22.87 -3.95 -30.84
CA GLN D 590 22.72 -3.55 -32.24
C GLN D 590 21.23 -3.35 -32.57
N ALA D 591 20.41 -4.25 -32.03
CA ALA D 591 18.97 -4.22 -32.23
C ALA D 591 18.42 -2.91 -31.67
N LYS D 592 18.91 -2.55 -30.49
CA LYS D 592 18.49 -1.31 -29.85
C LYS D 592 18.84 -0.11 -30.72
N GLN D 593 20.09 -0.08 -31.20
CA GLN D 593 20.56 1.00 -32.06
C GLN D 593 19.69 1.19 -33.30
N ILE D 594 19.50 0.11 -34.04
CA ILE D 594 18.70 0.15 -35.25
C ILE D 594 17.27 0.61 -34.95
N CYS D 595 16.66 0.02 -33.93
CA CYS D 595 15.25 0.31 -33.61
C CYS D 595 15.05 1.78 -33.22
N TYR D 596 15.79 2.22 -32.20
CA TYR D 596 15.71 3.61 -31.75
C TYR D 596 16.02 4.55 -32.91
N GLY D 597 16.95 4.13 -33.77
CA GLY D 597 17.25 4.89 -34.97
C GLY D 597 16.02 5.04 -35.84
N ILE D 598 15.29 3.94 -36.02
CA ILE D 598 14.10 3.94 -36.86
C ILE D 598 13.03 4.91 -36.36
N ILE D 599 12.72 4.81 -35.07
CA ILE D 599 11.59 5.55 -34.49
C ILE D 599 11.63 7.06 -34.79
N TYR D 600 12.83 7.61 -34.87
CA TYR D 600 13.05 9.03 -35.06
C TYR D 600 13.05 9.40 -36.54
N GLY D 601 12.69 8.44 -37.38
CA GLY D 601 12.75 8.59 -38.82
C GLY D 601 14.06 8.29 -39.53
N MET D 602 14.66 7.16 -39.20
CA MET D 602 15.82 6.63 -39.93
C MET D 602 15.52 6.55 -41.42
N GLY D 603 16.51 6.90 -42.25
CA GLY D 603 16.37 6.77 -43.69
C GLY D 603 16.29 5.33 -44.14
N ALA D 604 15.47 5.05 -45.15
CA ALA D 604 15.19 3.69 -45.61
C ALA D 604 16.46 2.95 -46.05
N LYS D 605 17.19 3.56 -46.98
CA LYS D 605 18.36 2.91 -47.55
C LYS D 605 19.43 2.65 -46.49
N SER D 606 19.55 3.58 -45.55
CA SER D 606 20.51 3.46 -44.45
C SER D 606 20.10 2.36 -43.48
N LEU D 607 18.79 2.19 -43.31
CA LEU D 607 18.28 1.11 -42.50
C LEU D 607 18.68 -0.19 -43.19
N GLY D 608 18.55 -0.19 -44.51
CA GLY D 608 18.99 -1.30 -45.33
C GLY D 608 20.47 -1.53 -45.11
N GLU D 609 21.21 -0.45 -44.83
CA GLU D 609 22.64 -0.55 -44.59
C GLU D 609 22.96 -1.24 -43.28
N GLN D 610 22.39 -0.78 -42.17
CA GLN D 610 22.72 -1.40 -40.89
C GLN D 610 22.22 -2.84 -40.82
N MET D 611 21.08 -3.12 -41.44
CA MET D 611 20.59 -4.49 -41.47
C MET D 611 21.31 -5.37 -42.50
N GLY D 612 21.89 -4.74 -43.51
CA GLY D 612 22.60 -5.48 -44.56
C GLY D 612 21.74 -5.89 -45.73
N ILE D 613 20.63 -5.18 -45.93
CA ILE D 613 19.69 -5.55 -46.98
C ILE D 613 19.49 -4.43 -48.01
N LYS D 614 18.65 -4.73 -49.00
CA LYS D 614 18.36 -3.82 -50.11
C LYS D 614 17.36 -2.73 -49.73
N GLU D 615 17.37 -1.65 -50.51
CA GLU D 615 16.55 -0.46 -50.26
C GLU D 615 15.05 -0.71 -50.07
N ASN D 616 14.34 -1.06 -51.15
CA ASN D 616 12.88 -1.08 -51.10
C ASN D 616 12.35 -2.13 -50.13
N ASP D 617 13.14 -3.16 -49.89
CA ASP D 617 12.80 -4.18 -48.90
C ASP D 617 12.72 -3.53 -47.52
N ALA D 618 13.76 -2.76 -47.19
CA ALA D 618 13.82 -2.04 -45.93
C ALA D 618 12.67 -1.03 -45.84
N ALA D 619 12.37 -0.40 -46.97
CA ALA D 619 11.28 0.58 -47.00
C ALA D 619 9.93 -0.07 -46.69
N CYS D 620 9.74 -1.26 -47.22
CA CYS D 620 8.53 -2.02 -46.95
C CYS D 620 8.50 -2.47 -45.48
N TYR D 621 9.68 -2.64 -44.88
CA TYR D 621 9.73 -2.96 -43.44
C TYR D 621 9.33 -1.77 -42.56
N ILE D 622 9.80 -0.57 -42.92
CA ILE D 622 9.42 0.63 -42.19
C ILE D 622 7.92 0.88 -42.31
N ASP D 623 7.42 0.77 -43.55
CA ASP D 623 5.99 0.93 -43.81
C ASP D 623 5.21 -0.10 -43.01
N SER D 624 5.78 -1.30 -42.89
CA SER D 624 5.20 -2.35 -42.07
C SER D 624 5.06 -1.90 -40.63
N PHE D 625 6.08 -1.22 -40.11
CA PHE D 625 5.98 -0.73 -38.75
C PHE D 625 5.01 0.43 -38.59
N LYS D 626 4.77 1.19 -39.65
CA LYS D 626 3.67 2.14 -39.57
C LYS D 626 2.34 1.39 -39.47
N SER D 627 2.22 0.29 -40.21
CA SER D 627 1.00 -0.52 -40.15
C SER D 627 0.78 -1.18 -38.79
N ARG D 628 1.86 -1.66 -38.18
CA ARG D 628 1.76 -2.31 -36.87
C ARG D 628 1.31 -1.28 -35.86
N TYR D 629 1.90 -0.10 -35.91
CA TYR D 629 1.54 0.97 -34.99
C TYR D 629 1.30 2.28 -35.72
N THR D 630 0.05 2.70 -35.76
CA THR D 630 -0.32 3.97 -36.37
C THR D 630 -0.47 5.13 -35.39
N GLY D 631 -0.52 4.83 -34.09
CA GLY D 631 -0.69 5.87 -33.08
C GLY D 631 0.54 6.73 -33.09
N ILE D 632 1.66 6.09 -33.40
CA ILE D 632 2.95 6.73 -33.56
C ILE D 632 2.91 7.71 -34.73
N ASN D 633 2.51 7.25 -35.91
CA ASN D 633 2.46 8.11 -37.08
C ASN D 633 1.49 9.29 -36.85
N GLN D 634 0.41 8.99 -36.14
CA GLN D 634 -0.52 10.02 -35.67
C GLN D 634 0.18 11.12 -34.91
N PHE D 635 0.73 10.74 -33.77
CA PHE D 635 1.41 11.68 -32.88
C PHE D 635 2.50 12.43 -33.63
N MET D 636 3.11 11.73 -34.59
CA MET D 636 4.26 12.22 -35.32
C MET D 636 3.87 13.35 -36.28
N THR D 637 3.07 13.03 -37.29
CA THR D 637 2.68 14.06 -38.23
C THR D 637 1.91 15.19 -37.56
N GLU D 638 1.05 14.85 -36.60
CA GLU D 638 0.30 15.89 -35.88
C GLU D 638 1.25 16.86 -35.17
N THR D 639 2.25 16.34 -34.46
CA THR D 639 3.14 17.22 -33.70
C THR D 639 4.02 18.03 -34.67
N VAL D 640 4.29 17.50 -35.86
CA VAL D 640 4.97 18.29 -36.88
C VAL D 640 4.11 19.51 -37.22
N LYS D 641 2.82 19.24 -37.43
CA LYS D 641 1.88 20.32 -37.78
C LYS D 641 1.83 21.39 -36.68
N ASN D 642 1.83 20.95 -35.43
CA ASN D 642 1.92 21.89 -34.31
C ASN D 642 3.20 22.72 -34.34
N CYS D 643 4.29 22.09 -34.75
CA CYS D 643 5.57 22.79 -34.82
C CYS D 643 5.52 23.86 -35.90
N LYS D 644 4.80 23.60 -37.00
CA LYS D 644 4.58 24.66 -37.99
C LYS D 644 3.66 25.78 -37.47
N ARG D 645 2.59 25.42 -36.77
CA ARG D 645 1.62 26.43 -36.31
C ARG D 645 2.22 27.31 -35.21
N ASP D 646 3.26 26.80 -34.57
CA ASP D 646 3.83 27.43 -33.39
C ASP D 646 5.24 27.91 -33.68
N GLY D 647 6.10 27.00 -34.09
CA GLY D 647 7.49 27.31 -34.38
C GLY D 647 8.40 26.79 -33.29
N PHE D 648 7.83 25.95 -32.42
CA PHE D 648 8.58 25.34 -31.33
C PHE D 648 7.89 24.07 -30.84
N VAL D 649 8.64 23.17 -30.21
CA VAL D 649 7.99 22.06 -29.52
C VAL D 649 8.07 22.26 -28.01
N GLN D 650 7.40 21.38 -27.26
CA GLN D 650 7.27 21.55 -25.82
C GLN D 650 7.41 20.23 -25.05
N THR D 651 8.35 20.16 -24.11
CA THR D 651 8.47 19.02 -23.21
C THR D 651 7.47 19.13 -22.06
N ILE D 652 7.10 17.99 -21.49
CA ILE D 652 5.98 17.85 -20.55
C ILE D 652 5.99 18.88 -19.41
N LEU D 653 7.17 19.24 -18.93
CA LEU D 653 7.26 20.22 -17.85
C LEU D 653 6.67 21.54 -18.30
N GLY D 654 6.68 21.73 -19.61
CA GLY D 654 6.31 22.99 -20.22
C GLY D 654 7.55 23.71 -20.71
N ARG D 655 8.71 23.12 -20.47
CA ARG D 655 9.93 23.61 -21.11
C ARG D 655 9.80 23.41 -22.61
N ARG D 656 10.30 24.35 -23.40
CA ARG D 656 10.07 24.30 -24.83
C ARG D 656 11.31 24.70 -25.63
N ARG D 657 11.50 24.05 -26.78
CA ARG D 657 12.63 24.35 -27.66
C ARG D 657 12.15 24.99 -28.95
N TYR D 658 12.89 26.01 -29.39
CA TYR D 658 12.56 26.72 -30.63
C TYR D 658 13.24 26.09 -31.83
N LEU D 659 12.44 25.52 -32.73
CA LEU D 659 12.96 25.03 -33.99
C LEU D 659 12.65 26.00 -35.11
N PRO D 660 13.65 26.78 -35.52
CA PRO D 660 13.55 27.76 -36.60
C PRO D 660 13.45 27.12 -37.99
N GLY D 661 14.20 26.05 -38.20
CA GLY D 661 14.44 25.51 -39.52
C GLY D 661 13.31 24.66 -40.06
N ILE D 662 12.32 24.39 -39.21
CA ILE D 662 11.20 23.56 -39.59
C ILE D 662 10.38 24.21 -40.70
N LYS D 663 10.43 25.54 -40.75
CA LYS D 663 9.60 26.28 -41.69
C LYS D 663 10.43 26.64 -42.94
N ASP D 664 11.71 26.27 -42.92
CA ASP D 664 12.66 26.61 -43.98
C ASP D 664 12.37 25.90 -45.30
N ASN D 665 12.74 26.55 -46.42
CA ASN D 665 12.49 26.01 -47.77
C ASN D 665 13.35 24.82 -48.19
N ASN D 666 14.63 24.87 -47.83
CA ASN D 666 15.58 23.80 -48.17
C ASN D 666 15.10 22.49 -47.55
N PRO D 667 14.93 21.46 -48.38
CA PRO D 667 14.42 20.14 -47.97
C PRO D 667 15.22 19.52 -46.84
N TYR D 668 16.52 19.77 -46.78
CA TYR D 668 17.34 19.14 -45.76
C TYR D 668 17.10 19.75 -44.39
N ARG D 669 17.09 21.08 -44.31
CA ARG D 669 16.85 21.75 -43.04
C ARG D 669 15.43 21.44 -42.55
N LYS D 670 14.50 21.33 -43.49
CA LYS D 670 13.11 20.99 -43.17
C LYS D 670 12.94 19.55 -42.68
N ALA D 671 13.61 18.61 -43.33
CA ALA D 671 13.53 17.21 -42.93
C ALA D 671 14.16 17.01 -41.56
N HIS D 672 15.38 17.55 -41.44
CA HIS D 672 16.13 17.49 -40.19
C HIS D 672 15.33 18.08 -39.06
N ALA D 673 14.66 19.19 -39.33
CA ALA D 673 13.83 19.83 -38.32
C ALA D 673 12.57 19.00 -38.01
N GLU D 674 12.02 18.33 -39.02
CA GLU D 674 10.87 17.45 -38.81
C GLU D 674 11.19 16.39 -37.78
N ARG D 675 12.30 15.69 -38.01
CA ARG D 675 12.74 14.68 -37.07
C ARG D 675 13.10 15.33 -35.73
N GLN D 676 13.68 16.52 -35.83
CA GLN D 676 14.23 17.22 -34.68
C GLN D 676 13.14 17.56 -33.67
N ALA D 677 11.95 17.88 -34.18
CA ALA D 677 10.80 18.15 -33.34
C ALA D 677 10.52 16.95 -32.46
N ILE D 678 10.49 15.78 -33.11
CA ILE D 678 10.20 14.52 -32.46
C ILE D 678 11.22 14.19 -31.36
N ASN D 679 12.48 14.10 -31.77
CA ASN D 679 13.52 13.69 -30.84
C ASN D 679 13.63 14.69 -29.69
N THR D 680 13.38 15.97 -29.99
CA THR D 680 13.47 17.00 -28.97
C THR D 680 12.40 16.78 -27.90
N ILE D 681 11.16 16.57 -28.32
CA ILE D 681 10.12 16.31 -27.32
C ILE D 681 10.43 15.07 -26.50
N VAL D 682 10.70 13.93 -27.16
CA VAL D 682 10.83 12.70 -26.37
C VAL D 682 12.09 12.67 -25.51
N GLN D 683 13.27 12.94 -26.08
CA GLN D 683 14.51 12.94 -25.30
C GLN D 683 14.50 14.02 -24.23
N GLY D 684 13.92 15.17 -24.59
CA GLY D 684 13.87 16.28 -23.68
C GLY D 684 13.09 15.88 -22.45
N SER D 685 11.87 15.40 -22.65
CA SER D 685 11.04 14.97 -21.53
C SER D 685 11.66 13.79 -20.76
N ALA D 686 12.39 12.94 -21.47
CA ALA D 686 13.11 11.83 -20.86
C ALA D 686 14.08 12.38 -19.83
N ALA D 687 14.90 13.33 -20.28
CA ALA D 687 15.89 14.01 -19.45
C ALA D 687 15.21 14.75 -18.29
N ASP D 688 13.99 15.23 -18.52
CA ASP D 688 13.22 15.90 -17.48
C ASP D 688 12.88 14.93 -16.36
N ILE D 689 12.34 13.78 -16.75
CA ILE D 689 12.05 12.72 -15.80
C ILE D 689 13.30 12.37 -15.01
N VAL D 690 14.41 12.21 -15.72
CA VAL D 690 15.69 11.88 -15.09
C VAL D 690 16.09 12.92 -14.05
N LYS D 691 16.03 14.20 -14.41
CA LYS D 691 16.33 15.27 -13.46
C LYS D 691 15.45 15.21 -12.22
N ILE D 692 14.14 15.06 -12.44
CA ILE D 692 13.18 15.01 -11.34
C ILE D 692 13.52 13.86 -10.41
N ALA D 693 13.85 12.71 -10.99
CA ALA D 693 14.27 11.55 -10.22
C ALA D 693 15.53 11.86 -9.42
N THR D 694 16.49 12.53 -10.05
CA THR D 694 17.73 12.89 -9.37
C THR D 694 17.47 13.79 -8.16
N VAL D 695 16.74 14.88 -8.35
CA VAL D 695 16.51 15.83 -7.26
C VAL D 695 15.63 15.22 -6.16
N ASN D 696 14.69 14.35 -6.55
CA ASN D 696 13.88 13.63 -5.57
C ASN D 696 14.77 12.80 -4.69
N ILE D 697 15.56 11.95 -5.34
CA ILE D 697 16.48 11.04 -4.65
C ILE D 697 17.39 11.82 -3.71
N GLN D 698 18.08 12.82 -4.23
CA GLN D 698 19.04 13.58 -3.44
C GLN D 698 18.37 14.31 -2.28
N LYS D 699 17.19 14.90 -2.53
CA LYS D 699 16.47 15.60 -1.47
C LYS D 699 16.05 14.66 -0.35
N GLN D 700 15.72 13.41 -0.67
CA GLN D 700 15.40 12.46 0.40
C GLN D 700 16.66 12.05 1.16
N LEU D 701 17.69 11.66 0.41
CA LEU D 701 18.98 11.25 0.96
C LEU D 701 19.54 12.29 1.92
N GLU D 702 19.25 13.55 1.64
CA GLU D 702 19.81 14.67 2.38
C GLU D 702 19.55 14.53 3.87
N THR D 703 18.30 14.72 4.27
CA THR D 703 17.94 14.67 5.67
C THR D 703 17.71 13.25 6.21
N PHE D 704 17.37 12.29 5.34
CA PHE D 704 16.96 10.98 5.85
C PHE D 704 18.11 10.25 6.57
N HIS D 705 19.29 10.25 5.96
CA HIS D 705 20.49 9.76 6.64
C HIS D 705 21.25 10.88 7.31
N SER D 706 21.46 10.79 8.61
CA SER D 706 22.23 11.85 9.25
C SER D 706 23.67 11.40 9.36
N THR D 707 24.46 11.79 8.37
CA THR D 707 25.91 11.78 8.46
C THR D 707 26.42 13.12 7.91
N PHE D 708 26.51 13.18 6.58
CA PHE D 708 26.75 14.40 5.83
C PHE D 708 26.70 14.08 4.32
N LYS D 709 27.12 15.05 3.52
CA LYS D 709 26.75 15.18 2.12
C LYS D 709 27.64 14.48 1.08
N SER D 710 28.86 14.97 0.87
CA SER D 710 29.70 14.43 -0.20
C SER D 710 31.19 14.63 0.06
N HIS D 711 32.01 13.93 -0.72
CA HIS D 711 33.46 13.85 -0.49
C HIS D 711 34.18 15.18 -0.32
N GLY D 712 33.65 16.25 -0.90
CA GLY D 712 34.24 17.56 -0.72
C GLY D 712 34.14 18.03 0.73
N HIS D 713 33.05 17.64 1.38
CA HIS D 713 32.73 18.09 2.73
C HIS D 713 33.71 17.61 3.79
N ARG D 714 34.43 16.52 3.51
CA ARG D 714 35.56 16.09 4.33
C ARG D 714 36.67 17.15 4.35
N GLU D 715 37.06 17.59 3.16
CA GLU D 715 38.10 18.61 3.00
C GLU D 715 37.59 19.87 3.69
N GLY D 716 36.28 20.07 3.56
CA GLY D 716 35.61 21.13 4.28
C GLY D 716 35.77 20.97 5.79
N MET D 717 35.81 19.73 6.27
CA MET D 717 36.06 19.48 7.68
C MET D 717 37.49 19.85 8.07
N LEU D 718 38.47 19.54 7.23
CA LEU D 718 39.84 19.94 7.59
C LEU D 718 39.96 21.47 7.61
N GLN D 719 39.29 22.15 6.69
CA GLN D 719 39.38 23.61 6.69
C GLN D 719 38.50 24.25 7.77
N SER D 720 37.58 23.48 8.33
CA SER D 720 36.66 23.99 9.34
C SER D 720 37.28 24.12 10.74
N ASP D 721 38.35 23.38 11.00
CA ASP D 721 39.10 23.55 12.24
C ASP D 721 39.79 24.91 12.29
N CYS D 736 37.34 8.91 12.04
CA CYS D 736 35.99 8.99 11.48
C CYS D 736 35.67 7.79 10.59
N PRO D 737 34.37 7.45 10.47
CA PRO D 737 33.92 6.29 9.68
C PRO D 737 33.57 6.66 8.25
N ILE D 738 33.16 5.68 7.46
CA ILE D 738 32.64 5.92 6.12
C ILE D 738 31.30 5.22 5.91
N ARG D 739 30.23 6.00 5.79
CA ARG D 739 28.90 5.44 5.58
C ARG D 739 28.05 6.36 4.73
N GLY D 740 27.25 5.76 3.85
CA GLY D 740 26.38 6.53 2.98
C GLY D 740 26.30 5.88 1.62
N GLY D 741 25.87 6.65 0.65
CA GLY D 741 26.11 6.34 -0.74
C GLY D 741 26.12 7.66 -1.45
N PHE D 742 26.88 7.78 -2.53
CA PHE D 742 27.15 9.10 -3.09
C PHE D 742 26.89 9.20 -4.58
N PHE D 743 26.39 10.36 -5.01
CA PHE D 743 26.10 10.63 -6.43
C PHE D 743 27.41 10.68 -7.20
N ILE D 744 27.42 9.99 -8.34
CA ILE D 744 28.64 9.84 -9.14
C ILE D 744 28.43 10.33 -10.56
N LEU D 745 27.44 9.76 -11.24
CA LEU D 745 27.32 10.05 -12.66
C LEU D 745 25.91 9.86 -13.20
N GLN D 746 25.64 10.41 -14.39
CA GLN D 746 24.46 10.02 -15.14
C GLN D 746 24.81 9.68 -16.62
N LEU D 747 24.40 8.47 -17.01
CA LEU D 747 24.48 7.94 -18.38
C LEU D 747 23.20 8.22 -19.15
N HIS D 748 22.48 9.21 -18.62
CA HIS D 748 21.31 9.87 -19.16
C HIS D 748 20.04 9.13 -18.84
N ASP D 749 20.05 7.80 -18.85
CA ASP D 749 18.95 7.04 -18.27
C ASP D 749 19.40 6.19 -17.10
N GLU D 750 20.71 6.15 -16.90
CA GLU D 750 21.31 5.42 -15.80
C GLU D 750 21.69 6.43 -14.75
N LEU D 751 21.43 6.13 -13.49
CA LEU D 751 21.84 7.00 -12.40
C LEU D 751 22.88 6.22 -11.60
N LEU D 752 24.05 6.83 -11.46
CA LEU D 752 25.23 6.11 -11.00
C LEU D 752 25.68 6.58 -9.62
N TYR D 753 25.59 5.66 -8.65
CA TYR D 753 25.94 5.90 -7.24
C TYR D 753 27.01 4.91 -6.76
N GLU D 754 27.85 5.33 -5.83
CA GLU D 754 28.60 4.37 -5.01
C GLU D 754 28.05 4.45 -3.61
N VAL D 755 27.99 3.30 -2.95
CA VAL D 755 27.37 3.21 -1.64
C VAL D 755 28.10 2.21 -0.77
N ALA D 756 28.31 2.55 0.50
CA ALA D 756 28.97 1.65 1.42
C ALA D 756 28.20 0.33 1.42
N GLU D 757 28.89 -0.81 1.58
CA GLU D 757 28.09 -2.02 1.50
C GLU D 757 27.57 -2.13 2.90
N GLU D 758 26.46 -1.41 3.10
CA GLU D 758 25.68 -1.36 4.32
C GLU D 758 24.23 -1.14 3.96
N ASP D 759 23.99 0.09 3.48
CA ASP D 759 22.67 0.67 3.27
C ASP D 759 22.16 0.30 1.90
N VAL D 760 22.97 -0.50 1.20
CA VAL D 760 22.77 -0.79 -0.22
C VAL D 760 21.34 -1.22 -0.54
N VAL D 761 20.70 -1.92 0.39
CA VAL D 761 19.32 -2.34 0.19
C VAL D 761 18.39 -1.13 0.33
N GLN D 762 18.57 -0.36 1.42
CA GLN D 762 17.83 0.88 1.62
C GLN D 762 18.04 1.83 0.45
N VAL D 763 19.31 2.09 0.14
CA VAL D 763 19.69 2.96 -0.98
C VAL D 763 18.99 2.55 -2.25
N ALA D 764 19.09 1.27 -2.59
CA ALA D 764 18.49 0.74 -3.81
C ALA D 764 16.99 0.99 -3.85
N GLN D 765 16.29 0.60 -2.78
CA GLN D 765 14.84 0.75 -2.81
C GLN D 765 14.42 2.22 -2.88
N ILE D 766 15.24 3.09 -2.30
CA ILE D 766 15.00 4.54 -2.41
C ILE D 766 15.16 5.02 -3.86
N VAL D 767 16.20 4.55 -4.53
CA VAL D 767 16.47 4.93 -5.92
C VAL D 767 15.34 4.46 -6.85
N LYS D 768 15.03 3.17 -6.78
CA LYS D 768 13.92 2.59 -7.53
C LYS D 768 12.65 3.41 -7.29
N ASN D 769 12.36 3.64 -6.02
CA ASN D 769 11.15 4.35 -5.63
C ASN D 769 11.05 5.73 -6.27
N GLU D 770 12.07 6.56 -6.10
CA GLU D 770 11.96 7.91 -6.64
C GLU D 770 12.04 7.96 -8.17
N MET D 771 12.75 7.01 -8.78
CA MET D 771 12.79 6.95 -10.24
C MET D 771 11.43 6.58 -10.86
N GLU D 772 10.68 5.70 -10.19
CA GLU D 772 9.34 5.39 -10.68
C GLU D 772 8.31 6.42 -10.20
N SER D 773 8.64 7.14 -9.14
CA SER D 773 7.72 8.10 -8.53
C SER D 773 7.90 9.51 -9.05
N ALA D 774 8.73 9.66 -10.09
CA ALA D 774 8.97 10.97 -10.67
C ALA D 774 7.64 11.63 -10.97
N VAL D 775 6.97 11.12 -11.99
CA VAL D 775 5.58 11.44 -12.26
C VAL D 775 4.91 10.23 -12.89
N LYS D 776 3.65 9.98 -12.52
CA LYS D 776 2.91 8.87 -13.09
C LYS D 776 2.40 9.19 -14.49
N LEU D 777 2.24 8.16 -15.31
CA LEU D 777 1.86 8.36 -16.71
C LEU D 777 1.20 7.10 -17.27
N SER D 778 1.02 7.07 -18.60
CA SER D 778 0.23 6.03 -19.28
C SER D 778 0.64 4.60 -18.94
N VAL D 779 1.91 4.43 -18.59
CA VAL D 779 2.44 3.15 -18.15
C VAL D 779 3.36 3.33 -16.96
N LYS D 780 3.60 2.23 -16.26
CA LYS D 780 4.57 2.21 -15.19
C LYS D 780 5.96 2.12 -15.80
N LEU D 781 6.94 2.67 -15.11
CA LEU D 781 8.30 2.65 -15.61
C LEU D 781 9.10 1.59 -14.88
N LYS D 782 9.38 0.47 -15.52
CA LYS D 782 10.17 -0.54 -14.84
C LYS D 782 11.60 -0.05 -14.86
N VAL D 783 12.30 -0.29 -13.76
CA VAL D 783 13.68 0.13 -13.62
C VAL D 783 14.55 -1.07 -13.28
N LYS D 784 15.45 -1.42 -14.20
CA LYS D 784 16.44 -2.46 -13.92
C LYS D 784 17.54 -1.86 -13.05
N VAL D 785 17.87 -2.52 -11.95
CA VAL D 785 18.92 -1.98 -11.10
C VAL D 785 20.10 -2.92 -10.92
N LYS D 786 21.19 -2.61 -11.61
CA LYS D 786 22.40 -3.40 -11.51
C LYS D 786 23.19 -2.96 -10.28
N ILE D 787 23.99 -3.88 -9.75
CA ILE D 787 24.75 -3.61 -8.55
C ILE D 787 26.02 -4.45 -8.54
N GLY D 788 27.04 -3.98 -7.85
CA GLY D 788 28.19 -4.82 -7.62
C GLY D 788 29.45 -4.02 -7.50
N ALA D 789 30.54 -4.73 -7.24
CA ALA D 789 31.85 -4.14 -7.21
C ALA D 789 32.23 -3.71 -8.62
N SER D 790 33.01 -2.62 -8.68
CA SER D 790 33.50 -2.01 -9.91
C SER D 790 32.44 -1.63 -10.97
N TRP D 791 32.84 -1.69 -12.24
CA TRP D 791 32.00 -1.29 -13.39
C TRP D 791 31.47 -2.44 -14.23
N GLY D 792 31.56 -3.67 -13.75
CA GLY D 792 30.85 -4.70 -14.47
C GLY D 792 30.26 -5.56 -13.41
N GLU D 793 29.05 -6.04 -13.69
CA GLU D 793 28.06 -6.14 -12.64
C GLU D 793 26.92 -7.11 -12.88
N LEU D 794 26.22 -7.37 -11.78
CA LEU D 794 25.08 -8.26 -11.77
C LEU D 794 23.86 -7.52 -11.19
N LYS D 795 22.66 -7.98 -11.53
CA LYS D 795 21.42 -7.33 -11.08
C LYS D 795 20.35 -8.32 -10.62
N ASP D 796 20.01 -8.29 -9.33
CA ASP D 796 18.79 -8.95 -8.88
C ASP D 796 18.24 -8.41 -7.56
N PHE D 797 16.91 -8.34 -7.46
CA PHE D 797 16.19 -8.01 -6.21
C PHE D 797 14.77 -8.61 -6.20
N ASP D 798 14.24 -8.92 -5.03
CA ASP D 798 13.02 -9.73 -4.94
C ASP D 798 11.87 -9.12 -4.12
N VAL D 799 10.62 -9.48 -4.48
CA VAL D 799 9.45 -9.05 -3.71
C VAL D 799 8.55 -10.24 -3.38
#